data_1CSK
# 
_entry.id   1CSK 
# 
_audit_conform.dict_name       mmcif_pdbx.dic 
_audit_conform.dict_version    5.385 
_audit_conform.dict_location   http://mmcif.pdb.org/dictionaries/ascii/mmcif_pdbx.dic 
# 
loop_
_database_2.database_id 
_database_2.database_code 
_database_2.pdbx_database_accession 
_database_2.pdbx_DOI 
PDB   1CSK         pdb_00001csk 10.2210/pdb1csk/pdb 
WWPDB D_1000172500 ?            ?                   
# 
loop_
_pdbx_audit_revision_history.ordinal 
_pdbx_audit_revision_history.data_content_type 
_pdbx_audit_revision_history.major_revision 
_pdbx_audit_revision_history.minor_revision 
_pdbx_audit_revision_history.revision_date 
1 'Structure model' 1 0 1994-07-31 
2 'Structure model' 1 1 2008-03-24 
3 'Structure model' 1 2 2011-07-13 
4 'Structure model' 1 3 2024-02-07 
# 
_pdbx_audit_revision_details.ordinal             1 
_pdbx_audit_revision_details.revision_ordinal    1 
_pdbx_audit_revision_details.data_content_type   'Structure model' 
_pdbx_audit_revision_details.provider            repository 
_pdbx_audit_revision_details.type                'Initial release' 
_pdbx_audit_revision_details.description         ? 
_pdbx_audit_revision_details.details             ? 
# 
loop_
_pdbx_audit_revision_group.ordinal 
_pdbx_audit_revision_group.revision_ordinal 
_pdbx_audit_revision_group.data_content_type 
_pdbx_audit_revision_group.group 
1 2 'Structure model' 'Version format compliance' 
2 3 'Structure model' 'Version format compliance' 
3 4 'Structure model' 'Data collection'           
4 4 'Structure model' 'Database references'       
5 4 'Structure model' Other                       
# 
loop_
_pdbx_audit_revision_category.ordinal 
_pdbx_audit_revision_category.revision_ordinal 
_pdbx_audit_revision_category.data_content_type 
_pdbx_audit_revision_category.category 
1 4 'Structure model' chem_comp_atom       
2 4 'Structure model' chem_comp_bond       
3 4 'Structure model' database_2           
4 4 'Structure model' pdbx_database_status 
# 
loop_
_pdbx_audit_revision_item.ordinal 
_pdbx_audit_revision_item.revision_ordinal 
_pdbx_audit_revision_item.data_content_type 
_pdbx_audit_revision_item.item 
1 4 'Structure model' '_database_2.pdbx_DOI'                
2 4 'Structure model' '_database_2.pdbx_database_accession' 
3 4 'Structure model' '_pdbx_database_status.process_site'  
# 
_pdbx_database_status.status_code                     REL 
_pdbx_database_status.entry_id                        1CSK 
_pdbx_database_status.recvd_initial_deposition_date   1994-03-22 
_pdbx_database_status.deposit_site                    ? 
_pdbx_database_status.process_site                    BNL 
_pdbx_database_status.SG_entry                        . 
_pdbx_database_status.pdb_format_compatible           Y 
_pdbx_database_status.status_code_mr                  ? 
_pdbx_database_status.status_code_sf                  ? 
_pdbx_database_status.status_code_cs                  ? 
_pdbx_database_status.status_code_nmr_data            ? 
_pdbx_database_status.methods_development_category    ? 
# 
loop_
_audit_author.name 
_audit_author.pdbx_ordinal 
'Mathieu, M.'    1 
'Wierenga, R.K.' 2 
# 
_citation.id                        primary 
_citation.title                     'The crystal structure of human CskSH3: structural diversity near the RT-Src and n-Src loop.' 
_citation.journal_abbrev            'FEBS Lett.' 
_citation.journal_volume            341 
_citation.page_first                79 
_citation.page_last                 85 
_citation.year                      1994 
_citation.journal_id_ASTM           FEBLAL 
_citation.country                   NE 
_citation.journal_id_ISSN           0014-5793 
_citation.journal_id_CSD            0165 
_citation.book_publisher            ? 
_citation.pdbx_database_id_PubMed   7511113 
_citation.pdbx_database_id_DOI      '10.1016/0014-5793(94)80244-0' 
# 
loop_
_citation_author.citation_id 
_citation_author.name 
_citation_author.ordinal 
_citation_author.identifier_ORCID 
primary 'Borchert, T.V.'    1 ? 
primary 'Mathieu, M.'       2 ? 
primary 'Zeelen, J.P.'      3 ? 
primary 'Courtneidge, S.A.' 4 ? 
primary 'Wierenga, R.K.'    5 ? 
# 
loop_
_entity.id 
_entity.type 
_entity.src_method 
_entity.pdbx_description 
_entity.formula_weight 
_entity.pdbx_number_of_molecules 
_entity.pdbx_ec 
_entity.pdbx_mutation 
_entity.pdbx_fragment 
_entity.details 
1 polymer man 'C-SRC SH3 DOMAIN' 7851.946 4 2.7.1.112 ? ? ? 
2 water   nat water              18.015   8 ?         ? ? ? 
# 
_entity_poly.entity_id                      1 
_entity_poly.type                           'polypeptide(L)' 
_entity_poly.nstd_linkage                   no 
_entity_poly.nstd_monomer                   no 
_entity_poly.pdbx_seq_one_letter_code       MSAIQASWPSGTECIAKYNFHGTAEQDLPFCKGDVLTIVAVTKDPNWYKAKNKVGREGIIPANYVQKREGV 
_entity_poly.pdbx_seq_one_letter_code_can   MSAIQASWPSGTECIAKYNFHGTAEQDLPFCKGDVLTIVAVTKDPNWYKAKNKVGREGIIPANYVQKREGV 
_entity_poly.pdbx_strand_id                 A,B,C,D 
_entity_poly.pdbx_target_identifier         ? 
# 
_pdbx_entity_nonpoly.entity_id   2 
_pdbx_entity_nonpoly.name        water 
_pdbx_entity_nonpoly.comp_id     HOH 
# 
loop_
_entity_poly_seq.entity_id 
_entity_poly_seq.num 
_entity_poly_seq.mon_id 
_entity_poly_seq.hetero 
1 1  MET n 
1 2  SER n 
1 3  ALA n 
1 4  ILE n 
1 5  GLN n 
1 6  ALA n 
1 7  SER n 
1 8  TRP n 
1 9  PRO n 
1 10 SER n 
1 11 GLY n 
1 12 THR n 
1 13 GLU n 
1 14 CYS n 
1 15 ILE n 
1 16 ALA n 
1 17 LYS n 
1 18 TYR n 
1 19 ASN n 
1 20 PHE n 
1 21 HIS n 
1 22 GLY n 
1 23 THR n 
1 24 ALA n 
1 25 GLU n 
1 26 GLN n 
1 27 ASP n 
1 28 LEU n 
1 29 PRO n 
1 30 PHE n 
1 31 CYS n 
1 32 LYS n 
1 33 GLY n 
1 34 ASP n 
1 35 VAL n 
1 36 LEU n 
1 37 THR n 
1 38 ILE n 
1 39 VAL n 
1 40 ALA n 
1 41 VAL n 
1 42 THR n 
1 43 LYS n 
1 44 ASP n 
1 45 PRO n 
1 46 ASN n 
1 47 TRP n 
1 48 TYR n 
1 49 LYS n 
1 50 ALA n 
1 51 LYS n 
1 52 ASN n 
1 53 LYS n 
1 54 VAL n 
1 55 GLY n 
1 56 ARG n 
1 57 GLU n 
1 58 GLY n 
1 59 ILE n 
1 60 ILE n 
1 61 PRO n 
1 62 ALA n 
1 63 ASN n 
1 64 TYR n 
1 65 VAL n 
1 66 GLN n 
1 67 LYS n 
1 68 ARG n 
1 69 GLU n 
1 70 GLY n 
1 71 VAL n 
# 
_entity_src_gen.entity_id                          1 
_entity_src_gen.pdbx_src_id                        1 
_entity_src_gen.pdbx_alt_source_flag               sample 
_entity_src_gen.pdbx_seq_type                      ? 
_entity_src_gen.pdbx_beg_seq_num                   ? 
_entity_src_gen.pdbx_end_seq_num                   ? 
_entity_src_gen.gene_src_common_name               human 
_entity_src_gen.gene_src_genus                     Homo 
_entity_src_gen.pdbx_gene_src_gene                 ? 
_entity_src_gen.gene_src_species                   ? 
_entity_src_gen.gene_src_strain                    ? 
_entity_src_gen.gene_src_tissue                    ? 
_entity_src_gen.gene_src_tissue_fraction           ? 
_entity_src_gen.gene_src_details                   ? 
_entity_src_gen.pdbx_gene_src_fragment             ? 
_entity_src_gen.pdbx_gene_src_scientific_name      'Homo sapiens' 
_entity_src_gen.pdbx_gene_src_ncbi_taxonomy_id     9606 
_entity_src_gen.pdbx_gene_src_variant              ? 
_entity_src_gen.pdbx_gene_src_cell_line            ? 
_entity_src_gen.pdbx_gene_src_atcc                 ? 
_entity_src_gen.pdbx_gene_src_organ                ? 
_entity_src_gen.pdbx_gene_src_organelle            ? 
_entity_src_gen.pdbx_gene_src_cell                 ? 
_entity_src_gen.pdbx_gene_src_cellular_location    ? 
_entity_src_gen.host_org_common_name               ? 
_entity_src_gen.pdbx_host_org_scientific_name      ? 
_entity_src_gen.pdbx_host_org_ncbi_taxonomy_id     ? 
_entity_src_gen.host_org_genus                     ? 
_entity_src_gen.pdbx_host_org_gene                 ? 
_entity_src_gen.pdbx_host_org_organ                ? 
_entity_src_gen.host_org_species                   ? 
_entity_src_gen.pdbx_host_org_tissue               ? 
_entity_src_gen.pdbx_host_org_tissue_fraction      ? 
_entity_src_gen.pdbx_host_org_strain               ? 
_entity_src_gen.pdbx_host_org_variant              ? 
_entity_src_gen.pdbx_host_org_cell_line            ? 
_entity_src_gen.pdbx_host_org_atcc                 ? 
_entity_src_gen.pdbx_host_org_culture_collection   ? 
_entity_src_gen.pdbx_host_org_cell                 ? 
_entity_src_gen.pdbx_host_org_organelle            ? 
_entity_src_gen.pdbx_host_org_cellular_location    ? 
_entity_src_gen.pdbx_host_org_vector_type          ? 
_entity_src_gen.pdbx_host_org_vector               ? 
_entity_src_gen.host_org_details                   ? 
_entity_src_gen.expression_system_id               ? 
_entity_src_gen.plasmid_name                       ? 
_entity_src_gen.plasmid_details                    ? 
_entity_src_gen.pdbx_description                   ? 
# 
loop_
_chem_comp.id 
_chem_comp.type 
_chem_comp.mon_nstd_flag 
_chem_comp.name 
_chem_comp.pdbx_synonyms 
_chem_comp.formula 
_chem_comp.formula_weight 
ALA 'L-peptide linking' y ALANINE         ? 'C3 H7 N O2'     89.093  
ARG 'L-peptide linking' y ARGININE        ? 'C6 H15 N4 O2 1' 175.209 
ASN 'L-peptide linking' y ASPARAGINE      ? 'C4 H8 N2 O3'    132.118 
ASP 'L-peptide linking' y 'ASPARTIC ACID' ? 'C4 H7 N O4'     133.103 
CYS 'L-peptide linking' y CYSTEINE        ? 'C3 H7 N O2 S'   121.158 
GLN 'L-peptide linking' y GLUTAMINE       ? 'C5 H10 N2 O3'   146.144 
GLU 'L-peptide linking' y 'GLUTAMIC ACID' ? 'C5 H9 N O4'     147.129 
GLY 'peptide linking'   y GLYCINE         ? 'C2 H5 N O2'     75.067  
HIS 'L-peptide linking' y HISTIDINE       ? 'C6 H10 N3 O2 1' 156.162 
HOH non-polymer         . WATER           ? 'H2 O'           18.015  
ILE 'L-peptide linking' y ISOLEUCINE      ? 'C6 H13 N O2'    131.173 
LEU 'L-peptide linking' y LEUCINE         ? 'C6 H13 N O2'    131.173 
LYS 'L-peptide linking' y LYSINE          ? 'C6 H15 N2 O2 1' 147.195 
MET 'L-peptide linking' y METHIONINE      ? 'C5 H11 N O2 S'  149.211 
PHE 'L-peptide linking' y PHENYLALANINE   ? 'C9 H11 N O2'    165.189 
PRO 'L-peptide linking' y PROLINE         ? 'C5 H9 N O2'     115.130 
SER 'L-peptide linking' y SERINE          ? 'C3 H7 N O3'     105.093 
THR 'L-peptide linking' y THREONINE       ? 'C4 H9 N O3'     119.119 
TRP 'L-peptide linking' y TRYPTOPHAN      ? 'C11 H12 N2 O2'  204.225 
TYR 'L-peptide linking' y TYROSINE        ? 'C9 H11 N O3'    181.189 
VAL 'L-peptide linking' y VALINE          ? 'C5 H11 N O2'    117.146 
# 
loop_
_pdbx_poly_seq_scheme.asym_id 
_pdbx_poly_seq_scheme.entity_id 
_pdbx_poly_seq_scheme.seq_id 
_pdbx_poly_seq_scheme.mon_id 
_pdbx_poly_seq_scheme.ndb_seq_num 
_pdbx_poly_seq_scheme.pdb_seq_num 
_pdbx_poly_seq_scheme.auth_seq_num 
_pdbx_poly_seq_scheme.pdb_mon_id 
_pdbx_poly_seq_scheme.auth_mon_id 
_pdbx_poly_seq_scheme.pdb_strand_id 
_pdbx_poly_seq_scheme.pdb_ins_code 
_pdbx_poly_seq_scheme.hetero 
A 1 1  MET 1  1  ?  ?   ?   A . n 
A 1 2  SER 2  2  ?  ?   ?   A . n 
A 1 3  ALA 3  3  ?  ?   ?   A . n 
A 1 4  ILE 4  4  ?  ?   ?   A . n 
A 1 5  GLN 5  5  ?  ?   ?   A . n 
A 1 6  ALA 6  6  ?  ?   ?   A . n 
A 1 7  SER 7  7  ?  ?   ?   A . n 
A 1 8  TRP 8  8  ?  ?   ?   A . n 
A 1 9  PRO 9  9  ?  ?   ?   A . n 
A 1 10 SER 10 10 ?  ?   ?   A . n 
A 1 11 GLY 11 11 11 GLY GLY A . n 
A 1 12 THR 12 12 12 THR THR A . n 
A 1 13 GLU 13 13 13 GLU GLU A . n 
A 1 14 CYS 14 14 14 CYS CYS A . n 
A 1 15 ILE 15 15 15 ILE ILE A . n 
A 1 16 ALA 16 16 16 ALA ALA A . n 
A 1 17 LYS 17 17 17 LYS LYS A . n 
A 1 18 TYR 18 18 18 TYR TYR A . n 
A 1 19 ASN 19 19 19 ASN ASN A . n 
A 1 20 PHE 20 20 20 PHE PHE A . n 
A 1 21 HIS 21 21 21 HIS HIS A . n 
A 1 22 GLY 22 22 22 GLY GLY A . n 
A 1 23 THR 23 23 23 THR THR A . n 
A 1 24 ALA 24 24 24 ALA ALA A . n 
A 1 25 GLU 25 25 25 GLU GLU A . n 
A 1 26 GLN 26 26 26 GLN GLN A . n 
A 1 27 ASP 27 27 27 ASP ASP A . n 
A 1 28 LEU 28 28 28 LEU LEU A . n 
A 1 29 PRO 29 29 29 PRO PRO A . n 
A 1 30 PHE 30 30 30 PHE PHE A . n 
A 1 31 CYS 31 31 31 CYS CYS A . n 
A 1 32 LYS 32 32 32 LYS LYS A . n 
A 1 33 GLY 33 33 33 GLY GLY A . n 
A 1 34 ASP 34 34 34 ASP ASP A . n 
A 1 35 VAL 35 35 35 VAL VAL A . n 
A 1 36 LEU 36 36 36 LEU LEU A . n 
A 1 37 THR 37 37 37 THR THR A . n 
A 1 38 ILE 38 38 38 ILE ILE A . n 
A 1 39 VAL 39 39 39 VAL VAL A . n 
A 1 40 ALA 40 40 40 ALA ALA A . n 
A 1 41 VAL 41 41 41 VAL VAL A . n 
A 1 42 THR 42 42 42 THR THR A . n 
A 1 43 LYS 43 43 43 LYS LYS A . n 
A 1 44 ASP 44 44 44 ASP ASP A . n 
A 1 45 PRO 45 45 45 PRO PRO A . n 
A 1 46 ASN 46 46 46 ASN ASN A . n 
A 1 47 TRP 47 47 47 TRP TRP A . n 
A 1 48 TYR 48 48 48 TYR TYR A . n 
A 1 49 LYS 49 49 49 LYS LYS A . n 
A 1 50 ALA 50 50 50 ALA ALA A . n 
A 1 51 LYS 51 51 51 LYS LYS A . n 
A 1 52 ASN 52 52 52 ASN ASN A . n 
A 1 53 LYS 53 53 53 LYS LYS A . n 
A 1 54 VAL 54 54 54 VAL VAL A . n 
A 1 55 GLY 55 55 55 GLY GLY A . n 
A 1 56 ARG 56 56 56 ARG ARG A . n 
A 1 57 GLU 57 57 57 GLU GLU A . n 
A 1 58 GLY 58 58 58 GLY GLY A . n 
A 1 59 ILE 59 59 59 ILE ILE A . n 
A 1 60 ILE 60 60 60 ILE ILE A . n 
A 1 61 PRO 61 61 61 PRO PRO A . n 
A 1 62 ALA 62 62 62 ALA ALA A . n 
A 1 63 ASN 63 63 63 ASN ASN A . n 
A 1 64 TYR 64 64 64 TYR TYR A . n 
A 1 65 VAL 65 65 65 VAL VAL A . n 
A 1 66 GLN 66 66 66 GLN GLN A . n 
A 1 67 LYS 67 67 67 LYS LYS A . n 
A 1 68 ARG 68 68 68 ARG ARG A . n 
A 1 69 GLU 69 69 ?  ?   ?   A . n 
A 1 70 GLY 70 70 ?  ?   ?   A . n 
A 1 71 VAL 71 71 ?  ?   ?   A . n 
B 1 1  MET 1  1  ?  ?   ?   B . n 
B 1 2  SER 2  2  ?  ?   ?   B . n 
B 1 3  ALA 3  3  ?  ?   ?   B . n 
B 1 4  ILE 4  4  ?  ?   ?   B . n 
B 1 5  GLN 5  5  ?  ?   ?   B . n 
B 1 6  ALA 6  6  ?  ?   ?   B . n 
B 1 7  SER 7  7  ?  ?   ?   B . n 
B 1 8  TRP 8  8  ?  ?   ?   B . n 
B 1 9  PRO 9  9  ?  ?   ?   B . n 
B 1 10 SER 10 10 ?  ?   ?   B . n 
B 1 11 GLY 11 11 11 GLY GLY B . n 
B 1 12 THR 12 12 12 THR THR B . n 
B 1 13 GLU 13 13 13 GLU GLU B . n 
B 1 14 CYS 14 14 14 CYS CYS B . n 
B 1 15 ILE 15 15 15 ILE ILE B . n 
B 1 16 ALA 16 16 16 ALA ALA B . n 
B 1 17 LYS 17 17 17 LYS LYS B . n 
B 1 18 TYR 18 18 18 TYR TYR B . n 
B 1 19 ASN 19 19 19 ASN ASN B . n 
B 1 20 PHE 20 20 20 PHE PHE B . n 
B 1 21 HIS 21 21 21 HIS HIS B . n 
B 1 22 GLY 22 22 22 GLY GLY B . n 
B 1 23 THR 23 23 23 THR THR B . n 
B 1 24 ALA 24 24 24 ALA ALA B . n 
B 1 25 GLU 25 25 25 GLU GLU B . n 
B 1 26 GLN 26 26 26 GLN GLN B . n 
B 1 27 ASP 27 27 27 ASP ASP B . n 
B 1 28 LEU 28 28 28 LEU LEU B . n 
B 1 29 PRO 29 29 29 PRO PRO B . n 
B 1 30 PHE 30 30 30 PHE PHE B . n 
B 1 31 CYS 31 31 31 CYS CYS B . n 
B 1 32 LYS 32 32 32 LYS LYS B . n 
B 1 33 GLY 33 33 33 GLY GLY B . n 
B 1 34 ASP 34 34 34 ASP ASP B . n 
B 1 35 VAL 35 35 35 VAL VAL B . n 
B 1 36 LEU 36 36 36 LEU LEU B . n 
B 1 37 THR 37 37 37 THR THR B . n 
B 1 38 ILE 38 38 38 ILE ILE B . n 
B 1 39 VAL 39 39 39 VAL VAL B . n 
B 1 40 ALA 40 40 40 ALA ALA B . n 
B 1 41 VAL 41 41 41 VAL VAL B . n 
B 1 42 THR 42 42 42 THR THR B . n 
B 1 43 LYS 43 43 43 LYS LYS B . n 
B 1 44 ASP 44 44 44 ASP ASP B . n 
B 1 45 PRO 45 45 45 PRO PRO B . n 
B 1 46 ASN 46 46 46 ASN ASN B . n 
B 1 47 TRP 47 47 47 TRP TRP B . n 
B 1 48 TYR 48 48 48 TYR TYR B . n 
B 1 49 LYS 49 49 49 LYS LYS B . n 
B 1 50 ALA 50 50 50 ALA ALA B . n 
B 1 51 LYS 51 51 51 LYS LYS B . n 
B 1 52 ASN 52 52 52 ASN ASN B . n 
B 1 53 LYS 53 53 53 LYS LYS B . n 
B 1 54 VAL 54 54 54 VAL VAL B . n 
B 1 55 GLY 55 55 55 GLY GLY B . n 
B 1 56 ARG 56 56 56 ARG ARG B . n 
B 1 57 GLU 57 57 57 GLU GLU B . n 
B 1 58 GLY 58 58 58 GLY GLY B . n 
B 1 59 ILE 59 59 59 ILE ILE B . n 
B 1 60 ILE 60 60 60 ILE ILE B . n 
B 1 61 PRO 61 61 61 PRO PRO B . n 
B 1 62 ALA 62 62 62 ALA ALA B . n 
B 1 63 ASN 63 63 63 ASN ASN B . n 
B 1 64 TYR 64 64 64 TYR TYR B . n 
B 1 65 VAL 65 65 65 VAL VAL B . n 
B 1 66 GLN 66 66 66 GLN GLN B . n 
B 1 67 LYS 67 67 67 LYS LYS B . n 
B 1 68 ARG 68 68 68 ARG ARG B . n 
B 1 69 GLU 69 69 ?  ?   ?   B . n 
B 1 70 GLY 70 70 ?  ?   ?   B . n 
B 1 71 VAL 71 71 ?  ?   ?   B . n 
C 1 1  MET 1  1  ?  ?   ?   C . n 
C 1 2  SER 2  2  ?  ?   ?   C . n 
C 1 3  ALA 3  3  ?  ?   ?   C . n 
C 1 4  ILE 4  4  ?  ?   ?   C . n 
C 1 5  GLN 5  5  ?  ?   ?   C . n 
C 1 6  ALA 6  6  ?  ?   ?   C . n 
C 1 7  SER 7  7  ?  ?   ?   C . n 
C 1 8  TRP 8  8  ?  ?   ?   C . n 
C 1 9  PRO 9  9  ?  ?   ?   C . n 
C 1 10 SER 10 10 ?  ?   ?   C . n 
C 1 11 GLY 11 11 11 GLY GLY C . n 
C 1 12 THR 12 12 12 THR THR C . n 
C 1 13 GLU 13 13 13 GLU GLU C . n 
C 1 14 CYS 14 14 14 CYS CYS C . n 
C 1 15 ILE 15 15 15 ILE ILE C . n 
C 1 16 ALA 16 16 16 ALA ALA C . n 
C 1 17 LYS 17 17 17 LYS LYS C . n 
C 1 18 TYR 18 18 18 TYR TYR C . n 
C 1 19 ASN 19 19 19 ASN ASN C . n 
C 1 20 PHE 20 20 20 PHE PHE C . n 
C 1 21 HIS 21 21 21 HIS HIS C . n 
C 1 22 GLY 22 22 22 GLY GLY C . n 
C 1 23 THR 23 23 23 THR THR C . n 
C 1 24 ALA 24 24 24 ALA ALA C . n 
C 1 25 GLU 25 25 25 GLU GLU C . n 
C 1 26 GLN 26 26 26 GLN GLN C . n 
C 1 27 ASP 27 27 27 ASP ASP C . n 
C 1 28 LEU 28 28 28 LEU LEU C . n 
C 1 29 PRO 29 29 29 PRO PRO C . n 
C 1 30 PHE 30 30 30 PHE PHE C . n 
C 1 31 CYS 31 31 31 CYS CYS C . n 
C 1 32 LYS 32 32 32 LYS LYS C . n 
C 1 33 GLY 33 33 33 GLY GLY C . n 
C 1 34 ASP 34 34 34 ASP ASP C . n 
C 1 35 VAL 35 35 35 VAL VAL C . n 
C 1 36 LEU 36 36 36 LEU LEU C . n 
C 1 37 THR 37 37 37 THR THR C . n 
C 1 38 ILE 38 38 38 ILE ILE C . n 
C 1 39 VAL 39 39 39 VAL VAL C . n 
C 1 40 ALA 40 40 40 ALA ALA C . n 
C 1 41 VAL 41 41 41 VAL VAL C . n 
C 1 42 THR 42 42 42 THR THR C . n 
C 1 43 LYS 43 43 43 LYS LYS C . n 
C 1 44 ASP 44 44 44 ASP ASP C . n 
C 1 45 PRO 45 45 45 PRO PRO C . n 
C 1 46 ASN 46 46 46 ASN ASN C . n 
C 1 47 TRP 47 47 47 TRP TRP C . n 
C 1 48 TYR 48 48 48 TYR TYR C . n 
C 1 49 LYS 49 49 49 LYS LYS C . n 
C 1 50 ALA 50 50 50 ALA ALA C . n 
C 1 51 LYS 51 51 51 LYS LYS C . n 
C 1 52 ASN 52 52 52 ASN ASN C . n 
C 1 53 LYS 53 53 53 LYS LYS C . n 
C 1 54 VAL 54 54 54 VAL VAL C . n 
C 1 55 GLY 55 55 55 GLY GLY C . n 
C 1 56 ARG 56 56 56 ARG ARG C . n 
C 1 57 GLU 57 57 57 GLU GLU C . n 
C 1 58 GLY 58 58 58 GLY GLY C . n 
C 1 59 ILE 59 59 59 ILE ILE C . n 
C 1 60 ILE 60 60 60 ILE ILE C . n 
C 1 61 PRO 61 61 61 PRO PRO C . n 
C 1 62 ALA 62 62 62 ALA ALA C . n 
C 1 63 ASN 63 63 63 ASN ASN C . n 
C 1 64 TYR 64 64 64 TYR TYR C . n 
C 1 65 VAL 65 65 65 VAL VAL C . n 
C 1 66 GLN 66 66 66 GLN GLN C . n 
C 1 67 LYS 67 67 67 LYS LYS C . n 
C 1 68 ARG 68 68 68 ARG ARG C . n 
C 1 69 GLU 69 69 ?  ?   ?   C . n 
C 1 70 GLY 70 70 ?  ?   ?   C . n 
C 1 71 VAL 71 71 ?  ?   ?   C . n 
D 1 1  MET 1  1  ?  ?   ?   D . n 
D 1 2  SER 2  2  ?  ?   ?   D . n 
D 1 3  ALA 3  3  ?  ?   ?   D . n 
D 1 4  ILE 4  4  ?  ?   ?   D . n 
D 1 5  GLN 5  5  ?  ?   ?   D . n 
D 1 6  ALA 6  6  ?  ?   ?   D . n 
D 1 7  SER 7  7  ?  ?   ?   D . n 
D 1 8  TRP 8  8  ?  ?   ?   D . n 
D 1 9  PRO 9  9  ?  ?   ?   D . n 
D 1 10 SER 10 10 ?  ?   ?   D . n 
D 1 11 GLY 11 11 11 GLY GLY D . n 
D 1 12 THR 12 12 12 THR THR D . n 
D 1 13 GLU 13 13 13 GLU GLU D . n 
D 1 14 CYS 14 14 14 CYS CYS D . n 
D 1 15 ILE 15 15 15 ILE ILE D . n 
D 1 16 ALA 16 16 16 ALA ALA D . n 
D 1 17 LYS 17 17 17 LYS LYS D . n 
D 1 18 TYR 18 18 18 TYR TYR D . n 
D 1 19 ASN 19 19 19 ASN ASN D . n 
D 1 20 PHE 20 20 20 PHE PHE D . n 
D 1 21 HIS 21 21 21 HIS HIS D . n 
D 1 22 GLY 22 22 22 GLY GLY D . n 
D 1 23 THR 23 23 23 THR THR D . n 
D 1 24 ALA 24 24 24 ALA ALA D . n 
D 1 25 GLU 25 25 25 GLU GLU D . n 
D 1 26 GLN 26 26 26 GLN GLN D . n 
D 1 27 ASP 27 27 27 ASP ASP D . n 
D 1 28 LEU 28 28 28 LEU LEU D . n 
D 1 29 PRO 29 29 29 PRO PRO D . n 
D 1 30 PHE 30 30 30 PHE PHE D . n 
D 1 31 CYS 31 31 31 CYS CYS D . n 
D 1 32 LYS 32 32 32 LYS LYS D . n 
D 1 33 GLY 33 33 33 GLY GLY D . n 
D 1 34 ASP 34 34 34 ASP ASP D . n 
D 1 35 VAL 35 35 35 VAL VAL D . n 
D 1 36 LEU 36 36 36 LEU LEU D . n 
D 1 37 THR 37 37 37 THR THR D . n 
D 1 38 ILE 38 38 38 ILE ILE D . n 
D 1 39 VAL 39 39 39 VAL VAL D . n 
D 1 40 ALA 40 40 40 ALA ALA D . n 
D 1 41 VAL 41 41 41 VAL VAL D . n 
D 1 42 THR 42 42 42 THR THR D . n 
D 1 43 LYS 43 43 43 LYS LYS D . n 
D 1 44 ASP 44 44 44 ASP ASP D . n 
D 1 45 PRO 45 45 45 PRO PRO D . n 
D 1 46 ASN 46 46 46 ASN ASN D . n 
D 1 47 TRP 47 47 47 TRP TRP D . n 
D 1 48 TYR 48 48 48 TYR TYR D . n 
D 1 49 LYS 49 49 49 LYS LYS D . n 
D 1 50 ALA 50 50 50 ALA ALA D . n 
D 1 51 LYS 51 51 51 LYS LYS D . n 
D 1 52 ASN 52 52 52 ASN ASN D . n 
D 1 53 LYS 53 53 53 LYS LYS D . n 
D 1 54 VAL 54 54 54 VAL VAL D . n 
D 1 55 GLY 55 55 55 GLY GLY D . n 
D 1 56 ARG 56 56 56 ARG ARG D . n 
D 1 57 GLU 57 57 57 GLU GLU D . n 
D 1 58 GLY 58 58 58 GLY GLY D . n 
D 1 59 ILE 59 59 59 ILE ILE D . n 
D 1 60 ILE 60 60 60 ILE ILE D . n 
D 1 61 PRO 61 61 61 PRO PRO D . n 
D 1 62 ALA 62 62 62 ALA ALA D . n 
D 1 63 ASN 63 63 63 ASN ASN D . n 
D 1 64 TYR 64 64 64 TYR TYR D . n 
D 1 65 VAL 65 65 65 VAL VAL D . n 
D 1 66 GLN 66 66 66 GLN GLN D . n 
D 1 67 LYS 67 67 67 LYS LYS D . n 
D 1 68 ARG 68 68 68 ARG ARG D . n 
D 1 69 GLU 69 69 ?  ?   ?   D . n 
D 1 70 GLY 70 70 ?  ?   ?   D . n 
D 1 71 VAL 71 71 ?  ?   ?   D . n 
# 
loop_
_pdbx_nonpoly_scheme.asym_id 
_pdbx_nonpoly_scheme.entity_id 
_pdbx_nonpoly_scheme.mon_id 
_pdbx_nonpoly_scheme.ndb_seq_num 
_pdbx_nonpoly_scheme.pdb_seq_num 
_pdbx_nonpoly_scheme.auth_seq_num 
_pdbx_nonpoly_scheme.pdb_mon_id 
_pdbx_nonpoly_scheme.auth_mon_id 
_pdbx_nonpoly_scheme.pdb_strand_id 
_pdbx_nonpoly_scheme.pdb_ins_code 
E 2 HOH 1 72 2 HOH HOH A . 
E 2 HOH 2 73 5 HOH HOH A . 
E 2 HOH 3 74 7 HOH HOH A . 
F 2 HOH 1 72 1 HOH HOH C . 
F 2 HOH 2 73 3 HOH HOH C . 
F 2 HOH 3 74 4 HOH HOH C . 
F 2 HOH 4 75 8 HOH HOH C . 
G 2 HOH 1 72 6 HOH HOH D . 
# 
loop_
_pdbx_unobs_or_zero_occ_atoms.id 
_pdbx_unobs_or_zero_occ_atoms.PDB_model_num 
_pdbx_unobs_or_zero_occ_atoms.polymer_flag 
_pdbx_unobs_or_zero_occ_atoms.occupancy_flag 
_pdbx_unobs_or_zero_occ_atoms.auth_asym_id 
_pdbx_unobs_or_zero_occ_atoms.auth_comp_id 
_pdbx_unobs_or_zero_occ_atoms.auth_seq_id 
_pdbx_unobs_or_zero_occ_atoms.PDB_ins_code 
_pdbx_unobs_or_zero_occ_atoms.auth_atom_id 
_pdbx_unobs_or_zero_occ_atoms.label_alt_id 
_pdbx_unobs_or_zero_occ_atoms.label_asym_id 
_pdbx_unobs_or_zero_occ_atoms.label_comp_id 
_pdbx_unobs_or_zero_occ_atoms.label_seq_id 
_pdbx_unobs_or_zero_occ_atoms.label_atom_id 
1 1 Y 1 A ARG 68 ? O ? A ARG 68 O 
2 1 Y 1 B ARG 68 ? O ? B ARG 68 O 
3 1 Y 1 C ARG 68 ? O ? C ARG 68 O 
4 1 Y 1 D ARG 68 ? O ? D ARG 68 O 
# 
loop_
_software.name 
_software.classification 
_software.version 
_software.citation_id 
_software.pdbx_ordinal 
X-PLOR 'model building' . ? 1 
X-PLOR refinement       . ? 2 
X-PLOR phasing          . ? 3 
# 
_cell.entry_id           1CSK 
_cell.length_a           64.900 
_cell.length_b           74.690 
_cell.length_c           125.030 
_cell.angle_alpha        90.00 
_cell.angle_beta         90.00 
_cell.angle_gamma        90.00 
_cell.Z_PDB              32 
_cell.pdbx_unique_axis   ? 
# 
_symmetry.entry_id                         1CSK 
_symmetry.space_group_name_H-M             'C 2 2 21' 
_symmetry.pdbx_full_space_group_name_H-M   ? 
_symmetry.cell_setting                     ? 
_symmetry.Int_Tables_number                20 
# 
_exptl.entry_id          1CSK 
_exptl.method            'X-RAY DIFFRACTION' 
_exptl.crystals_number   ? 
# 
_exptl_crystal.id                    1 
_exptl_crystal.density_meas          ? 
_exptl_crystal.density_Matthews      2.41 
_exptl_crystal.density_percent_sol   48.98 
_exptl_crystal.description           ? 
# 
_refine.entry_id                                 1CSK 
_refine.ls_number_reflns_obs                     9913 
_refine.ls_number_reflns_all                     ? 
_refine.pdbx_ls_sigma_I                          ? 
_refine.pdbx_ls_sigma_F                          0.0 
_refine.pdbx_data_cutoff_high_absF               ? 
_refine.pdbx_data_cutoff_low_absF                ? 
_refine.pdbx_data_cutoff_high_rms_absF           ? 
_refine.ls_d_res_low                             8.0 
_refine.ls_d_res_high                            2.5 
_refine.ls_percent_reflns_obs                    ? 
_refine.ls_R_factor_obs                          0.2240000 
_refine.ls_R_factor_all                          ? 
_refine.ls_R_factor_R_work                       0.2240000 
_refine.ls_R_factor_R_free                       0.2780000 
_refine.ls_R_factor_R_free_error                 ? 
_refine.ls_R_factor_R_free_error_details         ? 
_refine.ls_percent_reflns_R_free                 ? 
_refine.ls_number_reflns_R_free                  ? 
_refine.ls_number_parameters                     ? 
_refine.ls_number_restraints                     ? 
_refine.occupancy_min                            ? 
_refine.occupancy_max                            ? 
_refine.B_iso_mean                               ? 
_refine.aniso_B[1][1]                            ? 
_refine.aniso_B[2][2]                            ? 
_refine.aniso_B[3][3]                            ? 
_refine.aniso_B[1][2]                            ? 
_refine.aniso_B[1][3]                            ? 
_refine.aniso_B[2][3]                            ? 
_refine.solvent_model_details                    ? 
_refine.solvent_model_param_ksol                 ? 
_refine.solvent_model_param_bsol                 ? 
_refine.pdbx_ls_cross_valid_method               ? 
_refine.details                                  ? 
_refine.pdbx_starting_model                      ? 
_refine.pdbx_method_to_determine_struct          ? 
_refine.pdbx_isotropic_thermal_model             ? 
_refine.pdbx_stereochemistry_target_values       ? 
_refine.pdbx_stereochem_target_val_spec_case     ? 
_refine.pdbx_R_Free_selection_details            ? 
_refine.pdbx_overall_ESU_R                       ? 
_refine.pdbx_overall_ESU_R_Free                  ? 
_refine.overall_SU_ML                            ? 
_refine.overall_SU_B                             ? 
_refine.pdbx_refine_id                           'X-RAY DIFFRACTION' 
_refine.pdbx_diffrn_id                           1 
_refine.pdbx_TLS_residual_ADP_flag               ? 
_refine.correlation_coeff_Fo_to_Fc               ? 
_refine.correlation_coeff_Fo_to_Fc_free          ? 
_refine.pdbx_solvent_vdw_probe_radii             ? 
_refine.pdbx_solvent_ion_probe_radii             ? 
_refine.pdbx_solvent_shrinkage_radii             ? 
_refine.pdbx_overall_phase_error                 ? 
_refine.overall_SU_R_Cruickshank_DPI             ? 
_refine.pdbx_overall_SU_R_free_Cruickshank_DPI   ? 
_refine.pdbx_overall_SU_R_Blow_DPI               ? 
_refine.pdbx_overall_SU_R_free_Blow_DPI          ? 
# 
_refine_hist.pdbx_refine_id                   'X-RAY DIFFRACTION' 
_refine_hist.cycle_id                         LAST 
_refine_hist.pdbx_number_atoms_protein        1824 
_refine_hist.pdbx_number_atoms_nucleic_acid   0 
_refine_hist.pdbx_number_atoms_ligand         0 
_refine_hist.number_atoms_solvent             8 
_refine_hist.number_atoms_total               1832 
_refine_hist.d_res_high                       2.5 
_refine_hist.d_res_low                        8.0 
# 
loop_
_refine_ls_restr.type 
_refine_ls_restr.dev_ideal 
_refine_ls_restr.dev_ideal_target 
_refine_ls_restr.weight 
_refine_ls_restr.number 
_refine_ls_restr.pdbx_refine_id 
_refine_ls_restr.pdbx_restraint_function 
x_bond_d                0.013 ? ? ? 'X-RAY DIFFRACTION' ? 
x_bond_d_na             ?     ? ? ? 'X-RAY DIFFRACTION' ? 
x_bond_d_prot           ?     ? ? ? 'X-RAY DIFFRACTION' ? 
x_angle_d               ?     ? ? ? 'X-RAY DIFFRACTION' ? 
x_angle_d_na            ?     ? ? ? 'X-RAY DIFFRACTION' ? 
x_angle_d_prot          ?     ? ? ? 'X-RAY DIFFRACTION' ? 
x_angle_deg             1.9   ? ? ? 'X-RAY DIFFRACTION' ? 
x_angle_deg_na          ?     ? ? ? 'X-RAY DIFFRACTION' ? 
x_angle_deg_prot        ?     ? ? ? 'X-RAY DIFFRACTION' ? 
x_dihedral_angle_d      ?     ? ? ? 'X-RAY DIFFRACTION' ? 
x_dihedral_angle_d_na   ?     ? ? ? 'X-RAY DIFFRACTION' ? 
x_dihedral_angle_d_prot ?     ? ? ? 'X-RAY DIFFRACTION' ? 
x_improper_angle_d      ?     ? ? ? 'X-RAY DIFFRACTION' ? 
x_improper_angle_d_na   ?     ? ? ? 'X-RAY DIFFRACTION' ? 
x_improper_angle_d_prot ?     ? ? ? 'X-RAY DIFFRACTION' ? 
x_mcbond_it             ?     ? ? ? 'X-RAY DIFFRACTION' ? 
x_mcangle_it            ?     ? ? ? 'X-RAY DIFFRACTION' ? 
x_scbond_it             ?     ? ? ? 'X-RAY DIFFRACTION' ? 
x_scangle_it            ?     ? ? ? 'X-RAY DIFFRACTION' ? 
# 
_struct.entry_id                  1CSK 
_struct.title                     'THE CRYSTAL STRUCTURE OF HUMAN CSKSH3: STRUCTURAL DIVERSITY NEAR THE RT-SRC AND N-SRC LOOP' 
_struct.pdbx_model_details        ? 
_struct.pdbx_CASP_flag            ? 
_struct.pdbx_model_type_details   ? 
# 
_struct_keywords.entry_id        1CSK 
_struct_keywords.pdbx_keywords   PHOSPHOTRANSFERASE 
_struct_keywords.text            PHOSPHOTRANSFERASE 
# 
loop_
_struct_asym.id 
_struct_asym.pdbx_blank_PDB_chainid_flag 
_struct_asym.pdbx_modified 
_struct_asym.entity_id 
_struct_asym.details 
A N N 1 ? 
B N N 1 ? 
C N N 1 ? 
D N N 1 ? 
E N N 2 ? 
F N N 2 ? 
G N N 2 ? 
# 
_struct_ref.id                         1 
_struct_ref.db_name                    UNP 
_struct_ref.db_code                    CSK_HUMAN 
_struct_ref.entity_id                  1 
_struct_ref.pdbx_db_accession          P41240 
_struct_ref.pdbx_align_begin           1 
_struct_ref.pdbx_seq_one_letter_code   
;MSAIQASWPSGTECIAKYNFHGTAEQDLPFCKGDVLTIVAVTKDPNWYKAKNKVGREGIIPANYVQKREGVKAGTKLSLM
PWFHGKITREQAERLLYPPETGLFLVRESTNYPGDYTLCVSCEGKVEHYRIMYHASKLSIDEEVYFENLMQLVEHYTTDA
DGLCTRLIKPKVMEGTVAAQDEFYRSGWALNMKELKLLQTIGKGEFGDVMLGDYRGNKVAVKCIKNDATAQAFLAEASVM
TQLRHSNLVQLLGVIVEEKGGLYIVTEYMAKGSLVDYLRSRGRSVLGGDCLLKFSLDVCEAMEYLEGNNFVHRDLAARNV
LVSEDNVAKVSDFGLTKEASSTQDTGKLPVKWTAPEALREKKFSTKSDVWSFGILLWEIYSFGRVPYPRIPLKDVVPRVE
KGYKMDAPDGCPPAVYDVMKNCWHLDAATRPTFLQLREQLEHIRTHELHL
;
_struct_ref.pdbx_db_isoform            ? 
# 
loop_
_struct_ref_seq.align_id 
_struct_ref_seq.ref_id 
_struct_ref_seq.pdbx_PDB_id_code 
_struct_ref_seq.pdbx_strand_id 
_struct_ref_seq.seq_align_beg 
_struct_ref_seq.pdbx_seq_align_beg_ins_code 
_struct_ref_seq.seq_align_end 
_struct_ref_seq.pdbx_seq_align_end_ins_code 
_struct_ref_seq.pdbx_db_accession 
_struct_ref_seq.db_align_beg 
_struct_ref_seq.pdbx_db_align_beg_ins_code 
_struct_ref_seq.db_align_end 
_struct_ref_seq.pdbx_db_align_end_ins_code 
_struct_ref_seq.pdbx_auth_seq_align_beg 
_struct_ref_seq.pdbx_auth_seq_align_end 
1 1 1CSK A 1 ? 71 ? P41240 1 ? 71 ? 1 71 
2 1 1CSK B 1 ? 71 ? P41240 1 ? 71 ? 1 71 
3 1 1CSK C 1 ? 71 ? P41240 1 ? 71 ? 1 71 
4 1 1CSK D 1 ? 71 ? P41240 1 ? 71 ? 1 71 
# 
loop_
_pdbx_struct_assembly.id 
_pdbx_struct_assembly.details 
_pdbx_struct_assembly.method_details 
_pdbx_struct_assembly.oligomeric_details 
_pdbx_struct_assembly.oligomeric_count 
1 author_defined_assembly ? monomeric 1 
2 author_defined_assembly ? monomeric 1 
3 author_defined_assembly ? monomeric 1 
4 author_defined_assembly ? monomeric 1 
# 
loop_
_pdbx_struct_assembly_gen.assembly_id 
_pdbx_struct_assembly_gen.oper_expression 
_pdbx_struct_assembly_gen.asym_id_list 
1 1 A,E 
2 1 B   
3 1 C,F 
4 1 D,G 
# 
_pdbx_struct_oper_list.id                   1 
_pdbx_struct_oper_list.type                 'identity operation' 
_pdbx_struct_oper_list.name                 1_555 
_pdbx_struct_oper_list.symmetry_operation   x,y,z 
_pdbx_struct_oper_list.matrix[1][1]         1.0000000000 
_pdbx_struct_oper_list.matrix[1][2]         0.0000000000 
_pdbx_struct_oper_list.matrix[1][3]         0.0000000000 
_pdbx_struct_oper_list.vector[1]            0.0000000000 
_pdbx_struct_oper_list.matrix[2][1]         0.0000000000 
_pdbx_struct_oper_list.matrix[2][2]         1.0000000000 
_pdbx_struct_oper_list.matrix[2][3]         0.0000000000 
_pdbx_struct_oper_list.vector[2]            0.0000000000 
_pdbx_struct_oper_list.matrix[3][1]         0.0000000000 
_pdbx_struct_oper_list.matrix[3][2]         0.0000000000 
_pdbx_struct_oper_list.matrix[3][3]         1.0000000000 
_pdbx_struct_oper_list.vector[3]            0.0000000000 
# 
loop_
_struct_biol.id 
_struct_biol.details 
_struct_biol.pdbx_parent_biol_id 
1 
;THE FOUR MOLECULES ARE PACKED IN THE CELL AS A DIMER OF
DIMERS, ONE DIMER BEING FORMED OF MOLECULES D AND A, AND
THE OTHER OF MOLECULES B AND C.
;
? 
2 ? ? 
3 ? ? 
4 ? ? 
# 
loop_
_struct_sheet.id 
_struct_sheet.type 
_struct_sheet.number_strands 
_struct_sheet.details 
A ? 5 ? 
B ? 5 ? 
C ? 5 ? 
D ? 5 ? 
# 
loop_
_struct_sheet_order.sheet_id 
_struct_sheet_order.range_id_1 
_struct_sheet_order.range_id_2 
_struct_sheet_order.offset 
_struct_sheet_order.sense 
A 1 2 ? anti-parallel 
A 2 3 ? anti-parallel 
A 3 4 ? anti-parallel 
A 4 5 ? anti-parallel 
B 1 2 ? anti-parallel 
B 2 3 ? anti-parallel 
B 3 4 ? anti-parallel 
B 4 5 ? anti-parallel 
C 1 2 ? anti-parallel 
C 2 3 ? anti-parallel 
C 3 4 ? anti-parallel 
C 4 5 ? anti-parallel 
D 1 2 ? anti-parallel 
D 2 3 ? anti-parallel 
D 3 4 ? anti-parallel 
D 4 5 ? anti-parallel 
# 
loop_
_struct_sheet_range.sheet_id 
_struct_sheet_range.id 
_struct_sheet_range.beg_label_comp_id 
_struct_sheet_range.beg_label_asym_id 
_struct_sheet_range.beg_label_seq_id 
_struct_sheet_range.pdbx_beg_PDB_ins_code 
_struct_sheet_range.end_label_comp_id 
_struct_sheet_range.end_label_asym_id 
_struct_sheet_range.end_label_seq_id 
_struct_sheet_range.pdbx_end_PDB_ins_code 
_struct_sheet_range.beg_auth_comp_id 
_struct_sheet_range.beg_auth_asym_id 
_struct_sheet_range.beg_auth_seq_id 
_struct_sheet_range.end_auth_comp_id 
_struct_sheet_range.end_auth_asym_id 
_struct_sheet_range.end_auth_seq_id 
A 1 GLU A 57 ? PRO A 61 ? GLU A 57 PRO A 61 
A 2 TRP A 47 ? LYS A 51 ? TRP A 47 LYS A 51 
A 3 VAL A 35 ? VAL A 41 ? VAL A 35 VAL A 41 
A 4 THR A 12 ? ALA A 16 ? THR A 12 ALA A 16 
A 5 VAL A 65 ? LYS A 67 ? VAL A 65 LYS A 67 
B 1 GLU B 57 ? PRO B 61 ? GLU B 57 PRO B 61 
B 2 TRP B 47 ? ASN B 52 ? TRP B 47 ASN B 52 
B 3 VAL B 35 ? VAL B 41 ? VAL B 35 VAL B 41 
B 4 THR B 12 ? ALA B 16 ? THR B 12 ALA B 16 
B 5 VAL B 65 ? LYS B 67 ? VAL B 65 LYS B 67 
C 1 GLU C 57 ? PRO C 61 ? GLU C 57 PRO C 61 
C 2 TRP C 47 ? ASN C 52 ? TRP C 47 ASN C 52 
C 3 VAL C 35 ? VAL C 41 ? VAL C 35 VAL C 41 
C 4 THR C 12 ? ALA C 16 ? THR C 12 ALA C 16 
C 5 VAL C 65 ? LYS C 67 ? VAL C 65 LYS C 67 
D 1 GLU D 57 ? PRO D 61 ? GLU D 57 PRO D 61 
D 2 TRP D 47 ? LYS D 51 ? TRP D 47 LYS D 51 
D 3 VAL D 35 ? VAL D 41 ? VAL D 35 VAL D 41 
D 4 THR D 12 ? ALA D 16 ? THR D 12 ALA D 16 
D 5 VAL D 65 ? LYS D 67 ? VAL D 65 LYS D 67 
# 
loop_
_pdbx_struct_sheet_hbond.sheet_id 
_pdbx_struct_sheet_hbond.range_id_1 
_pdbx_struct_sheet_hbond.range_id_2 
_pdbx_struct_sheet_hbond.range_1_label_atom_id 
_pdbx_struct_sheet_hbond.range_1_label_comp_id 
_pdbx_struct_sheet_hbond.range_1_label_asym_id 
_pdbx_struct_sheet_hbond.range_1_label_seq_id 
_pdbx_struct_sheet_hbond.range_1_PDB_ins_code 
_pdbx_struct_sheet_hbond.range_1_auth_atom_id 
_pdbx_struct_sheet_hbond.range_1_auth_comp_id 
_pdbx_struct_sheet_hbond.range_1_auth_asym_id 
_pdbx_struct_sheet_hbond.range_1_auth_seq_id 
_pdbx_struct_sheet_hbond.range_2_label_atom_id 
_pdbx_struct_sheet_hbond.range_2_label_comp_id 
_pdbx_struct_sheet_hbond.range_2_label_asym_id 
_pdbx_struct_sheet_hbond.range_2_label_seq_id 
_pdbx_struct_sheet_hbond.range_2_PDB_ins_code 
_pdbx_struct_sheet_hbond.range_2_auth_atom_id 
_pdbx_struct_sheet_hbond.range_2_auth_comp_id 
_pdbx_struct_sheet_hbond.range_2_auth_asym_id 
_pdbx_struct_sheet_hbond.range_2_auth_seq_id 
A 1 2 N ILE A 60 ? N ILE A 60 O TYR A 48 ? O TYR A 48 
A 2 3 O LYS A 51 ? O LYS A 51 N THR A 37 ? N THR A 37 
A 3 4 N ILE A 38 ? N ILE A 38 O THR A 12 ? O THR A 12 
A 4 5 O ILE A 15 ? O ILE A 15 N GLN A 66 ? N GLN A 66 
B 1 2 O ILE B 60 ? O ILE B 60 N TYR B 48 ? N TYR B 48 
B 2 3 O LYS B 51 ? O LYS B 51 N THR B 37 ? N THR B 37 
B 3 4 N ILE B 38 ? N ILE B 38 O THR B 12 ? O THR B 12 
B 4 5 N ILE B 15 ? N ILE B 15 O GLN B 66 ? O GLN B 66 
C 1 2 O ILE C 60 ? O ILE C 60 N TYR C 48 ? N TYR C 48 
C 2 3 O LYS C 51 ? O LYS C 51 N THR C 37 ? N THR C 37 
C 3 4 N ILE C 38 ? N ILE C 38 O THR C 12 ? O THR C 12 
C 4 5 N ILE C 15 ? N ILE C 15 O GLN C 66 ? O GLN C 66 
D 1 2 O ILE D 60 ? O ILE D 60 N TYR D 48 ? N TYR D 48 
D 2 3 O LYS D 51 ? O LYS D 51 N THR D 37 ? N THR D 37 
D 3 4 N ILE D 38 ? N ILE D 38 O THR D 12 ? O THR D 12 
D 4 5 N ILE D 15 ? N ILE D 15 O GLN D 66 ? O GLN D 66 
# 
loop_
_pdbx_validate_torsion.id 
_pdbx_validate_torsion.PDB_model_num 
_pdbx_validate_torsion.auth_comp_id 
_pdbx_validate_torsion.auth_asym_id 
_pdbx_validate_torsion.auth_seq_id 
_pdbx_validate_torsion.PDB_ins_code 
_pdbx_validate_torsion.label_alt_id 
_pdbx_validate_torsion.phi 
_pdbx_validate_torsion.psi 
1 1 THR B 42 ? ? -113.49 -168.22 
2 1 LYS B 67 ? ? -50.97  108.71  
3 1 ALA C 50 ? ? -127.28 -166.46 
# 
loop_
_pdbx_unobs_or_zero_occ_residues.id 
_pdbx_unobs_or_zero_occ_residues.PDB_model_num 
_pdbx_unobs_or_zero_occ_residues.polymer_flag 
_pdbx_unobs_or_zero_occ_residues.occupancy_flag 
_pdbx_unobs_or_zero_occ_residues.auth_asym_id 
_pdbx_unobs_or_zero_occ_residues.auth_comp_id 
_pdbx_unobs_or_zero_occ_residues.auth_seq_id 
_pdbx_unobs_or_zero_occ_residues.PDB_ins_code 
_pdbx_unobs_or_zero_occ_residues.label_asym_id 
_pdbx_unobs_or_zero_occ_residues.label_comp_id 
_pdbx_unobs_or_zero_occ_residues.label_seq_id 
1  1 Y 1 A MET 1  ? A MET 1  
2  1 Y 1 A SER 2  ? A SER 2  
3  1 Y 1 A ALA 3  ? A ALA 3  
4  1 Y 1 A ILE 4  ? A ILE 4  
5  1 Y 1 A GLN 5  ? A GLN 5  
6  1 Y 1 A ALA 6  ? A ALA 6  
7  1 Y 1 A SER 7  ? A SER 7  
8  1 Y 1 A TRP 8  ? A TRP 8  
9  1 Y 1 A PRO 9  ? A PRO 9  
10 1 Y 1 A SER 10 ? A SER 10 
11 1 Y 1 A GLU 69 ? A GLU 69 
12 1 Y 1 A GLY 70 ? A GLY 70 
13 1 Y 1 A VAL 71 ? A VAL 71 
14 1 Y 1 B MET 1  ? B MET 1  
15 1 Y 1 B SER 2  ? B SER 2  
16 1 Y 1 B ALA 3  ? B ALA 3  
17 1 Y 1 B ILE 4  ? B ILE 4  
18 1 Y 1 B GLN 5  ? B GLN 5  
19 1 Y 1 B ALA 6  ? B ALA 6  
20 1 Y 1 B SER 7  ? B SER 7  
21 1 Y 1 B TRP 8  ? B TRP 8  
22 1 Y 1 B PRO 9  ? B PRO 9  
23 1 Y 1 B SER 10 ? B SER 10 
24 1 Y 1 B GLU 69 ? B GLU 69 
25 1 Y 1 B GLY 70 ? B GLY 70 
26 1 Y 1 B VAL 71 ? B VAL 71 
27 1 Y 1 C MET 1  ? C MET 1  
28 1 Y 1 C SER 2  ? C SER 2  
29 1 Y 1 C ALA 3  ? C ALA 3  
30 1 Y 1 C ILE 4  ? C ILE 4  
31 1 Y 1 C GLN 5  ? C GLN 5  
32 1 Y 1 C ALA 6  ? C ALA 6  
33 1 Y 1 C SER 7  ? C SER 7  
34 1 Y 1 C TRP 8  ? C TRP 8  
35 1 Y 1 C PRO 9  ? C PRO 9  
36 1 Y 1 C SER 10 ? C SER 10 
37 1 Y 1 C GLU 69 ? C GLU 69 
38 1 Y 1 C GLY 70 ? C GLY 70 
39 1 Y 1 C VAL 71 ? C VAL 71 
40 1 Y 1 D MET 1  ? D MET 1  
41 1 Y 1 D SER 2  ? D SER 2  
42 1 Y 1 D ALA 3  ? D ALA 3  
43 1 Y 1 D ILE 4  ? D ILE 4  
44 1 Y 1 D GLN 5  ? D GLN 5  
45 1 Y 1 D ALA 6  ? D ALA 6  
46 1 Y 1 D SER 7  ? D SER 7  
47 1 Y 1 D TRP 8  ? D TRP 8  
48 1 Y 1 D PRO 9  ? D PRO 9  
49 1 Y 1 D SER 10 ? D SER 10 
50 1 Y 1 D GLU 69 ? D GLU 69 
51 1 Y 1 D GLY 70 ? D GLY 70 
52 1 Y 1 D VAL 71 ? D VAL 71 
# 
loop_
_chem_comp_atom.comp_id 
_chem_comp_atom.atom_id 
_chem_comp_atom.type_symbol 
_chem_comp_atom.pdbx_aromatic_flag 
_chem_comp_atom.pdbx_stereo_config 
_chem_comp_atom.pdbx_ordinal 
ALA N    N N N 1   
ALA CA   C N S 2   
ALA C    C N N 3   
ALA O    O N N 4   
ALA CB   C N N 5   
ALA OXT  O N N 6   
ALA H    H N N 7   
ALA H2   H N N 8   
ALA HA   H N N 9   
ALA HB1  H N N 10  
ALA HB2  H N N 11  
ALA HB3  H N N 12  
ALA HXT  H N N 13  
ARG N    N N N 14  
ARG CA   C N S 15  
ARG C    C N N 16  
ARG O    O N N 17  
ARG CB   C N N 18  
ARG CG   C N N 19  
ARG CD   C N N 20  
ARG NE   N N N 21  
ARG CZ   C N N 22  
ARG NH1  N N N 23  
ARG NH2  N N N 24  
ARG OXT  O N N 25  
ARG H    H N N 26  
ARG H2   H N N 27  
ARG HA   H N N 28  
ARG HB2  H N N 29  
ARG HB3  H N N 30  
ARG HG2  H N N 31  
ARG HG3  H N N 32  
ARG HD2  H N N 33  
ARG HD3  H N N 34  
ARG HE   H N N 35  
ARG HH11 H N N 36  
ARG HH12 H N N 37  
ARG HH21 H N N 38  
ARG HH22 H N N 39  
ARG HXT  H N N 40  
ASN N    N N N 41  
ASN CA   C N S 42  
ASN C    C N N 43  
ASN O    O N N 44  
ASN CB   C N N 45  
ASN CG   C N N 46  
ASN OD1  O N N 47  
ASN ND2  N N N 48  
ASN OXT  O N N 49  
ASN H    H N N 50  
ASN H2   H N N 51  
ASN HA   H N N 52  
ASN HB2  H N N 53  
ASN HB3  H N N 54  
ASN HD21 H N N 55  
ASN HD22 H N N 56  
ASN HXT  H N N 57  
ASP N    N N N 58  
ASP CA   C N S 59  
ASP C    C N N 60  
ASP O    O N N 61  
ASP CB   C N N 62  
ASP CG   C N N 63  
ASP OD1  O N N 64  
ASP OD2  O N N 65  
ASP OXT  O N N 66  
ASP H    H N N 67  
ASP H2   H N N 68  
ASP HA   H N N 69  
ASP HB2  H N N 70  
ASP HB3  H N N 71  
ASP HD2  H N N 72  
ASP HXT  H N N 73  
CYS N    N N N 74  
CYS CA   C N R 75  
CYS C    C N N 76  
CYS O    O N N 77  
CYS CB   C N N 78  
CYS SG   S N N 79  
CYS OXT  O N N 80  
CYS H    H N N 81  
CYS H2   H N N 82  
CYS HA   H N N 83  
CYS HB2  H N N 84  
CYS HB3  H N N 85  
CYS HG   H N N 86  
CYS HXT  H N N 87  
GLN N    N N N 88  
GLN CA   C N S 89  
GLN C    C N N 90  
GLN O    O N N 91  
GLN CB   C N N 92  
GLN CG   C N N 93  
GLN CD   C N N 94  
GLN OE1  O N N 95  
GLN NE2  N N N 96  
GLN OXT  O N N 97  
GLN H    H N N 98  
GLN H2   H N N 99  
GLN HA   H N N 100 
GLN HB2  H N N 101 
GLN HB3  H N N 102 
GLN HG2  H N N 103 
GLN HG3  H N N 104 
GLN HE21 H N N 105 
GLN HE22 H N N 106 
GLN HXT  H N N 107 
GLU N    N N N 108 
GLU CA   C N S 109 
GLU C    C N N 110 
GLU O    O N N 111 
GLU CB   C N N 112 
GLU CG   C N N 113 
GLU CD   C N N 114 
GLU OE1  O N N 115 
GLU OE2  O N N 116 
GLU OXT  O N N 117 
GLU H    H N N 118 
GLU H2   H N N 119 
GLU HA   H N N 120 
GLU HB2  H N N 121 
GLU HB3  H N N 122 
GLU HG2  H N N 123 
GLU HG3  H N N 124 
GLU HE2  H N N 125 
GLU HXT  H N N 126 
GLY N    N N N 127 
GLY CA   C N N 128 
GLY C    C N N 129 
GLY O    O N N 130 
GLY OXT  O N N 131 
GLY H    H N N 132 
GLY H2   H N N 133 
GLY HA2  H N N 134 
GLY HA3  H N N 135 
GLY HXT  H N N 136 
HIS N    N N N 137 
HIS CA   C N S 138 
HIS C    C N N 139 
HIS O    O N N 140 
HIS CB   C N N 141 
HIS CG   C Y N 142 
HIS ND1  N Y N 143 
HIS CD2  C Y N 144 
HIS CE1  C Y N 145 
HIS NE2  N Y N 146 
HIS OXT  O N N 147 
HIS H    H N N 148 
HIS H2   H N N 149 
HIS HA   H N N 150 
HIS HB2  H N N 151 
HIS HB3  H N N 152 
HIS HD1  H N N 153 
HIS HD2  H N N 154 
HIS HE1  H N N 155 
HIS HE2  H N N 156 
HIS HXT  H N N 157 
HOH O    O N N 158 
HOH H1   H N N 159 
HOH H2   H N N 160 
ILE N    N N N 161 
ILE CA   C N S 162 
ILE C    C N N 163 
ILE O    O N N 164 
ILE CB   C N S 165 
ILE CG1  C N N 166 
ILE CG2  C N N 167 
ILE CD1  C N N 168 
ILE OXT  O N N 169 
ILE H    H N N 170 
ILE H2   H N N 171 
ILE HA   H N N 172 
ILE HB   H N N 173 
ILE HG12 H N N 174 
ILE HG13 H N N 175 
ILE HG21 H N N 176 
ILE HG22 H N N 177 
ILE HG23 H N N 178 
ILE HD11 H N N 179 
ILE HD12 H N N 180 
ILE HD13 H N N 181 
ILE HXT  H N N 182 
LEU N    N N N 183 
LEU CA   C N S 184 
LEU C    C N N 185 
LEU O    O N N 186 
LEU CB   C N N 187 
LEU CG   C N N 188 
LEU CD1  C N N 189 
LEU CD2  C N N 190 
LEU OXT  O N N 191 
LEU H    H N N 192 
LEU H2   H N N 193 
LEU HA   H N N 194 
LEU HB2  H N N 195 
LEU HB3  H N N 196 
LEU HG   H N N 197 
LEU HD11 H N N 198 
LEU HD12 H N N 199 
LEU HD13 H N N 200 
LEU HD21 H N N 201 
LEU HD22 H N N 202 
LEU HD23 H N N 203 
LEU HXT  H N N 204 
LYS N    N N N 205 
LYS CA   C N S 206 
LYS C    C N N 207 
LYS O    O N N 208 
LYS CB   C N N 209 
LYS CG   C N N 210 
LYS CD   C N N 211 
LYS CE   C N N 212 
LYS NZ   N N N 213 
LYS OXT  O N N 214 
LYS H    H N N 215 
LYS H2   H N N 216 
LYS HA   H N N 217 
LYS HB2  H N N 218 
LYS HB3  H N N 219 
LYS HG2  H N N 220 
LYS HG3  H N N 221 
LYS HD2  H N N 222 
LYS HD3  H N N 223 
LYS HE2  H N N 224 
LYS HE3  H N N 225 
LYS HZ1  H N N 226 
LYS HZ2  H N N 227 
LYS HZ3  H N N 228 
LYS HXT  H N N 229 
MET N    N N N 230 
MET CA   C N S 231 
MET C    C N N 232 
MET O    O N N 233 
MET CB   C N N 234 
MET CG   C N N 235 
MET SD   S N N 236 
MET CE   C N N 237 
MET OXT  O N N 238 
MET H    H N N 239 
MET H2   H N N 240 
MET HA   H N N 241 
MET HB2  H N N 242 
MET HB3  H N N 243 
MET HG2  H N N 244 
MET HG3  H N N 245 
MET HE1  H N N 246 
MET HE2  H N N 247 
MET HE3  H N N 248 
MET HXT  H N N 249 
PHE N    N N N 250 
PHE CA   C N S 251 
PHE C    C N N 252 
PHE O    O N N 253 
PHE CB   C N N 254 
PHE CG   C Y N 255 
PHE CD1  C Y N 256 
PHE CD2  C Y N 257 
PHE CE1  C Y N 258 
PHE CE2  C Y N 259 
PHE CZ   C Y N 260 
PHE OXT  O N N 261 
PHE H    H N N 262 
PHE H2   H N N 263 
PHE HA   H N N 264 
PHE HB2  H N N 265 
PHE HB3  H N N 266 
PHE HD1  H N N 267 
PHE HD2  H N N 268 
PHE HE1  H N N 269 
PHE HE2  H N N 270 
PHE HZ   H N N 271 
PHE HXT  H N N 272 
PRO N    N N N 273 
PRO CA   C N S 274 
PRO C    C N N 275 
PRO O    O N N 276 
PRO CB   C N N 277 
PRO CG   C N N 278 
PRO CD   C N N 279 
PRO OXT  O N N 280 
PRO H    H N N 281 
PRO HA   H N N 282 
PRO HB2  H N N 283 
PRO HB3  H N N 284 
PRO HG2  H N N 285 
PRO HG3  H N N 286 
PRO HD2  H N N 287 
PRO HD3  H N N 288 
PRO HXT  H N N 289 
SER N    N N N 290 
SER CA   C N S 291 
SER C    C N N 292 
SER O    O N N 293 
SER CB   C N N 294 
SER OG   O N N 295 
SER OXT  O N N 296 
SER H    H N N 297 
SER H2   H N N 298 
SER HA   H N N 299 
SER HB2  H N N 300 
SER HB3  H N N 301 
SER HG   H N N 302 
SER HXT  H N N 303 
THR N    N N N 304 
THR CA   C N S 305 
THR C    C N N 306 
THR O    O N N 307 
THR CB   C N R 308 
THR OG1  O N N 309 
THR CG2  C N N 310 
THR OXT  O N N 311 
THR H    H N N 312 
THR H2   H N N 313 
THR HA   H N N 314 
THR HB   H N N 315 
THR HG1  H N N 316 
THR HG21 H N N 317 
THR HG22 H N N 318 
THR HG23 H N N 319 
THR HXT  H N N 320 
TRP N    N N N 321 
TRP CA   C N S 322 
TRP C    C N N 323 
TRP O    O N N 324 
TRP CB   C N N 325 
TRP CG   C Y N 326 
TRP CD1  C Y N 327 
TRP CD2  C Y N 328 
TRP NE1  N Y N 329 
TRP CE2  C Y N 330 
TRP CE3  C Y N 331 
TRP CZ2  C Y N 332 
TRP CZ3  C Y N 333 
TRP CH2  C Y N 334 
TRP OXT  O N N 335 
TRP H    H N N 336 
TRP H2   H N N 337 
TRP HA   H N N 338 
TRP HB2  H N N 339 
TRP HB3  H N N 340 
TRP HD1  H N N 341 
TRP HE1  H N N 342 
TRP HE3  H N N 343 
TRP HZ2  H N N 344 
TRP HZ3  H N N 345 
TRP HH2  H N N 346 
TRP HXT  H N N 347 
TYR N    N N N 348 
TYR CA   C N S 349 
TYR C    C N N 350 
TYR O    O N N 351 
TYR CB   C N N 352 
TYR CG   C Y N 353 
TYR CD1  C Y N 354 
TYR CD2  C Y N 355 
TYR CE1  C Y N 356 
TYR CE2  C Y N 357 
TYR CZ   C Y N 358 
TYR OH   O N N 359 
TYR OXT  O N N 360 
TYR H    H N N 361 
TYR H2   H N N 362 
TYR HA   H N N 363 
TYR HB2  H N N 364 
TYR HB3  H N N 365 
TYR HD1  H N N 366 
TYR HD2  H N N 367 
TYR HE1  H N N 368 
TYR HE2  H N N 369 
TYR HH   H N N 370 
TYR HXT  H N N 371 
VAL N    N N N 372 
VAL CA   C N S 373 
VAL C    C N N 374 
VAL O    O N N 375 
VAL CB   C N N 376 
VAL CG1  C N N 377 
VAL CG2  C N N 378 
VAL OXT  O N N 379 
VAL H    H N N 380 
VAL H2   H N N 381 
VAL HA   H N N 382 
VAL HB   H N N 383 
VAL HG11 H N N 384 
VAL HG12 H N N 385 
VAL HG13 H N N 386 
VAL HG21 H N N 387 
VAL HG22 H N N 388 
VAL HG23 H N N 389 
VAL HXT  H N N 390 
# 
loop_
_chem_comp_bond.comp_id 
_chem_comp_bond.atom_id_1 
_chem_comp_bond.atom_id_2 
_chem_comp_bond.value_order 
_chem_comp_bond.pdbx_aromatic_flag 
_chem_comp_bond.pdbx_stereo_config 
_chem_comp_bond.pdbx_ordinal 
ALA N   CA   sing N N 1   
ALA N   H    sing N N 2   
ALA N   H2   sing N N 3   
ALA CA  C    sing N N 4   
ALA CA  CB   sing N N 5   
ALA CA  HA   sing N N 6   
ALA C   O    doub N N 7   
ALA C   OXT  sing N N 8   
ALA CB  HB1  sing N N 9   
ALA CB  HB2  sing N N 10  
ALA CB  HB3  sing N N 11  
ALA OXT HXT  sing N N 12  
ARG N   CA   sing N N 13  
ARG N   H    sing N N 14  
ARG N   H2   sing N N 15  
ARG CA  C    sing N N 16  
ARG CA  CB   sing N N 17  
ARG CA  HA   sing N N 18  
ARG C   O    doub N N 19  
ARG C   OXT  sing N N 20  
ARG CB  CG   sing N N 21  
ARG CB  HB2  sing N N 22  
ARG CB  HB3  sing N N 23  
ARG CG  CD   sing N N 24  
ARG CG  HG2  sing N N 25  
ARG CG  HG3  sing N N 26  
ARG CD  NE   sing N N 27  
ARG CD  HD2  sing N N 28  
ARG CD  HD3  sing N N 29  
ARG NE  CZ   sing N N 30  
ARG NE  HE   sing N N 31  
ARG CZ  NH1  sing N N 32  
ARG CZ  NH2  doub N N 33  
ARG NH1 HH11 sing N N 34  
ARG NH1 HH12 sing N N 35  
ARG NH2 HH21 sing N N 36  
ARG NH2 HH22 sing N N 37  
ARG OXT HXT  sing N N 38  
ASN N   CA   sing N N 39  
ASN N   H    sing N N 40  
ASN N   H2   sing N N 41  
ASN CA  C    sing N N 42  
ASN CA  CB   sing N N 43  
ASN CA  HA   sing N N 44  
ASN C   O    doub N N 45  
ASN C   OXT  sing N N 46  
ASN CB  CG   sing N N 47  
ASN CB  HB2  sing N N 48  
ASN CB  HB3  sing N N 49  
ASN CG  OD1  doub N N 50  
ASN CG  ND2  sing N N 51  
ASN ND2 HD21 sing N N 52  
ASN ND2 HD22 sing N N 53  
ASN OXT HXT  sing N N 54  
ASP N   CA   sing N N 55  
ASP N   H    sing N N 56  
ASP N   H2   sing N N 57  
ASP CA  C    sing N N 58  
ASP CA  CB   sing N N 59  
ASP CA  HA   sing N N 60  
ASP C   O    doub N N 61  
ASP C   OXT  sing N N 62  
ASP CB  CG   sing N N 63  
ASP CB  HB2  sing N N 64  
ASP CB  HB3  sing N N 65  
ASP CG  OD1  doub N N 66  
ASP CG  OD2  sing N N 67  
ASP OD2 HD2  sing N N 68  
ASP OXT HXT  sing N N 69  
CYS N   CA   sing N N 70  
CYS N   H    sing N N 71  
CYS N   H2   sing N N 72  
CYS CA  C    sing N N 73  
CYS CA  CB   sing N N 74  
CYS CA  HA   sing N N 75  
CYS C   O    doub N N 76  
CYS C   OXT  sing N N 77  
CYS CB  SG   sing N N 78  
CYS CB  HB2  sing N N 79  
CYS CB  HB3  sing N N 80  
CYS SG  HG   sing N N 81  
CYS OXT HXT  sing N N 82  
GLN N   CA   sing N N 83  
GLN N   H    sing N N 84  
GLN N   H2   sing N N 85  
GLN CA  C    sing N N 86  
GLN CA  CB   sing N N 87  
GLN CA  HA   sing N N 88  
GLN C   O    doub N N 89  
GLN C   OXT  sing N N 90  
GLN CB  CG   sing N N 91  
GLN CB  HB2  sing N N 92  
GLN CB  HB3  sing N N 93  
GLN CG  CD   sing N N 94  
GLN CG  HG2  sing N N 95  
GLN CG  HG3  sing N N 96  
GLN CD  OE1  doub N N 97  
GLN CD  NE2  sing N N 98  
GLN NE2 HE21 sing N N 99  
GLN NE2 HE22 sing N N 100 
GLN OXT HXT  sing N N 101 
GLU N   CA   sing N N 102 
GLU N   H    sing N N 103 
GLU N   H2   sing N N 104 
GLU CA  C    sing N N 105 
GLU CA  CB   sing N N 106 
GLU CA  HA   sing N N 107 
GLU C   O    doub N N 108 
GLU C   OXT  sing N N 109 
GLU CB  CG   sing N N 110 
GLU CB  HB2  sing N N 111 
GLU CB  HB3  sing N N 112 
GLU CG  CD   sing N N 113 
GLU CG  HG2  sing N N 114 
GLU CG  HG3  sing N N 115 
GLU CD  OE1  doub N N 116 
GLU CD  OE2  sing N N 117 
GLU OE2 HE2  sing N N 118 
GLU OXT HXT  sing N N 119 
GLY N   CA   sing N N 120 
GLY N   H    sing N N 121 
GLY N   H2   sing N N 122 
GLY CA  C    sing N N 123 
GLY CA  HA2  sing N N 124 
GLY CA  HA3  sing N N 125 
GLY C   O    doub N N 126 
GLY C   OXT  sing N N 127 
GLY OXT HXT  sing N N 128 
HIS N   CA   sing N N 129 
HIS N   H    sing N N 130 
HIS N   H2   sing N N 131 
HIS CA  C    sing N N 132 
HIS CA  CB   sing N N 133 
HIS CA  HA   sing N N 134 
HIS C   O    doub N N 135 
HIS C   OXT  sing N N 136 
HIS CB  CG   sing N N 137 
HIS CB  HB2  sing N N 138 
HIS CB  HB3  sing N N 139 
HIS CG  ND1  sing Y N 140 
HIS CG  CD2  doub Y N 141 
HIS ND1 CE1  doub Y N 142 
HIS ND1 HD1  sing N N 143 
HIS CD2 NE2  sing Y N 144 
HIS CD2 HD2  sing N N 145 
HIS CE1 NE2  sing Y N 146 
HIS CE1 HE1  sing N N 147 
HIS NE2 HE2  sing N N 148 
HIS OXT HXT  sing N N 149 
HOH O   H1   sing N N 150 
HOH O   H2   sing N N 151 
ILE N   CA   sing N N 152 
ILE N   H    sing N N 153 
ILE N   H2   sing N N 154 
ILE CA  C    sing N N 155 
ILE CA  CB   sing N N 156 
ILE CA  HA   sing N N 157 
ILE C   O    doub N N 158 
ILE C   OXT  sing N N 159 
ILE CB  CG1  sing N N 160 
ILE CB  CG2  sing N N 161 
ILE CB  HB   sing N N 162 
ILE CG1 CD1  sing N N 163 
ILE CG1 HG12 sing N N 164 
ILE CG1 HG13 sing N N 165 
ILE CG2 HG21 sing N N 166 
ILE CG2 HG22 sing N N 167 
ILE CG2 HG23 sing N N 168 
ILE CD1 HD11 sing N N 169 
ILE CD1 HD12 sing N N 170 
ILE CD1 HD13 sing N N 171 
ILE OXT HXT  sing N N 172 
LEU N   CA   sing N N 173 
LEU N   H    sing N N 174 
LEU N   H2   sing N N 175 
LEU CA  C    sing N N 176 
LEU CA  CB   sing N N 177 
LEU CA  HA   sing N N 178 
LEU C   O    doub N N 179 
LEU C   OXT  sing N N 180 
LEU CB  CG   sing N N 181 
LEU CB  HB2  sing N N 182 
LEU CB  HB3  sing N N 183 
LEU CG  CD1  sing N N 184 
LEU CG  CD2  sing N N 185 
LEU CG  HG   sing N N 186 
LEU CD1 HD11 sing N N 187 
LEU CD1 HD12 sing N N 188 
LEU CD1 HD13 sing N N 189 
LEU CD2 HD21 sing N N 190 
LEU CD2 HD22 sing N N 191 
LEU CD2 HD23 sing N N 192 
LEU OXT HXT  sing N N 193 
LYS N   CA   sing N N 194 
LYS N   H    sing N N 195 
LYS N   H2   sing N N 196 
LYS CA  C    sing N N 197 
LYS CA  CB   sing N N 198 
LYS CA  HA   sing N N 199 
LYS C   O    doub N N 200 
LYS C   OXT  sing N N 201 
LYS CB  CG   sing N N 202 
LYS CB  HB2  sing N N 203 
LYS CB  HB3  sing N N 204 
LYS CG  CD   sing N N 205 
LYS CG  HG2  sing N N 206 
LYS CG  HG3  sing N N 207 
LYS CD  CE   sing N N 208 
LYS CD  HD2  sing N N 209 
LYS CD  HD3  sing N N 210 
LYS CE  NZ   sing N N 211 
LYS CE  HE2  sing N N 212 
LYS CE  HE3  sing N N 213 
LYS NZ  HZ1  sing N N 214 
LYS NZ  HZ2  sing N N 215 
LYS NZ  HZ3  sing N N 216 
LYS OXT HXT  sing N N 217 
MET N   CA   sing N N 218 
MET N   H    sing N N 219 
MET N   H2   sing N N 220 
MET CA  C    sing N N 221 
MET CA  CB   sing N N 222 
MET CA  HA   sing N N 223 
MET C   O    doub N N 224 
MET C   OXT  sing N N 225 
MET CB  CG   sing N N 226 
MET CB  HB2  sing N N 227 
MET CB  HB3  sing N N 228 
MET CG  SD   sing N N 229 
MET CG  HG2  sing N N 230 
MET CG  HG3  sing N N 231 
MET SD  CE   sing N N 232 
MET CE  HE1  sing N N 233 
MET CE  HE2  sing N N 234 
MET CE  HE3  sing N N 235 
MET OXT HXT  sing N N 236 
PHE N   CA   sing N N 237 
PHE N   H    sing N N 238 
PHE N   H2   sing N N 239 
PHE CA  C    sing N N 240 
PHE CA  CB   sing N N 241 
PHE CA  HA   sing N N 242 
PHE C   O    doub N N 243 
PHE C   OXT  sing N N 244 
PHE CB  CG   sing N N 245 
PHE CB  HB2  sing N N 246 
PHE CB  HB3  sing N N 247 
PHE CG  CD1  doub Y N 248 
PHE CG  CD2  sing Y N 249 
PHE CD1 CE1  sing Y N 250 
PHE CD1 HD1  sing N N 251 
PHE CD2 CE2  doub Y N 252 
PHE CD2 HD2  sing N N 253 
PHE CE1 CZ   doub Y N 254 
PHE CE1 HE1  sing N N 255 
PHE CE2 CZ   sing Y N 256 
PHE CE2 HE2  sing N N 257 
PHE CZ  HZ   sing N N 258 
PHE OXT HXT  sing N N 259 
PRO N   CA   sing N N 260 
PRO N   CD   sing N N 261 
PRO N   H    sing N N 262 
PRO CA  C    sing N N 263 
PRO CA  CB   sing N N 264 
PRO CA  HA   sing N N 265 
PRO C   O    doub N N 266 
PRO C   OXT  sing N N 267 
PRO CB  CG   sing N N 268 
PRO CB  HB2  sing N N 269 
PRO CB  HB3  sing N N 270 
PRO CG  CD   sing N N 271 
PRO CG  HG2  sing N N 272 
PRO CG  HG3  sing N N 273 
PRO CD  HD2  sing N N 274 
PRO CD  HD3  sing N N 275 
PRO OXT HXT  sing N N 276 
SER N   CA   sing N N 277 
SER N   H    sing N N 278 
SER N   H2   sing N N 279 
SER CA  C    sing N N 280 
SER CA  CB   sing N N 281 
SER CA  HA   sing N N 282 
SER C   O    doub N N 283 
SER C   OXT  sing N N 284 
SER CB  OG   sing N N 285 
SER CB  HB2  sing N N 286 
SER CB  HB3  sing N N 287 
SER OG  HG   sing N N 288 
SER OXT HXT  sing N N 289 
THR N   CA   sing N N 290 
THR N   H    sing N N 291 
THR N   H2   sing N N 292 
THR CA  C    sing N N 293 
THR CA  CB   sing N N 294 
THR CA  HA   sing N N 295 
THR C   O    doub N N 296 
THR C   OXT  sing N N 297 
THR CB  OG1  sing N N 298 
THR CB  CG2  sing N N 299 
THR CB  HB   sing N N 300 
THR OG1 HG1  sing N N 301 
THR CG2 HG21 sing N N 302 
THR CG2 HG22 sing N N 303 
THR CG2 HG23 sing N N 304 
THR OXT HXT  sing N N 305 
TRP N   CA   sing N N 306 
TRP N   H    sing N N 307 
TRP N   H2   sing N N 308 
TRP CA  C    sing N N 309 
TRP CA  CB   sing N N 310 
TRP CA  HA   sing N N 311 
TRP C   O    doub N N 312 
TRP C   OXT  sing N N 313 
TRP CB  CG   sing N N 314 
TRP CB  HB2  sing N N 315 
TRP CB  HB3  sing N N 316 
TRP CG  CD1  doub Y N 317 
TRP CG  CD2  sing Y N 318 
TRP CD1 NE1  sing Y N 319 
TRP CD1 HD1  sing N N 320 
TRP CD2 CE2  doub Y N 321 
TRP CD2 CE3  sing Y N 322 
TRP NE1 CE2  sing Y N 323 
TRP NE1 HE1  sing N N 324 
TRP CE2 CZ2  sing Y N 325 
TRP CE3 CZ3  doub Y N 326 
TRP CE3 HE3  sing N N 327 
TRP CZ2 CH2  doub Y N 328 
TRP CZ2 HZ2  sing N N 329 
TRP CZ3 CH2  sing Y N 330 
TRP CZ3 HZ3  sing N N 331 
TRP CH2 HH2  sing N N 332 
TRP OXT HXT  sing N N 333 
TYR N   CA   sing N N 334 
TYR N   H    sing N N 335 
TYR N   H2   sing N N 336 
TYR CA  C    sing N N 337 
TYR CA  CB   sing N N 338 
TYR CA  HA   sing N N 339 
TYR C   O    doub N N 340 
TYR C   OXT  sing N N 341 
TYR CB  CG   sing N N 342 
TYR CB  HB2  sing N N 343 
TYR CB  HB3  sing N N 344 
TYR CG  CD1  doub Y N 345 
TYR CG  CD2  sing Y N 346 
TYR CD1 CE1  sing Y N 347 
TYR CD1 HD1  sing N N 348 
TYR CD2 CE2  doub Y N 349 
TYR CD2 HD2  sing N N 350 
TYR CE1 CZ   doub Y N 351 
TYR CE1 HE1  sing N N 352 
TYR CE2 CZ   sing Y N 353 
TYR CE2 HE2  sing N N 354 
TYR CZ  OH   sing N N 355 
TYR OH  HH   sing N N 356 
TYR OXT HXT  sing N N 357 
VAL N   CA   sing N N 358 
VAL N   H    sing N N 359 
VAL N   H2   sing N N 360 
VAL CA  C    sing N N 361 
VAL CA  CB   sing N N 362 
VAL CA  HA   sing N N 363 
VAL C   O    doub N N 364 
VAL C   OXT  sing N N 365 
VAL CB  CG1  sing N N 366 
VAL CB  CG2  sing N N 367 
VAL CB  HB   sing N N 368 
VAL CG1 HG11 sing N N 369 
VAL CG1 HG12 sing N N 370 
VAL CG1 HG13 sing N N 371 
VAL CG2 HG21 sing N N 372 
VAL CG2 HG22 sing N N 373 
VAL CG2 HG23 sing N N 374 
VAL OXT HXT  sing N N 375 
# 
_atom_sites.entry_id                    1CSK 
_atom_sites.fract_transf_matrix[1][1]   -0.00901860 
_atom_sites.fract_transf_matrix[1][2]   0.00432117 
_atom_sites.fract_transf_matrix[1][3]   -0.01172173 
_atom_sites.fract_transf_matrix[2][1]   0.00972447 
_atom_sites.fract_transf_matrix[2][2]   0.00801217 
_atom_sites.fract_transf_matrix[2][3]   -0.00452827 
_atom_sites.fract_transf_matrix[3][1]   0.00288245 
_atom_sites.fract_transf_matrix[3][2]   -0.00600249 
_atom_sites.fract_transf_matrix[3][3]   -0.00443053 
_atom_sites.fract_transf_vector[1]      0.454610 
_atom_sites.fract_transf_vector[2]      0.808701 
_atom_sites.fract_transf_vector[3]      0.126394 
# 
loop_
_atom_type.symbol 
C 
N 
O 
S 
# 
loop_
_atom_site.group_PDB 
_atom_site.id 
_atom_site.type_symbol 
_atom_site.label_atom_id 
_atom_site.label_alt_id 
_atom_site.label_comp_id 
_atom_site.label_asym_id 
_atom_site.label_entity_id 
_atom_site.label_seq_id 
_atom_site.pdbx_PDB_ins_code 
_atom_site.Cartn_x 
_atom_site.Cartn_y 
_atom_site.Cartn_z 
_atom_site.occupancy 
_atom_site.B_iso_or_equiv 
_atom_site.pdbx_formal_charge 
_atom_site.auth_seq_id 
_atom_site.auth_comp_id 
_atom_site.auth_asym_id 
_atom_site.auth_atom_id 
_atom_site.pdbx_PDB_model_num 
ATOM   1    N N   . GLY A 1 11 ? -5.369  19.466  -0.716  1.00 37.69 ? 11 GLY A N   1 
ATOM   2    C CA  . GLY A 1 11 ? -5.309  18.132  -1.393  1.00 36.50 ? 11 GLY A CA  1 
ATOM   3    C C   . GLY A 1 11 ? -4.082  18.013  -2.270  1.00 34.67 ? 11 GLY A C   1 
ATOM   4    O O   . GLY A 1 11 ? -3.617  19.008  -2.820  1.00 35.88 ? 11 GLY A O   1 
ATOM   5    N N   . THR A 1 12 ? -3.549  16.803  -2.390  1.00 34.04 ? 12 THR A N   1 
ATOM   6    C CA  . THR A 1 12 ? -2.370  16.553  -3.212  1.00 31.64 ? 12 THR A CA  1 
ATOM   7    C C   . THR A 1 12 ? -2.841  16.061  -4.583  1.00 31.48 ? 12 THR A C   1 
ATOM   8    O O   . THR A 1 12 ? -3.641  15.135  -4.650  1.00 33.73 ? 12 THR A O   1 
ATOM   9    C CB  . THR A 1 12 ? -1.417  15.533  -2.510  1.00 30.40 ? 12 THR A CB  1 
ATOM   10   O OG1 . THR A 1 12 ? -1.289  14.348  -3.293  1.00 34.15 ? 12 THR A OG1 1 
ATOM   11   C CG2 . THR A 1 12 ? -1.936  15.155  -1.136  1.00 24.10 ? 12 THR A CG2 1 
ATOM   12   N N   . GLU A 1 13 ? -2.432  16.735  -5.661  1.00 31.77 ? 13 GLU A N   1 
ATOM   13   C CA  . GLU A 1 13 ? -2.825  16.356  -7.022  1.00 28.67 ? 13 GLU A CA  1 
ATOM   14   C C   . GLU A 1 13 ? -2.127  15.083  -7.515  1.00 27.15 ? 13 GLU A C   1 
ATOM   15   O O   . GLU A 1 13 ? -0.969  14.838  -7.210  1.00 27.74 ? 13 GLU A O   1 
ATOM   16   C CB  . GLU A 1 13 ? -2.551  17.493  -8.004  1.00 30.27 ? 13 GLU A CB  1 
ATOM   17   C CG  . GLU A 1 13 ? -3.517  18.696  -7.948  1.00 40.98 ? 13 GLU A CG  1 
ATOM   18   C CD  . GLU A 1 13 ? -3.375  19.664  -9.166  1.00 48.21 ? 13 GLU A CD  1 
ATOM   19   O OE1 . GLU A 1 13 ? -2.304  19.697  -9.831  1.00 51.56 ? 13 GLU A OE1 1 
ATOM   20   O OE2 . GLU A 1 13 ? -4.344  20.404  -9.462  1.00 51.73 ? 13 GLU A OE2 1 
ATOM   21   N N   . CYS A 1 14 ? -2.830  14.306  -8.320  1.00 24.71 ? 14 CYS A N   1 
ATOM   22   C CA  . CYS A 1 14 ? -2.323  13.071  -8.865  1.00 24.79 ? 14 CYS A CA  1 
ATOM   23   C C   . CYS A 1 14 ? -2.711  13.044  -10.316 1.00 25.01 ? 14 CYS A C   1 
ATOM   24   O O   . CYS A 1 14 ? -3.598  13.778  -10.731 1.00 26.53 ? 14 CYS A O   1 
ATOM   25   C CB  . CYS A 1 14 ? -3.002  11.883  -8.191  1.00 21.08 ? 14 CYS A CB  1 
ATOM   26   S SG  . CYS A 1 14 ? -2.349  11.499  -6.569  1.00 39.65 ? 14 CYS A SG  1 
ATOM   27   N N   . ILE A 1 15 ? -2.028  12.207  -11.090 1.00 26.52 ? 15 ILE A N   1 
ATOM   28   C CA  . ILE A 1 15 ? -2.320  12.009  -12.514 1.00 24.15 ? 15 ILE A CA  1 
ATOM   29   C C   . ILE A 1 15 ? -2.617  10.505  -12.640 1.00 22.67 ? 15 ILE A C   1 
ATOM   30   O O   . ILE A 1 15 ? -1.878  9.700   -12.078 1.00 20.85 ? 15 ILE A O   1 
ATOM   31   C CB  . ILE A 1 15 ? -1.094  12.390  -13.416 1.00 26.19 ? 15 ILE A CB  1 
ATOM   32   C CG1 . ILE A 1 15 ? -0.749  13.858  -13.197 1.00 25.21 ? 15 ILE A CG1 1 
ATOM   33   C CG2 . ILE A 1 15 ? -1.394  12.140  -14.909 1.00 17.90 ? 15 ILE A CG2 1 
ATOM   34   C CD1 . ILE A 1 15 ? -1.950  14.783  -13.280 1.00 31.14 ? 15 ILE A CD1 1 
ATOM   35   N N   . ALA A 1 16 ? -3.716  10.152  -13.316 1.00 20.17 ? 16 ALA A N   1 
ATOM   36   C CA  . ALA A 1 16 ? -4.126  8.762   -13.533 1.00 19.24 ? 16 ALA A CA  1 
ATOM   37   C C   . ALA A 1 16 ? -3.248  8.101   -14.579 1.00 18.90 ? 16 ALA A C   1 
ATOM   38   O O   . ALA A 1 16 ? -3.098  8.630   -15.680 1.00 21.97 ? 16 ALA A O   1 
ATOM   39   C CB  . ALA A 1 16 ? -5.560  8.710   -13.973 1.00 12.17 ? 16 ALA A CB  1 
ATOM   40   N N   . LYS A 1 17 ? -2.667  6.952   -14.231 1.00 19.31 ? 17 LYS A N   1 
ATOM   41   C CA  . LYS A 1 17 ? -1.788  6.187   -15.120 1.00 19.84 ? 17 LYS A CA  1 
ATOM   42   C C   . LYS A 1 17 ? -2.602  5.327   -16.043 1.00 20.78 ? 17 LYS A C   1 
ATOM   43   O O   . LYS A 1 17 ? -2.111  4.913   -17.086 1.00 21.29 ? 17 LYS A O   1 
ATOM   44   C CB  . LYS A 1 17 ? -0.907  5.201   -14.353 1.00 19.60 ? 17 LYS A CB  1 
ATOM   45   C CG  . LYS A 1 17 ? 0.061   5.745   -13.347 1.00 23.31 ? 17 LYS A CG  1 
ATOM   46   C CD  . LYS A 1 17 ? 0.640   4.573   -12.554 1.00 27.16 ? 17 LYS A CD  1 
ATOM   47   C CE  . LYS A 1 17 ? 1.354   5.064   -11.322 1.00 27.97 ? 17 LYS A CE  1 
ATOM   48   N NZ  . LYS A 1 17 ? 1.899   3.954   -10.498 1.00 39.25 ? 17 LYS A NZ  1 
ATOM   49   N N   . TYR A 1 18 ? -3.786  4.932   -15.580 1.00 20.81 ? 18 TYR A N   1 
ATOM   50   C CA  . TYR A 1 18 ? -4.663  4.059   -16.354 1.00 21.60 ? 18 TYR A CA  1 
ATOM   51   C C   . TYR A 1 18 ? -6.107  4.474   -16.227 1.00 21.21 ? 18 TYR A C   1 
ATOM   52   O O   . TYR A 1 18 ? -6.467  5.305   -15.397 1.00 22.89 ? 18 TYR A O   1 
ATOM   53   C CB  . TYR A 1 18 ? -4.580  2.605   -15.868 1.00 19.63 ? 18 TYR A CB  1 
ATOM   54   C CG  . TYR A 1 18 ? -3.247  2.181   -15.313 1.00 20.10 ? 18 TYR A CG  1 
ATOM   55   C CD1 . TYR A 1 18 ? -2.208  1.778   -16.155 1.00 24.43 ? 18 TYR A CD1 1 
ATOM   56   C CD2 . TYR A 1 18 ? -3.031  2.157   -13.945 1.00 22.13 ? 18 TYR A CD2 1 
ATOM   57   C CE1 . TYR A 1 18 ? -0.977  1.352   -15.632 1.00 22.58 ? 18 TYR A CE1 1 
ATOM   58   C CE2 . TYR A 1 18 ? -1.809  1.748   -13.407 1.00 24.72 ? 18 TYR A CE2 1 
ATOM   59   C CZ  . TYR A 1 18 ? -0.784  1.348   -14.253 1.00 25.53 ? 18 TYR A CZ  1 
ATOM   60   O OH  . TYR A 1 18 ? 0.433   0.982   -13.715 1.00 26.19 ? 18 TYR A OH  1 
ATOM   61   N N   . ASN A 1 19 ? -6.929  3.871   -17.071 1.00 21.44 ? 19 ASN A N   1 
ATOM   62   C CA  . ASN A 1 19 ? -8.348  4.124   -17.058 1.00 20.84 ? 19 ASN A CA  1 
ATOM   63   C C   . ASN A 1 19 ? -8.862  3.265   -15.909 1.00 20.35 ? 19 ASN A C   1 
ATOM   64   O O   . ASN A 1 19 ? -8.361  2.151   -15.681 1.00 20.40 ? 19 ASN A O   1 
ATOM   65   C CB  . ASN A 1 19 ? -9.003  3.656   -18.378 1.00 26.38 ? 19 ASN A CB  1 
ATOM   66   C CG  . ASN A 1 19 ? -8.783  4.626   -19.541 1.00 27.66 ? 19 ASN A CG  1 
ATOM   67   O OD1 . ASN A 1 19 ? -8.450  5.793   -19.347 1.00 37.25 ? 19 ASN A OD1 1 
ATOM   68   N ND2 . ASN A 1 19 ? -9.015  4.150   -20.754 1.00 32.95 ? 19 ASN A ND2 1 
ATOM   69   N N   . PHE A 1 20 ? -9.872  3.769   -15.207 1.00 18.75 ? 20 PHE A N   1 
ATOM   70   C CA  . PHE A 1 20 ? -10.475 3.064   -14.087 1.00 16.43 ? 20 PHE A CA  1 
ATOM   71   C C   . PHE A 1 20 ? -11.994 3.100   -14.225 1.00 17.39 ? 20 PHE A C   1 
ATOM   72   O O   . PHE A 1 20 ? -12.570 4.181   -14.361 1.00 19.72 ? 20 PHE A O   1 
ATOM   73   C CB  . PHE A 1 20 ? -10.065 3.734   -12.783 1.00 9.43  ? 20 PHE A CB  1 
ATOM   74   C CG  . PHE A 1 20 ? -10.653 3.104   -11.576 1.00 4.78  ? 20 PHE A CG  1 
ATOM   75   C CD1 . PHE A 1 20 ? -10.358 1.798   -11.249 1.00 3.56  ? 20 PHE A CD1 1 
ATOM   76   C CD2 . PHE A 1 20 ? -11.524 3.793   -10.791 1.00 3.51  ? 20 PHE A CD2 1 
ATOM   77   C CE1 . PHE A 1 20 ? -10.928 1.200   -10.164 1.00 2.00  ? 20 PHE A CE1 1 
ATOM   78   C CE2 . PHE A 1 20 ? -12.104 3.200   -9.697  1.00 2.00  ? 20 PHE A CE2 1 
ATOM   79   C CZ  . PHE A 1 20 ? -11.810 1.909   -9.383  1.00 2.00  ? 20 PHE A CZ  1 
ATOM   80   N N   . HIS A 1 21 ? -12.622 1.925   -14.329 1.00 18.01 ? 21 HIS A N   1 
ATOM   81   C CA  . HIS A 1 21 ? -14.093 1.823   -14.397 1.00 19.24 ? 21 HIS A CA  1 
ATOM   82   C C   . HIS A 1 21 ? -14.377 1.363   -12.980 1.00 18.84 ? 21 HIS A C   1 
ATOM   83   O O   . HIS A 1 21 ? -13.760 0.424   -12.510 1.00 22.38 ? 21 HIS A O   1 
ATOM   84   C CB  . HIS A 1 21 ? -14.520 0.773   -15.411 1.00 18.40 ? 21 HIS A CB  1 
ATOM   85   C CG  . HIS A 1 21 ? -14.289 1.203   -16.824 1.00 27.04 ? 21 HIS A CG  1 
ATOM   86   N ND1 . HIS A 1 21 ? -13.099 0.982   -17.486 1.00 29.76 ? 21 HIS A ND1 1 
ATOM   87   C CD2 . HIS A 1 21 ? -15.075 1.897   -17.685 1.00 30.18 ? 21 HIS A CD2 1 
ATOM   88   C CE1 . HIS A 1 21 ? -13.158 1.520   -18.691 1.00 30.33 ? 21 HIS A CE1 1 
ATOM   89   N NE2 . HIS A 1 21 ? -14.347 2.081   -18.838 1.00 34.76 ? 21 HIS A NE2 1 
ATOM   90   N N   . GLY A 1 22 ? -15.246 2.038   -12.266 1.00 16.31 ? 22 GLY A N   1 
ATOM   91   C CA  . GLY A 1 22 ? -15.440 1.646   -10.884 1.00 16.08 ? 22 GLY A CA  1 
ATOM   92   C C   . GLY A 1 22 ? -15.720 0.186   -10.651 1.00 15.68 ? 22 GLY A C   1 
ATOM   93   O O   . GLY A 1 22 ? -16.123 -0.505  -11.566 1.00 16.67 ? 22 GLY A O   1 
ATOM   94   N N   . THR A 1 23 ? -15.501 -0.269  -9.423  1.00 15.85 ? 23 THR A N   1 
ATOM   95   C CA  . THR A 1 23 ? -15.782 -1.639  -9.025  1.00 16.87 ? 23 THR A CA  1 
ATOM   96   C C   . THR A 1 23 ? -16.973 -1.686  -8.028  1.00 17.83 ? 23 THR A C   1 
ATOM   97   O O   . THR A 1 23 ? -17.574 -2.734  -7.823  1.00 20.87 ? 23 THR A O   1 
ATOM   98   C CB  . THR A 1 23 ? -14.567 -2.280  -8.334  1.00 14.86 ? 23 THR A CB  1 
ATOM   99   O OG1 . THR A 1 23 ? -14.204 -1.488  -7.198  1.00 22.29 ? 23 THR A OG1 1 
ATOM   100  C CG2 . THR A 1 23 ? -13.376 -2.343  -9.262  1.00 15.64 ? 23 THR A CG2 1 
ATOM   101  N N   . ALA A 1 24 ? -17.312 -0.561  -7.399  1.00 19.19 ? 24 ALA A N   1 
ATOM   102  C CA  . ALA A 1 24 ? -18.404 -0.520  -6.416  1.00 17.16 ? 24 ALA A CA  1 
ATOM   103  C C   . ALA A 1 24 ? -19.022 0.851   -6.371  1.00 18.21 ? 24 ALA A C   1 
ATOM   104  O O   . ALA A 1 24 ? -18.408 1.822   -6.810  1.00 21.11 ? 24 ALA A O   1 
ATOM   105  C CB  . ALA A 1 24 ? -17.898 -0.879  -5.055  1.00 12.57 ? 24 ALA A CB  1 
ATOM   106  N N   . GLU A 1 25 ? -20.192 0.941   -5.751  1.00 19.28 ? 25 GLU A N   1 
ATOM   107  C CA  . GLU A 1 25 ? -20.942 2.185   -5.675  1.00 21.03 ? 25 GLU A CA  1 
ATOM   108  C C   . GLU A 1 25 ? -20.098 3.407   -5.340  1.00 20.20 ? 25 GLU A C   1 
ATOM   109  O O   . GLU A 1 25 ? -20.232 4.441   -5.981  1.00 20.55 ? 25 GLU A O   1 
ATOM   110  C CB  . GLU A 1 25 ? -22.127 2.028   -4.686  1.00 26.37 ? 25 GLU A CB  1 
ATOM   111  C CG  . GLU A 1 25 ? -22.744 3.343   -4.083  1.00 39.10 ? 25 GLU A CG  1 
ATOM   112  C CD  . GLU A 1 25 ? -23.666 4.150   -5.038  1.00 46.75 ? 25 GLU A CD  1 
ATOM   113  O OE1 . GLU A 1 25 ? -23.543 4.029   -6.279  1.00 54.82 ? 25 GLU A OE1 1 
ATOM   114  O OE2 . GLU A 1 25 ? -24.519 4.928   -4.540  1.00 49.47 ? 25 GLU A OE2 1 
ATOM   115  N N   . GLN A 1 26 ? -19.181 3.262   -4.396  1.00 18.86 ? 26 GLN A N   1 
ATOM   116  C CA  . GLN A 1 26 ? -18.364 4.379   -3.955  1.00 18.84 ? 26 GLN A CA  1 
ATOM   117  C C   . GLN A 1 26 ? -17.133 4.758   -4.772  1.00 18.64 ? 26 GLN A C   1 
ATOM   118  O O   . GLN A 1 26 ? -16.472 5.740   -4.450  1.00 18.33 ? 26 GLN A O   1 
ATOM   119  C CB  . GLN A 1 26 ? -17.897 4.118   -2.539  1.00 23.12 ? 26 GLN A CB  1 
ATOM   120  C CG  . GLN A 1 26 ? -16.750 3.119   -2.456  1.00 31.91 ? 26 GLN A CG  1 
ATOM   121  C CD  . GLN A 1 26 ? -17.218 1.702   -2.291  1.00 39.20 ? 26 GLN A CD  1 
ATOM   122  O OE1 . GLN A 1 26 ? -18.286 1.319   -2.789  1.00 46.53 ? 26 GLN A OE1 1 
ATOM   123  N NE2 . GLN A 1 26 ? -16.439 0.909   -1.562  1.00 38.86 ? 26 GLN A NE2 1 
ATOM   124  N N   . ASP A 1 27 ? -16.791 3.979   -5.786  1.00 17.01 ? 27 ASP A N   1 
ATOM   125  C CA  . ASP A 1 27 ? -15.599 4.274   -6.554  1.00 16.02 ? 27 ASP A CA  1 
ATOM   126  C C   . ASP A 1 27 ? -15.718 5.496   -7.434  1.00 15.23 ? 27 ASP A C   1 
ATOM   127  O O   . ASP A 1 27 ? -16.809 5.850   -7.860  1.00 16.77 ? 27 ASP A O   1 
ATOM   128  C CB  . ASP A 1 27 ? -15.221 3.079   -7.429  1.00 15.65 ? 27 ASP A CB  1 
ATOM   129  C CG  . ASP A 1 27 ? -14.794 1.873   -6.635  1.00 13.98 ? 27 ASP A CG  1 
ATOM   130  O OD1 . ASP A 1 27 ? -15.048 1.822   -5.420  1.00 17.26 ? 27 ASP A OD1 1 
ATOM   131  O OD2 . ASP A 1 27 ? -14.198 0.968   -7.241  1.00 14.58 ? 27 ASP A OD2 1 
ATOM   132  N N   . LEU A 1 28 ? -14.575 6.118   -7.719  1.00 13.92 ? 28 LEU A N   1 
ATOM   133  C CA  . LEU A 1 28 ? -14.520 7.270   -8.591  1.00 12.18 ? 28 LEU A CA  1 
ATOM   134  C C   . LEU A 1 28 ? -13.848 6.797   -9.858  1.00 13.34 ? 28 LEU A C   1 
ATOM   135  O O   . LEU A 1 28 ? -12.675 6.425   -9.827  1.00 15.13 ? 28 LEU A O   1 
ATOM   136  C CB  . LEU A 1 28 ? -13.671 8.413   -7.997  1.00 9.59  ? 28 LEU A CB  1 
ATOM   137  C CG  . LEU A 1 28 ? -13.609 9.619   -8.959  1.00 6.05  ? 28 LEU A CG  1 
ATOM   138  C CD1 . LEU A 1 28 ? -14.994 10.072  -9.357  1.00 2.00  ? 28 LEU A CD1 1 
ATOM   139  C CD2 . LEU A 1 28 ? -12.865 10.739  -8.394  1.00 2.00  ? 28 LEU A CD2 1 
ATOM   140  N N   . PRO A 1 29 ? -14.598 6.720   -10.971 1.00 13.33 ? 29 PRO A N   1 
ATOM   141  C CA  . PRO A 1 29 ? -14.042 6.289   -12.263 1.00 12.38 ? 29 PRO A CA  1 
ATOM   142  C C   . PRO A 1 29 ? -13.238 7.455   -12.842 1.00 13.60 ? 29 PRO A C   1 
ATOM   143  O O   . PRO A 1 29 ? -13.432 8.615   -12.465 1.00 14.28 ? 29 PRO A O   1 
ATOM   144  C CB  . PRO A 1 29 ? -15.285 6.044   -13.118 1.00 8.35  ? 29 PRO A CB  1 
ATOM   145  C CG  . PRO A 1 29 ? -16.405 5.920   -12.111 1.00 9.76  ? 29 PRO A CG  1 
ATOM   146  C CD  . PRO A 1 29 ? -16.056 6.889   -11.052 1.00 11.09 ? 29 PRO A CD  1 
ATOM   147  N N   . PHE A 1 30 ? -12.331 7.178   -13.753 1.00 13.01 ? 30 PHE A N   1 
ATOM   148  C CA  . PHE A 1 30 ? -11.566 8.264   -14.313 1.00 15.40 ? 30 PHE A CA  1 
ATOM   149  C C   . PHE A 1 30 ? -10.830 7.759   -15.497 1.00 17.11 ? 30 PHE A C   1 
ATOM   150  O O   . PHE A 1 30 ? -10.852 6.572   -15.766 1.00 18.11 ? 30 PHE A O   1 
ATOM   151  C CB  . PHE A 1 30 ? -10.613 8.905   -13.289 1.00 15.16 ? 30 PHE A CB  1 
ATOM   152  C CG  . PHE A 1 30 ? -9.695  7.944   -12.612 1.00 13.01 ? 30 PHE A CG  1 
ATOM   153  C CD1 . PHE A 1 30 ? -8.486  7.592   -13.193 1.00 15.28 ? 30 PHE A CD1 1 
ATOM   154  C CD2 . PHE A 1 30 ? -10.042 7.382   -11.391 1.00 14.06 ? 30 PHE A CD2 1 
ATOM   155  C CE1 . PHE A 1 30 ? -7.636  6.693   -12.570 1.00 13.66 ? 30 PHE A CE1 1 
ATOM   156  C CE2 . PHE A 1 30 ? -9.202  6.484   -10.761 1.00 13.80 ? 30 PHE A CE2 1 
ATOM   157  C CZ  . PHE A 1 30 ? -7.996  6.136   -11.348 1.00 11.23 ? 30 PHE A CZ  1 
ATOM   158  N N   . CYS A 1 31 ? -10.226 8.670   -16.240 1.00 20.02 ? 31 CYS A N   1 
ATOM   159  C CA  . CYS A 1 31 ? -9.488  8.303   -17.433 1.00 22.48 ? 31 CYS A CA  1 
ATOM   160  C C   . CYS A 1 31 ? -8.000  8.559   -17.294 1.00 22.24 ? 31 CYS A C   1 
ATOM   161  O O   . CYS A 1 31 ? -7.575  9.376   -16.483 1.00 22.00 ? 31 CYS A O   1 
ATOM   162  C CB  . CYS A 1 31 ? -10.042 9.063   -18.640 1.00 26.87 ? 31 CYS A CB  1 
ATOM   163  S SG  . CYS A 1 31 ? -11.740 8.592   -19.101 1.00 29.02 ? 31 CYS A SG  1 
ATOM   164  N N   . LYS A 1 32 ? -7.221  7.801   -18.054 1.00 22.60 ? 32 LYS A N   1 
ATOM   165  C CA  . LYS A 1 32 ? -5.779  7.909   -18.078 1.00 23.78 ? 32 LYS A CA  1 
ATOM   166  C C   . LYS A 1 32 ? -5.491  9.374   -18.378 1.00 23.19 ? 32 LYS A C   1 
ATOM   167  O O   . LYS A 1 32 ? -6.152  9.981   -19.216 1.00 25.56 ? 32 LYS A O   1 
ATOM   168  C CB  . LYS A 1 32 ? -5.264  7.024   -19.212 1.00 26.62 ? 32 LYS A CB  1 
ATOM   169  C CG  . LYS A 1 32 ? -3.752  6.970   -19.410 1.00 34.84 ? 32 LYS A CG  1 
ATOM   170  C CD  . LYS A 1 32 ? -3.417  6.202   -20.709 1.00 43.60 ? 32 LYS A CD  1 
ATOM   171  C CE  . LYS A 1 32 ? -1.930  6.212   -21.075 1.00 43.69 ? 32 LYS A CE  1 
ATOM   172  N NZ  . LYS A 1 32 ? -1.125  5.222   -20.296 1.00 53.45 ? 32 LYS A NZ  1 
ATOM   173  N N   . GLY A 1 33 ? -4.558  9.967   -17.658 1.00 22.91 ? 33 GLY A N   1 
ATOM   174  C CA  . GLY A 1 33 ? -4.245  11.357  -17.908 1.00 21.30 ? 33 GLY A CA  1 
ATOM   175  C C   . GLY A 1 33 ? -4.984  12.308  -16.991 1.00 22.05 ? 33 GLY A C   1 
ATOM   176  O O   . GLY A 1 33 ? -4.502  13.412  -16.745 1.00 24.15 ? 33 GLY A O   1 
ATOM   177  N N   . ASP A 1 34 ? -6.127  11.884  -16.456 1.00 21.88 ? 34 ASP A N   1 
ATOM   178  C CA  . ASP A 1 34 ? -6.919  12.717  -15.567 1.00 20.04 ? 34 ASP A CA  1 
ATOM   179  C C   . ASP A 1 34 ? -6.140  13.240  -14.400 1.00 20.33 ? 34 ASP A C   1 
ATOM   180  O O   . ASP A 1 34 ? -5.240  12.587  -13.914 1.00 21.99 ? 34 ASP A O   1 
ATOM   181  C CB  . ASP A 1 34 ? -8.118  11.953  -15.041 1.00 23.72 ? 34 ASP A CB  1 
ATOM   182  C CG  . ASP A 1 34 ? -9.251  11.901  -16.031 1.00 25.80 ? 34 ASP A CG  1 
ATOM   183  O OD1 . ASP A 1 34 ? -9.017  12.172  -17.219 1.00 35.31 ? 34 ASP A OD1 1 
ATOM   184  O OD2 . ASP A 1 34 ? -10.386 11.585  -15.630 1.00 33.74 ? 34 ASP A OD2 1 
ATOM   185  N N   . VAL A 1 35 ? -6.501  14.425  -13.942 1.00 20.04 ? 35 VAL A N   1 
ATOM   186  C CA  . VAL A 1 35 ? -5.837  15.020  -12.814 1.00 19.96 ? 35 VAL A CA  1 
ATOM   187  C C   . VAL A 1 35 ? -6.844  14.952  -11.658 1.00 22.02 ? 35 VAL A C   1 
ATOM   188  O O   . VAL A 1 35 ? -7.987  15.427  -11.780 1.00 23.59 ? 35 VAL A O   1 
ATOM   189  C CB  . VAL A 1 35 ? -5.493  16.462  -13.139 1.00 21.51 ? 35 VAL A CB  1 
ATOM   190  C CG1 . VAL A 1 35 ? -4.531  17.028  -12.102 1.00 22.04 ? 35 VAL A CG1 1 
ATOM   191  C CG2 . VAL A 1 35 ? -4.897  16.547  -14.556 1.00 24.16 ? 35 VAL A CG2 1 
ATOM   192  N N   . LEU A 1 36 ? -6.448  14.342  -10.546 1.00 19.76 ? 36 LEU A N   1 
ATOM   193  C CA  . LEU A 1 36 ? -7.344  14.208  -9.408  1.00 16.02 ? 36 LEU A CA  1 
ATOM   194  C C   . LEU A 1 36 ? -6.663  14.772  -8.199  1.00 15.52 ? 36 LEU A C   1 
ATOM   195  O O   . LEU A 1 36 ? -5.463  14.965  -8.214  1.00 15.29 ? 36 LEU A O   1 
ATOM   196  C CB  . LEU A 1 36 ? -7.643  12.733  -9.144  1.00 15.23 ? 36 LEU A CB  1 
ATOM   197  C CG  . LEU A 1 36 ? -8.067  11.890  -10.351 1.00 16.94 ? 36 LEU A CG  1 
ATOM   198  C CD1 . LEU A 1 36 ? -7.279  10.606  -10.342 1.00 13.92 ? 36 LEU A CD1 1 
ATOM   199  C CD2 . LEU A 1 36 ? -9.545  11.620  -10.310 1.00 14.61 ? 36 LEU A CD2 1 
ATOM   200  N N   . THR A 1 37 ? -7.431  15.088  -7.164  1.00 14.42 ? 37 THR A N   1 
ATOM   201  C CA  . THR A 1 37 ? -6.850  15.587  -5.937  1.00 13.79 ? 37 THR A CA  1 
ATOM   202  C C   . THR A 1 37 ? -7.305  14.686  -4.803  1.00 12.55 ? 37 THR A C   1 
ATOM   203  O O   . THR A 1 37 ? -8.499  14.446  -4.627  1.00 12.24 ? 37 THR A O   1 
ATOM   204  C CB  . THR A 1 37 ? -7.153  17.086  -5.687  1.00 15.29 ? 37 THR A CB  1 
ATOM   205  O OG1 . THR A 1 37 ? -7.331  17.334  -4.282  1.00 17.19 ? 37 THR A OG1 1 
ATOM   206  C CG2 . THR A 1 37 ? -8.349  17.529  -6.470  1.00 13.76 ? 37 THR A CG2 1 
ATOM   207  N N   . ILE A 1 38 ? -6.325  14.078  -4.142  1.00 12.30 ? 38 ILE A N   1 
ATOM   208  C CA  . ILE A 1 38 ? -6.555  13.178  -3.023  1.00 13.93 ? 38 ILE A CA  1 
ATOM   209  C C   . ILE A 1 38 ? -7.067  14.036  -1.909  1.00 13.55 ? 38 ILE A C   1 
ATOM   210  O O   . ILE A 1 38 ? -6.385  14.908  -1.417  1.00 16.54 ? 38 ILE A O   1 
ATOM   211  C CB  . ILE A 1 38 ? -5.289  12.503  -2.546  1.00 11.42 ? 38 ILE A CB  1 
ATOM   212  C CG1 . ILE A 1 38 ? -4.504  11.925  -3.723  1.00 12.14 ? 38 ILE A CG1 1 
ATOM   213  C CG2 . ILE A 1 38 ? -5.653  11.459  -1.551  1.00 16.16 ? 38 ILE A CG2 1 
ATOM   214  C CD1 . ILE A 1 38 ? -5.300  11.071  -4.635  1.00 13.82 ? 38 ILE A CD1 1 
ATOM   215  N N   . VAL A 1 39 ? -8.287  13.774  -1.518  1.00 16.04 ? 39 VAL A N   1 
ATOM   216  C CA  . VAL A 1 39 ? -8.950  14.569  -0.522  1.00 14.60 ? 39 VAL A CA  1 
ATOM   217  C C   . VAL A 1 39 ? -8.874  13.904  0.856   1.00 16.98 ? 39 VAL A C   1 
ATOM   218  O O   . VAL A 1 39 ? -9.000  14.567  1.876   1.00 16.60 ? 39 VAL A O   1 
ATOM   219  C CB  . VAL A 1 39 ? -10.388 14.822  -1.055  1.00 13.41 ? 39 VAL A CB  1 
ATOM   220  C CG1 . VAL A 1 39 ? -11.444 14.206  -0.189  1.00 12.28 ? 39 VAL A CG1 1 
ATOM   221  C CG2 . VAL A 1 39 ? -10.601 16.290  -1.316  1.00 15.97 ? 39 VAL A CG2 1 
ATOM   222  N N   . ALA A 1 40 ? -8.623  12.596  0.892   1.00 17.59 ? 40 ALA A N   1 
ATOM   223  C CA  . ALA A 1 40 ? -8.510  11.860  2.160   1.00 17.97 ? 40 ALA A CA  1 
ATOM   224  C C   . ALA A 1 40 ? -7.931  10.473  1.930   1.00 17.41 ? 40 ALA A C   1 
ATOM   225  O O   . ALA A 1 40 ? -7.960  9.942   0.819   1.00 18.12 ? 40 ALA A O   1 
ATOM   226  C CB  . ALA A 1 40 ? -9.839  11.751  2.871   1.00 16.74 ? 40 ALA A CB  1 
ATOM   227  N N   . VAL A 1 41 ? -7.431  9.903   3.008   1.00 15.48 ? 41 VAL A N   1 
ATOM   228  C CA  . VAL A 1 41 ? -6.779  8.618   3.022   1.00 15.10 ? 41 VAL A CA  1 
ATOM   229  C C   . VAL A 1 41 ? -7.847  7.692   3.600   1.00 17.59 ? 41 VAL A C   1 
ATOM   230  O O   . VAL A 1 41 ? -8.753  8.176   4.275   1.00 20.34 ? 41 VAL A O   1 
ATOM   231  C CB  . VAL A 1 41 ? -5.481  8.775   3.896   1.00 10.17 ? 41 VAL A CB  1 
ATOM   232  C CG1 . VAL A 1 41 ? -5.480  7.917   5.127   1.00 6.90  ? 41 VAL A CG1 1 
ATOM   233  C CG2 . VAL A 1 41 ? -4.282  8.571   3.066   1.00 7.66  ? 41 VAL A CG2 1 
ATOM   234  N N   . THR A 1 42 ? -7.825  6.400   3.278   1.00 18.64 ? 42 THR A N   1 
ATOM   235  C CA  . THR A 1 42 ? -8.847  5.509   3.825   1.00 19.67 ? 42 THR A CA  1 
ATOM   236  C C   . THR A 1 42 ? -8.238  4.475   4.779   1.00 20.49 ? 42 THR A C   1 
ATOM   237  O O   . THR A 1 42 ? -7.041  4.480   5.054   1.00 19.95 ? 42 THR A O   1 
ATOM   238  C CB  . THR A 1 42 ? -9.655  4.753   2.718   1.00 17.99 ? 42 THR A CB  1 
ATOM   239  O OG1 . THR A 1 42 ? -8.891  3.645   2.241   1.00 22.97 ? 42 THR A OG1 1 
ATOM   240  C CG2 . THR A 1 42 ? -9.975  5.652   1.539   1.00 20.08 ? 42 THR A CG2 1 
ATOM   241  N N   . LYS A 1 43 ? -9.090  3.607   5.299   1.00 21.16 ? 43 LYS A N   1 
ATOM   242  C CA  . LYS A 1 43 ? -8.671  2.531   6.185   1.00 23.85 ? 43 LYS A CA  1 
ATOM   243  C C   . LYS A 1 43 ? -7.740  1.548   5.432   1.00 23.36 ? 43 LYS A C   1 
ATOM   244  O O   . LYS A 1 43 ? -6.941  0.819   6.042   1.00 26.68 ? 43 LYS A O   1 
ATOM   245  C CB  . LYS A 1 43 ? -9.926  1.790   6.689   1.00 27.43 ? 43 LYS A CB  1 
ATOM   246  C CG  . LYS A 1 43 ? -10.927 1.381   5.556   1.00 35.15 ? 43 LYS A CG  1 
ATOM   247  C CD  . LYS A 1 43 ? -12.331 2.079   5.662   1.00 37.85 ? 43 LYS A CD  1 
ATOM   248  C CE  . LYS A 1 43 ? -12.538 3.305   4.716   1.00 35.71 ? 43 LYS A CE  1 
ATOM   249  N NZ  . LYS A 1 43 ? -12.562 4.677   5.366   1.00 22.38 ? 43 LYS A NZ  1 
ATOM   250  N N   . ASP A 1 44 ? -7.843  1.525   4.109   1.00 22.01 ? 44 ASP A N   1 
ATOM   251  C CA  . ASP A 1 44 ? -7.019  0.641   3.297   1.00 18.38 ? 44 ASP A CA  1 
ATOM   252  C C   . ASP A 1 44 ? -5.969  1.464   2.567   1.00 15.50 ? 44 ASP A C   1 
ATOM   253  O O   . ASP A 1 44 ? -6.300  2.440   1.903   1.00 15.99 ? 44 ASP A O   1 
ATOM   254  C CB  . ASP A 1 44 ? -7.920  -0.052  2.286   1.00 20.73 ? 44 ASP A CB  1 
ATOM   255  C CG  . ASP A 1 44 ? -7.277  -1.267  1.642   1.00 23.69 ? 44 ASP A CG  1 
ATOM   256  O OD1 . ASP A 1 44 ? -6.037  -1.288  1.419   1.00 22.40 ? 44 ASP A OD1 1 
ATOM   257  O OD2 . ASP A 1 44 ? -8.050  -2.201  1.323   1.00 26.89 ? 44 ASP A OD2 1 
ATOM   258  N N   . PRO A 1 45 ? -4.681  1.097   2.700   1.00 14.66 ? 45 PRO A N   1 
ATOM   259  C CA  . PRO A 1 45 ? -3.568  1.800   2.044   1.00 12.43 ? 45 PRO A CA  1 
ATOM   260  C C   . PRO A 1 45 ? -3.560  1.792   0.514   1.00 11.56 ? 45 PRO A C   1 
ATOM   261  O O   . PRO A 1 45 ? -2.876  2.607   -0.115  1.00 12.76 ? 45 PRO A O   1 
ATOM   262  C CB  . PRO A 1 45 ? -2.354  1.108   2.633   1.00 12.94 ? 45 PRO A CB  1 
ATOM   263  C CG  . PRO A 1 45 ? -2.804  0.853   4.027   1.00 8.80  ? 45 PRO A CG  1 
ATOM   264  C CD  . PRO A 1 45 ? -4.162  0.261   3.794   1.00 13.05 ? 45 PRO A CD  1 
ATOM   265  N N   . ASN A 1 46 ? -4.340  0.899   -0.085  1.00 11.66 ? 46 ASN A N   1 
ATOM   266  C CA  . ASN A 1 46 ? -4.413  0.810   -1.550  1.00 13.28 ? 46 ASN A CA  1 
ATOM   267  C C   . ASN A 1 46 ? -5.517  1.635   -2.133  1.00 12.04 ? 46 ASN A C   1 
ATOM   268  O O   . ASN A 1 46 ? -5.651  1.680   -3.333  1.00 14.48 ? 46 ASN A O   1 
ATOM   269  C CB  . ASN A 1 46 ? -4.604  -0.626  -2.026  1.00 12.32 ? 46 ASN A CB  1 
ATOM   270  C CG  . ASN A 1 46 ? -3.493  -1.532  -1.569  1.00 14.69 ? 46 ASN A CG  1 
ATOM   271  O OD1 . ASN A 1 46 ? -2.317  -1.187  -1.657  1.00 14.73 ? 46 ASN A OD1 1 
ATOM   272  N ND2 . ASN A 1 46 ? -3.857  -2.673  -1.016  1.00 17.87 ? 46 ASN A ND2 1 
ATOM   273  N N   . TRP A 1 47 ? -6.305  2.277   -1.282  1.00 11.53 ? 47 TRP A N   1 
ATOM   274  C CA  . TRP A 1 47 ? -7.408  3.105   -1.724  1.00 11.16 ? 47 TRP A CA  1 
ATOM   275  C C   . TRP A 1 47 ? -7.356  4.512   -1.089  1.00 12.64 ? 47 TRP A C   1 
ATOM   276  O O   . TRP A 1 47 ? -6.954  4.692   0.076   1.00 16.54 ? 47 TRP A O   1 
ATOM   277  C CB  . TRP A 1 47 ? -8.745  2.402   -1.409  1.00 10.48 ? 47 TRP A CB  1 
ATOM   278  C CG  . TRP A 1 47 ? -8.920  1.102   -2.132  1.00 7.85  ? 47 TRP A CG  1 
ATOM   279  C CD1 . TRP A 1 47 ? -8.452  -0.123  -1.744  1.00 10.96 ? 47 TRP A CD1 1 
ATOM   280  C CD2 . TRP A 1 47 ? -9.550  0.903   -3.403  1.00 7.72  ? 47 TRP A CD2 1 
ATOM   281  N NE1 . TRP A 1 47 ? -8.749  -1.066  -2.696  1.00 11.09 ? 47 TRP A NE1 1 
ATOM   282  C CE2 . TRP A 1 47 ? -9.424  -0.462  -3.725  1.00 6.97  ? 47 TRP A CE2 1 
ATOM   283  C CE3 . TRP A 1 47 ? -10.205 1.743   -4.304  1.00 6.56  ? 47 TRP A CE3 1 
ATOM   284  C CZ2 . TRP A 1 47 ? -9.931  -1.000  -4.909  1.00 9.83  ? 47 TRP A CZ2 1 
ATOM   285  C CZ3 . TRP A 1 47 ? -10.710 1.210   -5.480  1.00 9.58  ? 47 TRP A CZ3 1 
ATOM   286  C CH2 . TRP A 1 47 ? -10.572 -0.149  -5.772  1.00 9.85  ? 47 TRP A CH2 1 
ATOM   287  N N   . TYR A 1 48 ? -7.732  5.513   -1.876  1.00 11.71 ? 48 TYR A N   1 
ATOM   288  C CA  . TYR A 1 48 ? -7.758  6.880   -1.437  1.00 9.55  ? 48 TYR A CA  1 
ATOM   289  C C   . TYR A 1 48 ? -9.096  7.388   -1.818  1.00 10.29 ? 48 TYR A C   1 
ATOM   290  O O   . TYR A 1 48 ? -9.771  6.783   -2.627  1.00 9.73  ? 48 TYR A O   1 
ATOM   291  C CB  . TYR A 1 48 ? -6.765  7.716   -2.223  1.00 10.93 ? 48 TYR A CB  1 
ATOM   292  C CG  . TYR A 1 48 ? -5.336  7.362   -2.019  1.00 10.85 ? 48 TYR A CG  1 
ATOM   293  C CD1 . TYR A 1 48 ? -4.852  7.025   -0.750  1.00 14.75 ? 48 TYR A CD1 1 
ATOM   294  C CD2 . TYR A 1 48 ? -4.454  7.395   -3.080  1.00 11.27 ? 48 TYR A CD2 1 
ATOM   295  C CE1 . TYR A 1 48 ? -3.518  6.728   -0.542  1.00 12.75 ? 48 TYR A CE1 1 
ATOM   296  C CE2 . TYR A 1 48 ? -3.109  7.105   -2.893  1.00 19.63 ? 48 TYR A CE2 1 
ATOM   297  C CZ  . TYR A 1 48 ? -2.642  6.768   -1.613  1.00 21.26 ? 48 TYR A CZ  1 
ATOM   298  O OH  . TYR A 1 48 ? -1.305  6.475   -1.435  1.00 20.45 ? 48 TYR A OH  1 
ATOM   299  N N   . LYS A 1 49 ? -9.455  8.534   -1.255  1.00 12.85 ? 49 LYS A N   1 
ATOM   300  C CA  . LYS A 1 49 ? -10.696 9.219   -1.577  1.00 14.55 ? 49 LYS A CA  1 
ATOM   301  C C   . LYS A 1 49 ? -10.219 10.451  -2.335  1.00 14.13 ? 49 LYS A C   1 
ATOM   302  O O   . LYS A 1 49 ? -9.385  11.202  -1.849  1.00 18.16 ? 49 LYS A O   1 
ATOM   303  C CB  . LYS A 1 49 ? -11.432 9.633   -0.322  1.00 15.68 ? 49 LYS A CB  1 
ATOM   304  C CG  . LYS A 1 49 ? -12.683 10.419  -0.631  1.00 21.76 ? 49 LYS A CG  1 
ATOM   305  C CD  . LYS A 1 49 ? -13.793 10.078  0.345   1.00 33.05 ? 49 LYS A CD  1 
ATOM   306  C CE  . LYS A 1 49 ? -14.710 11.259  0.542   1.00 38.52 ? 49 LYS A CE  1 
ATOM   307  N NZ  . LYS A 1 49 ? -13.971 12.383  1.199   1.00 45.99 ? 49 LYS A NZ  1 
ATOM   308  N N   . ALA A 1 50 ? -10.714 10.670  -3.528  1.00 12.00 ? 50 ALA A N   1 
ATOM   309  C CA  . ALA A 1 50 ? -10.227 11.791  -4.258  1.00 12.77 ? 50 ALA A CA  1 
ATOM   310  C C   . ALA A 1 50 ? -11.377 12.557  -4.814  1.00 15.46 ? 50 ALA A C   1 
ATOM   311  O O   . ALA A 1 50 ? -12.517 12.148  -4.660  1.00 16.90 ? 50 ALA A O   1 
ATOM   312  C CB  . ALA A 1 50 ? -9.371  11.309  -5.349  1.00 15.52 ? 50 ALA A CB  1 
ATOM   313  N N   . LYS A 1 51 ? -11.070 13.653  -5.497  1.00 16.46 ? 51 LYS A N   1 
ATOM   314  C CA  . LYS A 1 51 ? -12.078 14.500  -6.096  1.00 17.39 ? 51 LYS A CA  1 
ATOM   315  C C   . LYS A 1 51 ? -11.606 14.887  -7.495  1.00 18.87 ? 51 LYS A C   1 
ATOM   316  O O   . LYS A 1 51 ? -10.422 15.081  -7.721  1.00 18.72 ? 51 LYS A O   1 
ATOM   317  C CB  . LYS A 1 51 ? -12.209 15.726  -5.244  1.00 20.51 ? 51 LYS A CB  1 
ATOM   318  C CG  . LYS A 1 51 ? -13.310 16.642  -5.613  1.00 27.17 ? 51 LYS A CG  1 
ATOM   319  C CD  . LYS A 1 51 ? -13.358 17.735  -4.579  1.00 35.43 ? 51 LYS A CD  1 
ATOM   320  C CE  . LYS A 1 51 ? -12.004 18.436  -4.461  1.00 39.19 ? 51 LYS A CE  1 
ATOM   321  N NZ  . LYS A 1 51 ? -11.570 19.051  -5.767  1.00 47.32 ? 51 LYS A NZ  1 
ATOM   322  N N   . ASN A 1 52 ? -12.522 14.956  -8.447  1.00 19.89 ? 52 ASN A N   1 
ATOM   323  C CA  . ASN A 1 52 ? -12.140 15.295  -9.794  1.00 21.03 ? 52 ASN A CA  1 
ATOM   324  C C   . ASN A 1 52 ? -12.486 16.733  -10.161 1.00 23.89 ? 52 ASN A C   1 
ATOM   325  O O   . ASN A 1 52 ? -13.021 17.490  -9.354  1.00 24.51 ? 52 ASN A O   1 
ATOM   326  C CB  . ASN A 1 52 ? -12.736 14.294  -10.784 1.00 17.08 ? 52 ASN A CB  1 
ATOM   327  C CG  . ASN A 1 52 ? -14.217 14.435  -10.940 1.00 15.74 ? 52 ASN A CG  1 
ATOM   328  O OD1 . ASN A 1 52 ? -14.848 15.286  -10.317 1.00 24.29 ? 52 ASN A OD1 1 
ATOM   329  N ND2 . ASN A 1 52 ? -14.792 13.609  -11.785 1.00 8.27  ? 52 ASN A ND2 1 
ATOM   330  N N   . LYS A 1 53 ? -12.229 17.075  -11.417 1.00 27.16 ? 53 LYS A N   1 
ATOM   331  C CA  . LYS A 1 53 ? -12.434 18.417  -11.950 1.00 28.21 ? 53 LYS A CA  1 
ATOM   332  C C   . LYS A 1 53 ? -13.808 18.964  -11.683 1.00 27.46 ? 53 LYS A C   1 
ATOM   333  O O   . LYS A 1 53 ? -13.958 19.985  -11.049 1.00 29.34 ? 53 LYS A O   1 
ATOM   334  C CB  . LYS A 1 53 ? -12.197 18.432  -13.464 1.00 32.42 ? 53 LYS A CB  1 
ATOM   335  C CG  . LYS A 1 53 ? -10.784 18.008  -13.933 1.00 40.21 ? 53 LYS A CG  1 
ATOM   336  C CD  . LYS A 1 53 ? -10.724 16.548  -14.469 1.00 44.28 ? 53 LYS A CD  1 
ATOM   337  C CE  . LYS A 1 53 ? -10.484 15.520  -13.364 1.00 38.53 ? 53 LYS A CE  1 
ATOM   338  N NZ  . LYS A 1 53 ? -10.744 14.123  -13.814 1.00 47.00 ? 53 LYS A NZ  1 
ATOM   339  N N   . VAL A 1 54 ? -14.814 18.271  -12.178 1.00 27.04 ? 54 VAL A N   1 
ATOM   340  C CA  . VAL A 1 54 ? -16.184 18.716  -12.033 1.00 26.49 ? 54 VAL A CA  1 
ATOM   341  C C   . VAL A 1 54 ? -16.747 18.564  -10.614 1.00 25.52 ? 54 VAL A C   1 
ATOM   342  O O   . VAL A 1 54 ? -17.915 18.854  -10.381 1.00 26.95 ? 54 VAL A O   1 
ATOM   343  C CB  . VAL A 1 54 ? -17.080 17.999  -13.067 1.00 26.09 ? 54 VAL A CB  1 
ATOM   344  C CG1 . VAL A 1 54 ? -17.239 16.523  -12.701 1.00 26.97 ? 54 VAL A CG1 1 
ATOM   345  C CG2 . VAL A 1 54 ? -18.449 18.686  -13.178 1.00 35.66 ? 54 VAL A CG2 1 
ATOM   346  N N   . GLY A 1 55 ? -15.948 18.063  -9.674  1.00 24.97 ? 55 GLY A N   1 
ATOM   347  C CA  . GLY A 1 55 ? -16.431 17.942  -8.301  1.00 20.40 ? 55 GLY A CA  1 
ATOM   348  C C   . GLY A 1 55 ? -16.953 16.616  -7.782  1.00 19.07 ? 55 GLY A C   1 
ATOM   349  O O   . GLY A 1 55 ? -17.436 16.534  -6.639  1.00 19.11 ? 55 GLY A O   1 
ATOM   350  N N   . ARG A 1 56 ? -16.856 15.573  -8.593  1.00 16.17 ? 56 ARG A N   1 
ATOM   351  C CA  . ARG A 1 56 ? -17.332 14.273  -8.177  1.00 14.37 ? 56 ARG A CA  1 
ATOM   352  C C   . ARG A 1 56 ? -16.285 13.638  -7.262  1.00 12.51 ? 56 ARG A C   1 
ATOM   353  O O   . ARG A 1 56 ? -15.099 13.876  -7.441  1.00 15.13 ? 56 ARG A O   1 
ATOM   354  C CB  . ARG A 1 56 ? -17.565 13.435  -9.418  1.00 16.88 ? 56 ARG A CB  1 
ATOM   355  C CG  . ARG A 1 56 ? -18.251 12.124  -9.176  1.00 19.74 ? 56 ARG A CG  1 
ATOM   356  C CD  . ARG A 1 56 ? -18.447 11.446  -10.488 1.00 23.54 ? 56 ARG A CD  1 
ATOM   357  N NE  . ARG A 1 56 ? -18.991 10.101  -10.366 1.00 26.92 ? 56 ARG A NE  1 
ATOM   358  C CZ  . ARG A 1 56 ? -19.233 9.311   -11.407 1.00 29.04 ? 56 ARG A CZ  1 
ATOM   359  N NH1 . ARG A 1 56 ? -18.974 9.730   -12.648 1.00 25.96 ? 56 ARG A NH1 1 
ATOM   360  N NH2 . ARG A 1 56 ? -19.776 8.115   -11.213 1.00 33.76 ? 56 ARG A NH2 1 
ATOM   361  N N   . GLU A 1 57 ? -16.709 12.874  -6.261  1.00 9.99  ? 57 GLU A N   1 
ATOM   362  C CA  . GLU A 1 57 ? -15.771 12.227  -5.356  1.00 9.17  ? 57 GLU A CA  1 
ATOM   363  C C   . GLU A 1 57 ? -16.039 10.771  -5.207  1.00 9.13  ? 57 GLU A C   1 
ATOM   364  O O   . GLU A 1 57 ? -17.161 10.320  -5.371  1.00 12.70 ? 57 GLU A O   1 
ATOM   365  C CB  . GLU A 1 57 ? -15.824 12.821  -3.968  1.00 12.12 ? 57 GLU A CB  1 
ATOM   366  C CG  . GLU A 1 57 ? -15.127 14.139  -3.862  1.00 19.92 ? 57 GLU A CG  1 
ATOM   367  C CD  . GLU A 1 57 ? -15.096 14.658  -2.455  1.00 21.62 ? 57 GLU A CD  1 
ATOM   368  O OE1 . GLU A 1 57 ? -14.967 13.848  -1.507  1.00 25.76 ? 57 GLU A OE1 1 
ATOM   369  O OE2 . GLU A 1 57 ? -15.195 15.887  -2.305  1.00 27.04 ? 57 GLU A OE2 1 
ATOM   370  N N   . GLY A 1 58 ? -15.017 10.024  -4.826  1.00 10.60 ? 58 GLY A N   1 
ATOM   371  C CA  . GLY A 1 58 ? -15.196 8.602   -4.643  1.00 6.84  ? 58 GLY A CA  1 
ATOM   372  C C   . GLY A 1 58 ? -13.861 8.021   -4.312  1.00 7.55  ? 58 GLY A C   1 
ATOM   373  O O   . GLY A 1 58 ? -12.875 8.732   -4.245  1.00 7.61  ? 58 GLY A O   1 
ATOM   374  N N   . ILE A 1 59 ? -13.830 6.712   -4.153  1.00 9.76  ? 59 ILE A N   1 
ATOM   375  C CA  . ILE A 1 59 ? -12.637 5.969   -3.797  1.00 11.31 ? 59 ILE A CA  1 
ATOM   376  C C   . ILE A 1 59 ? -11.912 5.520   -5.077  1.00 11.84 ? 59 ILE A C   1 
ATOM   377  O O   . ILE A 1 59 ? -12.562 5.191   -6.060  1.00 11.77 ? 59 ILE A O   1 
ATOM   378  C CB  . ILE A 1 59 ? -13.103 4.776   -2.917  1.00 13.53 ? 59 ILE A CB  1 
ATOM   379  C CG1 . ILE A 1 59 ? -12.752 5.034   -1.470  1.00 16.81 ? 59 ILE A CG1 1 
ATOM   380  C CG2 . ILE A 1 59 ? -12.615 3.479   -3.413  1.00 14.82 ? 59 ILE A CG2 1 
ATOM   381  C CD1 . ILE A 1 59 ? -13.384 6.270   -0.935  1.00 19.17 ? 59 ILE A CD1 1 
ATOM   382  N N   . ILE A 1 60 ? -10.580 5.578   -5.077  1.00 12.15 ? 60 ILE A N   1 
ATOM   383  C CA  . ILE A 1 60 ? -9.748  5.175   -6.219  1.00 12.44 ? 60 ILE A CA  1 
ATOM   384  C C   . ILE A 1 60 ? -8.539  4.349   -5.725  1.00 11.81 ? 60 ILE A C   1 
ATOM   385  O O   . ILE A 1 60 ? -8.147  4.465   -4.577  1.00 12.01 ? 60 ILE A O   1 
ATOM   386  C CB  . ILE A 1 60 ? -9.180  6.399   -7.028  1.00 13.64 ? 60 ILE A CB  1 
ATOM   387  C CG1 . ILE A 1 60 ? -8.295  7.267   -6.136  1.00 13.26 ? 60 ILE A CG1 1 
ATOM   388  C CG2 . ILE A 1 60 ? -10.289 7.191   -7.702  1.00 16.16 ? 60 ILE A CG2 1 
ATOM   389  C CD1 . ILE A 1 60 ? -7.300  8.045   -6.899  1.00 11.55 ? 60 ILE A CD1 1 
ATOM   390  N N   . PRO A 1 61 ? -7.925  3.524   -6.592  1.00 11.06 ? 61 PRO A N   1 
ATOM   391  C CA  . PRO A 1 61 ? -6.771  2.726   -6.155  1.00 10.32 ? 61 PRO A CA  1 
ATOM   392  C C   . PRO A 1 61 ? -5.518  3.581   -6.100  1.00 12.89 ? 61 PRO A C   1 
ATOM   393  O O   . PRO A 1 61 ? -5.268  4.351   -7.022  1.00 13.70 ? 61 PRO A O   1 
ATOM   394  C CB  . PRO A 1 61 ? -6.633  1.676   -7.261  1.00 11.49 ? 61 PRO A CB  1 
ATOM   395  C CG  . PRO A 1 61 ? -7.919  1.797   -8.086  1.00 10.75 ? 61 PRO A CG  1 
ATOM   396  C CD  . PRO A 1 61 ? -8.250  3.248   -7.996  1.00 6.69  ? 61 PRO A CD  1 
ATOM   397  N N   . ALA A 1 62 ? -4.724  3.433   -5.045  1.00 13.69 ? 62 ALA A N   1 
ATOM   398  C CA  . ALA A 1 62 ? -3.479  4.174   -4.866  1.00 14.74 ? 62 ALA A CA  1 
ATOM   399  C C   . ALA A 1 62 ? -2.441  3.894   -5.975  1.00 17.44 ? 62 ALA A C   1 
ATOM   400  O O   . ALA A 1 62 ? -1.571  4.728   -6.267  1.00 20.39 ? 62 ALA A O   1 
ATOM   401  C CB  . ALA A 1 62 ? -2.891  3.835   -3.511  1.00 11.91 ? 62 ALA A CB  1 
ATOM   402  N N   . ASN A 1 63 ? -2.587  2.742   -6.624  1.00 18.63 ? 63 ASN A N   1 
ATOM   403  C CA  . ASN A 1 63 ? -1.708  2.258   -7.694  1.00 19.58 ? 63 ASN A CA  1 
ATOM   404  C C   . ASN A 1 63 ? -1.926  2.837   -9.082  1.00 17.97 ? 63 ASN A C   1 
ATOM   405  O O   . ASN A 1 63 ? -1.039  2.779   -9.919  1.00 20.15 ? 63 ASN A O   1 
ATOM   406  C CB  . ASN A 1 63 ? -1.873  0.743   -7.840  1.00 24.18 ? 63 ASN A CB  1 
ATOM   407  C CG  . ASN A 1 63 ? -2.034  0.044   -6.509  1.00 37.00 ? 63 ASN A CG  1 
ATOM   408  O OD1 . ASN A 1 63 ? -1.136  -0.704  -6.099  1.00 45.73 ? 63 ASN A OD1 1 
ATOM   409  N ND2 . ASN A 1 63 ? -3.187  0.273   -5.811  1.00 34.55 ? 63 ASN A ND2 1 
ATOM   410  N N   . TYR A 1 64 ? -3.141  3.251   -9.380  1.00 16.98 ? 64 TYR A N   1 
ATOM   411  C CA  . TYR A 1 64 ? -3.446  3.780   -10.693 1.00 17.12 ? 64 TYR A CA  1 
ATOM   412  C C   . TYR A 1 64 ? -3.095  5.231   -10.836 1.00 18.79 ? 64 TYR A C   1 
ATOM   413  O O   . TYR A 1 64 ? -3.205  5.785   -11.918 1.00 20.25 ? 64 TYR A O   1 
ATOM   414  C CB  . TYR A 1 64 ? -4.939  3.692   -10.946 1.00 16.18 ? 64 TYR A CB  1 
ATOM   415  C CG  . TYR A 1 64 ? -5.449  2.357   -11.382 1.00 15.69 ? 64 TYR A CG  1 
ATOM   416  C CD1 . TYR A 1 64 ? -5.007  1.180   -10.786 1.00 19.26 ? 64 TYR A CD1 1 
ATOM   417  C CD2 . TYR A 1 64 ? -6.429  2.276   -12.339 1.00 9.34  ? 64 TYR A CD2 1 
ATOM   418  C CE1 . TYR A 1 64 ? -5.553  -0.041  -11.136 1.00 16.55 ? 64 TYR A CE1 1 
ATOM   419  C CE2 . TYR A 1 64 ? -6.967  1.079   -12.691 1.00 16.71 ? 64 TYR A CE2 1 
ATOM   420  C CZ  . TYR A 1 64 ? -6.538  -0.076  -12.088 1.00 13.27 ? 64 TYR A CZ  1 
ATOM   421  O OH  . TYR A 1 64 ? -7.145  -1.250  -12.437 1.00 22.91 ? 64 TYR A OH  1 
ATOM   422  N N   . VAL A 1 65 ? -2.639  5.839   -9.763  1.00 19.21 ? 65 VAL A N   1 
ATOM   423  C CA  . VAL A 1 65 ? -2.392  7.245   -9.772  1.00 20.53 ? 65 VAL A CA  1 
ATOM   424  C C   . VAL A 1 65 ? -0.927  7.593   -9.441  1.00 25.34 ? 65 VAL A C   1 
ATOM   425  O O   . VAL A 1 65 ? -0.268  6.927   -8.631  1.00 26.40 ? 65 VAL A O   1 
ATOM   426  C CB  . VAL A 1 65 ? -3.421  7.865   -8.839  1.00 14.52 ? 65 VAL A CB  1 
ATOM   427  C CG1 . VAL A 1 65 ? -2.854  8.122   -7.513  1.00 12.12 ? 65 VAL A CG1 1 
ATOM   428  C CG2 . VAL A 1 65 ? -4.066  9.034   -9.464  1.00 23.50 ? 65 VAL A CG2 1 
ATOM   429  N N   . GLN A 1 66 ? -0.427  8.616   -10.140 1.00 28.53 ? 66 GLN A N   1 
ATOM   430  C CA  . GLN A 1 66 ? 0.950   9.124   -10.062 1.00 30.39 ? 66 GLN A CA  1 
ATOM   431  C C   . GLN A 1 66 ? 1.012   10.427  -9.242  1.00 30.27 ? 66 GLN A C   1 
ATOM   432  O O   . GLN A 1 66 ? 0.379   11.434  -9.583  1.00 28.47 ? 66 GLN A O   1 
ATOM   433  C CB  . GLN A 1 66 ? 1.431   9.384   -11.498 1.00 33.72 ? 66 GLN A CB  1 
ATOM   434  C CG  . GLN A 1 66 ? 2.932   9.309   -11.734 1.00 42.76 ? 66 GLN A CG  1 
ATOM   435  C CD  . GLN A 1 66 ? 3.291   9.187   -13.226 1.00 49.29 ? 66 GLN A CD  1 
ATOM   436  O OE1 . GLN A 1 66 ? 4.004   8.259   -13.629 1.00 51.40 ? 66 GLN A OE1 1 
ATOM   437  N NE2 . GLN A 1 66 ? 2.797   10.120  -14.046 1.00 47.79 ? 66 GLN A NE2 1 
ATOM   438  N N   . LYS A 1 67 ? 1.766   10.406  -8.158  1.00 30.66 ? 67 LYS A N   1 
ATOM   439  C CA  . LYS A 1 67 ? 1.864   11.588  -7.334  1.00 34.02 ? 67 LYS A CA  1 
ATOM   440  C C   . LYS A 1 67 ? 2.524   12.713  -8.097  1.00 36.08 ? 67 LYS A C   1 
ATOM   441  O O   . LYS A 1 67 ? 3.678   12.593  -8.516  1.00 35.73 ? 67 LYS A O   1 
ATOM   442  C CB  . LYS A 1 67 ? 2.633   11.285  -6.053  1.00 33.87 ? 67 LYS A CB  1 
ATOM   443  C CG  . LYS A 1 67 ? 3.179   12.509  -5.342  1.00 33.39 ? 67 LYS A CG  1 
ATOM   444  C CD  . LYS A 1 67 ? 2.101   13.380  -4.769  1.00 33.54 ? 67 LYS A CD  1 
ATOM   445  C CE  . LYS A 1 67 ? 2.724   14.618  -4.170  1.00 31.20 ? 67 LYS A CE  1 
ATOM   446  N NZ  . LYS A 1 67 ? 3.825   14.268  -3.250  1.00 35.44 ? 67 LYS A NZ  1 
ATOM   447  N N   . ARG A 1 68 ? 1.772   13.792  -8.290  1.00 39.08 ? 68 ARG A N   1 
ATOM   448  C CA  . ARG A 1 68 ? 2.265   14.977  -8.980  1.00 43.11 ? 68 ARG A CA  1 
ATOM   449  C C   . ARG A 1 68 ? 2.736   14.636  -10.391 1.00 44.61 ? 68 ARG A C   1 
ATOM   450  C CB  . ARG A 1 68 ? 3.394   15.632  -8.147  1.00 47.01 ? 68 ARG A CB  1 
ATOM   451  C CG  . ARG A 1 68 ? 4.670   16.041  -8.915  1.00 57.35 ? 68 ARG A CG  1 
ATOM   452  C CD  . ARG A 1 68 ? 5.803   16.526  -7.985  1.00 65.52 ? 68 ARG A CD  1 
ATOM   453  N NE  . ARG A 1 68 ? 6.324   15.478  -7.097  1.00 73.38 ? 68 ARG A NE  1 
ATOM   454  C CZ  . ARG A 1 68 ? 5.985   15.336  -5.814  1.00 75.54 ? 68 ARG A CZ  1 
ATOM   455  N NH1 . ARG A 1 68 ? 5.119   16.172  -5.255  1.00 76.47 ? 68 ARG A NH1 1 
ATOM   456  N NH2 . ARG A 1 68 ? 6.522   14.368  -5.079  1.00 76.85 ? 68 ARG A NH2 1 
ATOM   457  N N   . GLY B 1 11 ? -6.977  17.616  7.721   1.00 34.66 ? 11 GLY B N   1 
ATOM   458  C CA  . GLY B 1 11 ? -6.328  16.326  7.352   1.00 32.73 ? 11 GLY B CA  1 
ATOM   459  C C   . GLY B 1 11 ? -7.042  15.180  8.036   1.00 31.64 ? 11 GLY B C   1 
ATOM   460  O O   . GLY B 1 11 ? -7.890  15.407  8.901   1.00 33.02 ? 11 GLY B O   1 
ATOM   461  N N   . THR B 1 12 ? -6.724  13.955  7.648   1.00 29.58 ? 12 THR B N   1 
ATOM   462  C CA  . THR B 1 12 ? -7.362  12.809  8.255   1.00 26.27 ? 12 THR B CA  1 
ATOM   463  C C   . THR B 1 12 ? -6.550  12.298  9.432   1.00 25.19 ? 12 THR B C   1 
ATOM   464  O O   . THR B 1 12 ? -5.348  12.031  9.319   1.00 23.26 ? 12 THR B O   1 
ATOM   465  C CB  . THR B 1 12 ? -7.722  11.704  7.195   1.00 28.01 ? 12 THR B CB  1 
ATOM   466  O OG1 . THR B 1 12 ? -7.403  10.398  7.687   1.00 28.33 ? 12 THR B OG1 1 
ATOM   467  C CG2 . THR B 1 12 ? -7.044  11.952  5.868   1.00 21.32 ? 12 THR B CG2 1 
ATOM   468  N N   . GLU B 1 13 ? -7.222  12.252  10.579  1.00 24.19 ? 13 GLU B N   1 
ATOM   469  C CA  . GLU B 1 13 ? -6.656  11.810  11.850  1.00 24.41 ? 13 GLU B CA  1 
ATOM   470  C C   . GLU B 1 13 ? -6.529  10.309  11.994  1.00 22.98 ? 13 GLU B C   1 
ATOM   471  O O   . GLU B 1 13 ? -7.481  9.577   11.743  1.00 22.00 ? 13 GLU B O   1 
ATOM   472  C CB  . GLU B 1 13 ? -7.519  12.320  12.971  1.00 27.51 ? 13 GLU B CB  1 
ATOM   473  C CG  . GLU B 1 13 ? -7.708  13.804  12.902  1.00 39.11 ? 13 GLU B CG  1 
ATOM   474  C CD  . GLU B 1 13 ? -7.065  14.489  14.059  1.00 44.19 ? 13 GLU B CD  1 
ATOM   475  O OE1 . GLU B 1 13 ? -7.420  14.112  15.204  1.00 46.97 ? 13 GLU B OE1 1 
ATOM   476  O OE2 . GLU B 1 13 ? -6.205  15.378  13.819  1.00 46.33 ? 13 GLU B OE2 1 
ATOM   477  N N   . CYS B 1 14 ? -5.405  9.881   12.556  1.00 22.13 ? 14 CYS B N   1 
ATOM   478  C CA  . CYS B 1 14 ? -5.095  8.468   12.730  1.00 21.26 ? 14 CYS B CA  1 
ATOM   479  C C   . CYS B 1 14 ? -4.570  8.265   14.113  1.00 20.00 ? 14 CYS B C   1 
ATOM   480  O O   . CYS B 1 14 ? -4.183  9.221   14.771  1.00 22.23 ? 14 CYS B O   1 
ATOM   481  C CB  . CYS B 1 14 ? -3.989  8.077   11.762  1.00 16.04 ? 14 CYS B CB  1 
ATOM   482  S SG  . CYS B 1 14 ? -4.498  8.222   10.070  1.00 31.98 ? 14 CYS B SG  1 
ATOM   483  N N   . ILE B 1 15 ? -4.503  7.011   14.531  1.00 19.41 ? 15 ILE B N   1 
ATOM   484  C CA  . ILE B 1 15 ? -3.985  6.643   15.840  1.00 18.79 ? 15 ILE B CA  1 
ATOM   485  C C   . ILE B 1 15 ? -2.834  5.682   15.531  1.00 18.29 ? 15 ILE B C   1 
ATOM   486  O O   . ILE B 1 15 ? -3.044  4.694   14.839  1.00 21.64 ? 15 ILE B O   1 
ATOM   487  C CB  . ILE B 1 15 ? -5.070  5.884   16.661  1.00 17.77 ? 15 ILE B CB  1 
ATOM   488  C CG1 . ILE B 1 15 ? -6.254  6.805   16.962  1.00 22.69 ? 15 ILE B CG1 1 
ATOM   489  C CG2 . ILE B 1 15 ? -4.500  5.382   17.968  1.00 12.18 ? 15 ILE B CG2 1 
ATOM   490  C CD1 . ILE B 1 15 ? -6.115  7.597   18.232  1.00 23.48 ? 15 ILE B CD1 1 
ATOM   491  N N   . ALA B 1 16 ? -1.627  5.968   16.012  1.00 17.13 ? 16 ALA B N   1 
ATOM   492  C CA  . ALA B 1 16 ? -0.464  5.122   15.771  1.00 12.51 ? 16 ALA B CA  1 
ATOM   493  C C   . ALA B 1 16 ? -0.669  3.799   16.499  1.00 13.70 ? 16 ALA B C   1 
ATOM   494  O O   . ALA B 1 16 ? -1.007  3.801   17.671  1.00 15.49 ? 16 ALA B O   1 
ATOM   495  C CB  . ALA B 1 16 ? 0.749   5.820   16.296  1.00 9.06  ? 16 ALA B CB  1 
ATOM   496  N N   . LYS B 1 17 ? -0.517  2.665   15.817  1.00 13.89 ? 17 LYS B N   1 
ATOM   497  C CA  . LYS B 1 17 ? -0.685  1.358   16.467  1.00 13.79 ? 17 LYS B CA  1 
ATOM   498  C C   . LYS B 1 17 ? 0.619   0.922   17.117  1.00 15.01 ? 17 LYS B C   1 
ATOM   499  O O   . LYS B 1 17 ? 0.631   -0.023  17.907  1.00 15.20 ? 17 LYS B O   1 
ATOM   500  C CB  . LYS B 1 17 ? -1.012  0.235   15.485  1.00 14.11 ? 17 LYS B CB  1 
ATOM   501  C CG  . LYS B 1 17 ? -1.822  0.521   14.260  1.00 19.68 ? 17 LYS B CG  1 
ATOM   502  C CD  . LYS B 1 17 ? -1.966  -0.822  13.559  1.00 25.09 ? 17 LYS B CD  1 
ATOM   503  C CE  . LYS B 1 17 ? -2.533  -0.740  12.151  1.00 35.49 ? 17 LYS B CE  1 
ATOM   504  N NZ  . LYS B 1 17 ? -2.517  -2.097  11.495  1.00 38.22 ? 17 LYS B NZ  1 
ATOM   505  N N   . TYR B 1 18 ? 1.729   1.534   16.703  1.00 14.68 ? 18 TYR B N   1 
ATOM   506  C CA  . TYR B 1 18 ? 3.048   1.180   17.217  1.00 14.83 ? 18 TYR B CA  1 
ATOM   507  C C   . TYR B 1 18 ? 3.925   2.400   17.417  1.00 14.60 ? 18 TYR B C   1 
ATOM   508  O O   . TYR B 1 18 ? 3.639   3.481   16.914  1.00 15.62 ? 18 TYR B O   1 
ATOM   509  C CB  . TYR B 1 18 ? 3.798   0.292   16.211  1.00 16.30 ? 18 TYR B CB  1 
ATOM   510  C CG  . TYR B 1 18 ? 2.990   -0.802  15.551  1.00 16.09 ? 18 TYR B CG  1 
ATOM   511  C CD1 . TYR B 1 18 ? 2.465   -1.848  16.309  1.00 19.47 ? 18 TYR B CD1 1 
ATOM   512  C CD2 . TYR B 1 18 ? 2.764   -0.799  14.166  1.00 13.59 ? 18 TYR B CD2 1 
ATOM   513  C CE1 . TYR B 1 18 ? 1.737   -2.872  15.712  1.00 17.14 ? 18 TYR B CE1 1 
ATOM   514  C CE2 . TYR B 1 18 ? 2.034   -1.807  13.560  1.00 12.74 ? 18 TYR B CE2 1 
ATOM   515  C CZ  . TYR B 1 18 ? 1.523   -2.846  14.352  1.00 17.61 ? 18 TYR B CZ  1 
ATOM   516  O OH  . TYR B 1 18 ? 0.800   -3.881  13.822  1.00 23.68 ? 18 TYR B OH  1 
ATOM   517  N N   . ASN B 1 19 ? 5.018   2.199   18.132  1.00 13.70 ? 19 ASN B N   1 
ATOM   518  C CA  . ASN B 1 19 ? 5.997   3.242   18.330  1.00 15.53 ? 19 ASN B CA  1 
ATOM   519  C C   . ASN B 1 19 ? 6.810   3.159   17.050  1.00 15.20 ? 19 ASN B C   1 
ATOM   520  O O   . ASN B 1 19 ? 6.986   2.072   16.518  1.00 18.96 ? 19 ASN B O   1 
ATOM   521  C CB  . ASN B 1 19 ? 6.930   2.894   19.480  1.00 19.32 ? 19 ASN B CB  1 
ATOM   522  C CG  . ASN B 1 19 ? 6.212   2.694   20.775  1.00 19.54 ? 19 ASN B CG  1 
ATOM   523  O OD1 . ASN B 1 19 ? 5.251   3.397   21.094  1.00 23.26 ? 19 ASN B OD1 1 
ATOM   524  N ND2 . ASN B 1 19 ? 6.695   1.749   21.558  1.00 25.62 ? 19 ASN B ND2 1 
ATOM   525  N N   . PHE B 1 20 ? 7.418   4.261   16.633  1.00 14.34 ? 20 PHE B N   1 
ATOM   526  C CA  . PHE B 1 20 ? 8.188   4.302   15.403  1.00 11.71 ? 20 PHE B CA  1 
ATOM   527  C C   . PHE B 1 20 ? 9.305   5.274   15.631  1.00 13.86 ? 20 PHE B C   1 
ATOM   528  O O   . PHE B 1 20 ? 9.058   6.433   15.936  1.00 14.71 ? 20 PHE B O   1 
ATOM   529  C CB  . PHE B 1 20 ? 7.285   4.823   14.278  1.00 9.11  ? 20 PHE B CB  1 
ATOM   530  C CG  . PHE B 1 20 ? 7.996   5.129   12.999  1.00 8.26  ? 20 PHE B CG  1 
ATOM   531  C CD1 . PHE B 1 20 ? 8.582   4.096   12.236  1.00 6.35  ? 20 PHE B CD1 1 
ATOM   532  C CD2 . PHE B 1 20 ? 8.034   6.430   12.520  1.00 2.00  ? 20 PHE B CD2 1 
ATOM   533  C CE1 . PHE B 1 20 ? 9.180   4.358   11.020  1.00 2.78  ? 20 PHE B CE1 1 
ATOM   534  C CE2 . PHE B 1 20 ? 8.630   6.701   11.312  1.00 2.00  ? 20 PHE B CE2 1 
ATOM   535  C CZ  . PHE B 1 20 ? 9.204   5.663   10.550  1.00 9.05  ? 20 PHE B CZ  1 
ATOM   536  N N   . HIS B 1 21 ? 10.532  4.783   15.539  1.00 14.73 ? 21 HIS B N   1 
ATOM   537  C CA  . HIS B 1 21 ? 11.737  5.596   15.695  1.00 17.36 ? 21 HIS B CA  1 
ATOM   538  C C   . HIS B 1 21 ? 12.045  5.880   14.251  1.00 17.45 ? 21 HIS B C   1 
ATOM   539  O O   . HIS B 1 21 ? 11.859  4.998   13.429  1.00 24.07 ? 21 HIS B O   1 
ATOM   540  C CB  . HIS B 1 21 ? 12.807  4.727   16.339  1.00 19.72 ? 21 HIS B CB  1 
ATOM   541  C CG  . HIS B 1 21 ? 12.289  3.971   17.526  1.00 26.92 ? 21 HIS B CG  1 
ATOM   542  N ND1 . HIS B 1 21 ? 11.385  2.933   17.408  1.00 27.04 ? 21 HIS B ND1 1 
ATOM   543  C CD2 . HIS B 1 21 ? 12.440  4.187   18.857  1.00 22.84 ? 21 HIS B CD2 1 
ATOM   544  C CE1 . HIS B 1 21 ? 10.994  2.550   18.611  1.00 27.15 ? 21 HIS B CE1 1 
ATOM   545  N NE2 . HIS B 1 21 ? 11.619  3.297   19.505  1.00 27.40 ? 21 HIS B NE2 1 
ATOM   546  N N   . GLY B 1 22 ? 12.450  7.075   13.881  1.00 15.66 ? 22 GLY B N   1 
ATOM   547  C CA  . GLY B 1 22 ? 12.668  7.268   12.456  1.00 15.01 ? 22 GLY B CA  1 
ATOM   548  C C   . GLY B 1 22 ? 13.607  6.274   11.770  1.00 15.83 ? 22 GLY B C   1 
ATOM   549  O O   . GLY B 1 22 ? 14.407  5.606   12.420  1.00 17.00 ? 22 GLY B O   1 
ATOM   550  N N   . THR B 1 23 ? 13.458  6.120   10.459  1.00 15.75 ? 23 THR B N   1 
ATOM   551  C CA  . THR B 1 23 ? 14.351  5.269   9.690   1.00 14.82 ? 23 THR B CA  1 
ATOM   552  C C   . THR B 1 23 ? 15.318  6.202   8.957   1.00 14.39 ? 23 THR B C   1 
ATOM   553  O O   . THR B 1 23 ? 16.347  5.760   8.455   1.00 15.08 ? 23 THR B O   1 
ATOM   554  C CB  . THR B 1 23 ? 13.622  4.359   8.652   1.00 16.38 ? 23 THR B CB  1 
ATOM   555  O OG1 . THR B 1 23 ? 12.920  5.155   7.693   1.00 20.78 ? 23 THR B OG1 1 
ATOM   556  C CG2 . THR B 1 23 ? 12.642  3.399   9.330   1.00 18.27 ? 23 THR B CG2 1 
ATOM   557  N N   . ALA B 1 24 ? 14.970  7.492   8.912   1.00 15.18 ? 24 ALA B N   1 
ATOM   558  C CA  . ALA B 1 24 ? 15.755  8.558   8.259   1.00 15.76 ? 24 ALA B CA  1 
ATOM   559  C C   . ALA B 1 24 ? 15.409  9.918   8.930   1.00 17.24 ? 24 ALA B C   1 
ATOM   560  O O   . ALA B 1 24 ? 14.355  10.042  9.516   1.00 15.25 ? 24 ALA B O   1 
ATOM   561  C CB  . ALA B 1 24 ? 15.444  8.592   6.776   1.00 10.75 ? 24 ALA B CB  1 
ATOM   562  N N   . GLU B 1 25 ? 16.254  10.948  8.802   1.00 20.73 ? 25 GLU B N   1 
ATOM   563  C CA  . GLU B 1 25 ? 15.989  12.245  9.470   1.00 21.90 ? 25 GLU B CA  1 
ATOM   564  C C   . GLU B 1 25 ? 14.682  12.910  9.062   1.00 19.90 ? 25 GLU B C   1 
ATOM   565  O O   . GLU B 1 25 ? 14.160  13.776  9.769   1.00 20.72 ? 25 GLU B O   1 
ATOM   566  C CB  . GLU B 1 25 ? 17.174  13.248  9.340   1.00 26.28 ? 25 GLU B CB  1 
ATOM   567  C CG  . GLU B 1 25 ? 17.139  14.407  10.404  1.00 35.35 ? 25 GLU B CG  1 
ATOM   568  C CD  . GLU B 1 25 ? 18.274  15.465  10.298  1.00 41.18 ? 25 GLU B CD  1 
ATOM   569  O OE1 . GLU B 1 25 ? 19.389  15.146  9.827   1.00 44.33 ? 25 GLU B OE1 1 
ATOM   570  O OE2 . GLU B 1 25 ? 18.058  16.628  10.724  1.00 42.80 ? 25 GLU B OE2 1 
ATOM   571  N N   . GLN B 1 26 ? 14.120  12.476  7.949   1.00 18.19 ? 26 GLN B N   1 
ATOM   572  C CA  . GLN B 1 26 ? 12.869  13.073  7.510   1.00 18.86 ? 26 GLN B CA  1 
ATOM   573  C C   . GLN B 1 26 ? 11.619  12.381  8.053   1.00 17.41 ? 26 GLN B C   1 
ATOM   574  O O   . GLN B 1 26 ? 10.510  12.746  7.671   1.00 19.44 ? 26 GLN B O   1 
ATOM   575  C CB  . GLN B 1 26 ? 12.777  13.067  6.001   1.00 16.34 ? 26 GLN B CB  1 
ATOM   576  C CG  . GLN B 1 26 ? 12.585  11.705  5.493   1.00 17.48 ? 26 GLN B CG  1 
ATOM   577  C CD  . GLN B 1 26 ? 12.320  11.689  4.043   1.00 21.17 ? 26 GLN B CD  1 
ATOM   578  O OE1 . GLN B 1 26 ? 12.780  10.798  3.364   1.00 31.54 ? 26 GLN B OE1 1 
ATOM   579  N NE2 . GLN B 1 26 ? 11.571  12.665  3.543   1.00 24.57 ? 26 GLN B NE2 1 
ATOM   580  N N   . ASP B 1 27 ? 11.784  11.344  8.858   1.00 14.05 ? 27 ASP B N   1 
ATOM   581  C CA  . ASP B 1 27 ? 10.636  10.645  9.377   1.00 13.15 ? 27 ASP B CA  1 
ATOM   582  C C   . ASP B 1 27 ? 10.124  11.344  10.626  1.00 13.24 ? 27 ASP B C   1 
ATOM   583  O O   . ASP B 1 27 ? 10.868  11.997  11.347  1.00 15.36 ? 27 ASP B O   1 
ATOM   584  C CB  . ASP B 1 27 ? 10.977  9.191   9.742   1.00 13.65 ? 27 ASP B CB  1 
ATOM   585  C CG  . ASP B 1 27 ? 11.268  8.290   8.537   1.00 9.30  ? 27 ASP B CG  1 
ATOM   586  O OD1 . ASP B 1 27 ? 11.214  8.706   7.368   1.00 3.10  ? 27 ASP B OD1 1 
ATOM   587  O OD2 . ASP B 1 27 ? 11.532  7.105   8.802   1.00 8.26  ? 27 ASP B OD2 1 
ATOM   588  N N   . LEU B 1 28 ? 8.843   11.156  10.894  1.00 12.78 ? 28 LEU B N   1 
ATOM   589  C CA  . LEU B 1 28 ? 8.197   11.718  12.046  1.00 10.53 ? 28 LEU B CA  1 
ATOM   590  C C   . LEU B 1 28 ? 8.174   10.566  13.022  1.00 12.48 ? 28 LEU B C   1 
ATOM   591  O O   . LEU B 1 28 ? 7.513   9.547   12.771  1.00 11.68 ? 28 LEU B O   1 
ATOM   592  C CB  . LEU B 1 28 ? 6.758   12.073  11.703  1.00 9.77  ? 28 LEU B CB  1 
ATOM   593  C CG  . LEU B 1 28 ? 5.870   12.489  12.865  1.00 10.02 ? 28 LEU B CG  1 
ATOM   594  C CD1 . LEU B 1 28 ? 6.396   13.785  13.437  1.00 4.87  ? 28 LEU B CD1 1 
ATOM   595  C CD2 . LEU B 1 28 ? 4.443   12.620  12.420  1.00 7.29  ? 28 LEU B CD2 1 
ATOM   596  N N   . PRO B 1 29 ? 8.964   10.663  14.100  1.00 12.20 ? 29 PRO B N   1 
ATOM   597  C CA  . PRO B 1 29 ? 8.957   9.564   15.064  1.00 11.38 ? 29 PRO B CA  1 
ATOM   598  C C   . PRO B 1 29 ? 7.663   9.690   15.812  1.00 12.99 ? 29 PRO B C   1 
ATOM   599  O O   . PRO B 1 29 ? 7.046   10.756  15.791  1.00 16.06 ? 29 PRO B O   1 
ATOM   600  C CB  . PRO B 1 29 ? 10.125  9.909   15.981  1.00 8.29  ? 29 PRO B CB  1 
ATOM   601  C CG  . PRO B 1 29 ? 11.023  10.764  15.092  1.00 9.24  ? 29 PRO B CG  1 
ATOM   602  C CD  . PRO B 1 29 ? 10.036  11.629  14.395  1.00 8.55  ? 29 PRO B CD  1 
ATOM   603  N N   . PHE B 1 30 ? 7.226   8.615   16.452  1.00 13.55 ? 30 PHE B N   1 
ATOM   604  C CA  . PHE B 1 30 ? 6.020   8.687   17.226  1.00 12.77 ? 30 PHE B CA  1 
ATOM   605  C C   . PHE B 1 30 ? 5.858   7.482   18.124  1.00 14.73 ? 30 PHE B C   1 
ATOM   606  O O   . PHE B 1 30 ? 6.689   6.596   18.111  1.00 18.24 ? 30 PHE B O   1 
ATOM   607  C CB  . PHE B 1 30 ? 4.800   8.932   16.342  1.00 10.87 ? 30 PHE B CB  1 
ATOM   608  C CG  . PHE B 1 30 ? 4.559   7.872   15.340  1.00 9.31  ? 30 PHE B CG  1 
ATOM   609  C CD1 . PHE B 1 30 ? 4.083   6.625   15.733  1.00 6.90  ? 30 PHE B CD1 1 
ATOM   610  C CD2 . PHE B 1 30 ? 4.793   8.124   13.997  1.00 5.80  ? 30 PHE B CD2 1 
ATOM   611  C CE1 . PHE B 1 30 ? 3.842   5.633   14.800  1.00 8.85  ? 30 PHE B CE1 1 
ATOM   612  C CE2 . PHE B 1 30 ? 4.564   7.163   13.060  1.00 5.27  ? 30 PHE B CE2 1 
ATOM   613  C CZ  . PHE B 1 30 ? 4.083   5.899   13.457  1.00 12.97 ? 30 PHE B CZ  1 
ATOM   614  N N   . CYS B 1 31 ? 4.825   7.493   18.958  1.00 16.23 ? 31 CYS B N   1 
ATOM   615  C CA  . CYS B 1 31 ? 4.570   6.416   19.887  1.00 16.22 ? 31 CYS B CA  1 
ATOM   616  C C   . CYS B 1 31 ? 3.204   5.823   19.664  1.00 15.29 ? 31 CYS B C   1 
ATOM   617  O O   . CYS B 1 31 ? 2.298   6.470   19.151  1.00 16.77 ? 31 CYS B O   1 
ATOM   618  C CB  . CYS B 1 31 ? 4.621   6.947   21.314  1.00 20.29 ? 31 CYS B CB  1 
ATOM   619  S SG  . CYS B 1 31 ? 6.246   7.388   21.944  1.00 28.40 ? 31 CYS B SG  1 
ATOM   620  N N   . LYS B 1 32 ? 3.055   4.605   20.130  1.00 13.89 ? 32 LYS B N   1 
ATOM   621  C CA  . LYS B 1 32 ? 1.816   3.871   20.041  1.00 16.35 ? 32 LYS B CA  1 
ATOM   622  C C   . LYS B 1 32 ? 0.795   4.715   20.760  1.00 15.99 ? 32 LYS B C   1 
ATOM   623  O O   . LYS B 1 32 ? 1.110   5.263   21.804  1.00 20.00 ? 32 LYS B O   1 
ATOM   624  C CB  . LYS B 1 32 ? 1.994   2.575   20.827  1.00 17.32 ? 32 LYS B CB  1 
ATOM   625  C CG  . LYS B 1 32 ? 0.850   1.577   20.799  1.00 17.60 ? 32 LYS B CG  1 
ATOM   626  C CD  . LYS B 1 32 ? 1.242   0.389   21.644  1.00 17.71 ? 32 LYS B CD  1 
ATOM   627  C CE  . LYS B 1 32 ? 0.103   -0.563  21.813  1.00 28.03 ? 32 LYS B CE  1 
ATOM   628  N NZ  . LYS B 1 32 ? -0.238  -1.188  20.515  1.00 37.41 ? 32 LYS B NZ  1 
ATOM   629  N N   . GLY B 1 33 ? -0.409  4.840   20.219  1.00 15.89 ? 33 GLY B N   1 
ATOM   630  C CA  . GLY B 1 33 ? -1.441  5.604   20.903  1.00 12.06 ? 33 GLY B CA  1 
ATOM   631  C C   . GLY B 1 33 ? -1.508  7.083   20.590  1.00 12.11 ? 33 GLY B C   1 
ATOM   632  O O   . GLY B 1 33 ? -2.436  7.728   21.046  1.00 12.64 ? 33 GLY B O   1 
ATOM   633  N N   . ASP B 1 34 ? -0.541  7.624   19.847  1.00 10.59 ? 34 ASP B N   1 
ATOM   634  C CA  . ASP B 1 34 ? -0.542  9.038   19.472  1.00 9.04  ? 34 ASP B CA  1 
ATOM   635  C C   . ASP B 1 34 ? -1.511  9.324   18.370  1.00 10.47 ? 34 ASP B C   1 
ATOM   636  O O   . ASP B 1 34 ? -1.792  8.473   17.544  1.00 11.50 ? 34 ASP B O   1 
ATOM   637  C CB  . ASP B 1 34 ? 0.796   9.455   18.916  1.00 5.09  ? 34 ASP B CB  1 
ATOM   638  C CG  . ASP B 1 34 ? 1.843   9.582   19.962  1.00 13.54 ? 34 ASP B CG  1 
ATOM   639  O OD1 . ASP B 1 34 ? 1.607   9.188   21.119  1.00 17.64 ? 34 ASP B OD1 1 
ATOM   640  O OD2 . ASP B 1 34 ? 2.927   10.099  19.628  1.00 22.89 ? 34 ASP B OD2 1 
ATOM   641  N N   . VAL B 1 35 ? -1.969  10.555  18.302  1.00 11.17 ? 35 VAL B N   1 
ATOM   642  C CA  . VAL B 1 35 ? -2.862  10.920  17.231  1.00 15.13 ? 35 VAL B CA  1 
ATOM   643  C C   . VAL B 1 35 ? -1.955  11.569  16.199  1.00 15.66 ? 35 VAL B C   1 
ATOM   644  O O   . VAL B 1 35 ? -1.006  12.275  16.561  1.00 19.47 ? 35 VAL B O   1 
ATOM   645  C CB  . VAL B 1 35 ? -3.924  11.922  17.697  1.00 14.52 ? 35 VAL B CB  1 
ATOM   646  C CG1 . VAL B 1 35 ? -4.656  12.509  16.518  1.00 14.22 ? 35 VAL B CG1 1 
ATOM   647  C CG2 . VAL B 1 35 ? -4.882  11.233  18.580  1.00 18.49 ? 35 VAL B CG2 1 
ATOM   648  N N   . LEU B 1 36 ? -2.227  11.326  14.928  1.00 14.63 ? 36 LEU B N   1 
ATOM   649  C CA  . LEU B 1 36 ? -1.422  11.895  13.860  1.00 14.47 ? 36 LEU B CA  1 
ATOM   650  C C   . LEU B 1 36 ? -2.380  12.388  12.832  1.00 13.21 ? 36 LEU B C   1 
ATOM   651  O O   . LEU B 1 36 ? -3.431  11.798  12.645  1.00 14.90 ? 36 LEU B O   1 
ATOM   652  C CB  . LEU B 1 36 ? -0.528  10.824  13.233  1.00 11.42 ? 36 LEU B CB  1 
ATOM   653  C CG  . LEU B 1 36 ? 0.421   10.257  14.282  1.00 11.52 ? 36 LEU B CG  1 
ATOM   654  C CD1 . LEU B 1 36 ? 0.989   8.963   13.848  1.00 14.07 ? 36 LEU B CD1 1 
ATOM   655  C CD2 . LEU B 1 36 ? 1.498   11.259  14.595  1.00 11.54 ? 36 LEU B CD2 1 
ATOM   656  N N   . THR B 1 37 ? -2.079  13.505  12.209  1.00 12.23 ? 37 THR B N   1 
ATOM   657  C CA  . THR B 1 37 ? -2.983  13.949  11.194  1.00 13.82 ? 37 THR B CA  1 
ATOM   658  C C   . THR B 1 37 ? -2.269  13.883  9.875   1.00 14.06 ? 37 THR B C   1 
ATOM   659  O O   . THR B 1 37 ? -1.196  14.468  9.737   1.00 13.73 ? 37 THR B O   1 
ATOM   660  C CB  . THR B 1 37 ? -3.598  15.334  11.491  1.00 14.93 ? 37 THR B CB  1 
ATOM   661  O OG1 . THR B 1 37 ? -3.748  16.072  10.277  1.00 17.20 ? 37 THR B OG1 1 
ATOM   662  C CG2 . THR B 1 37 ? -2.800  16.103  12.513  1.00 19.22 ? 37 THR B CG2 1 
ATOM   663  N N   . ILE B 1 38 ? -2.804  13.056  8.969   1.00 14.88 ? 38 ILE B N   1 
ATOM   664  C CA  . ILE B 1 38 ? -2.252  12.869  7.620   1.00 16.01 ? 38 ILE B CA  1 
ATOM   665  C C   . ILE B 1 38 ? -2.473  14.136  6.810   1.00 17.31 ? 38 ILE B C   1 
ATOM   666  O O   . ILE B 1 38 ? -3.595  14.565  6.604   1.00 19.16 ? 38 ILE B O   1 
ATOM   667  C CB  . ILE B 1 38 ? -2.851  11.620  6.910   1.00 16.53 ? 38 ILE B CB  1 
ATOM   668  C CG1 . ILE B 1 38 ? -2.695  10.403  7.826   1.00 16.43 ? 38 ILE B CG1 1 
ATOM   669  C CG2 . ILE B 1 38 ? -2.127  11.329  5.593   1.00 9.15  ? 38 ILE B CG2 1 
ATOM   670  C CD1 . ILE B 1 38 ? -1.252  10.161  8.246   1.00 22.37 ? 38 ILE B CD1 1 
ATOM   671  N N   . VAL B 1 39 ? -1.376  14.741  6.393   1.00 18.42 ? 39 VAL B N   1 
ATOM   672  C CA  . VAL B 1 39 ? -1.377  15.988  5.666   1.00 18.70 ? 39 VAL B CA  1 
ATOM   673  C C   . VAL B 1 39 ? -1.284  15.775  4.173   1.00 21.00 ? 39 VAL B C   1 
ATOM   674  O O   . VAL B 1 39 ? -1.822  16.567  3.382   1.00 22.27 ? 39 VAL B O   1 
ATOM   675  C CB  . VAL B 1 39 ? -0.202  16.842  6.173   1.00 14.78 ? 39 VAL B CB  1 
ATOM   676  C CG1 . VAL B 1 39 ? 0.285   17.793  5.127   1.00 18.55 ? 39 VAL B CG1 1 
ATOM   677  C CG2 . VAL B 1 39 ? -0.638  17.584  7.402   1.00 17.28 ? 39 VAL B CG2 1 
ATOM   678  N N   . ALA B 1 40 ? -0.588  14.715  3.769   1.00 22.77 ? 40 ALA B N   1 
ATOM   679  C CA  . ALA B 1 40 ? -0.428  14.440  2.344   1.00 22.43 ? 40 ALA B CA  1 
ATOM   680  C C   . ALA B 1 40 ? 0.045   13.059  2.041   1.00 21.97 ? 40 ALA B C   1 
ATOM   681  O O   . ALA B 1 40 ? 0.655   12.386  2.863   1.00 24.33 ? 40 ALA B O   1 
ATOM   682  C CB  . ALA B 1 40 ? 0.513   15.442  1.693   1.00 19.85 ? 40 ALA B CB  1 
ATOM   683  N N   . VAL B 1 41 ? -0.281  12.658  0.830   1.00 21.67 ? 41 VAL B N   1 
ATOM   684  C CA  . VAL B 1 41 ? 0.059   11.386  0.241   1.00 20.73 ? 41 VAL B CA  1 
ATOM   685  C C   . VAL B 1 41 ? 1.491   11.578  -0.292  1.00 21.26 ? 41 VAL B C   1 
ATOM   686  O O   . VAL B 1 41 ? 1.906   12.704  -0.554  1.00 22.63 ? 41 VAL B O   1 
ATOM   687  C CB  . VAL B 1 41 ? -0.921  11.193  -0.932  1.00 19.29 ? 41 VAL B CB  1 
ATOM   688  C CG1 . VAL B 1 41 ? -0.424  10.217  -1.923  1.00 24.00 ? 41 VAL B CG1 1 
ATOM   689  C CG2 . VAL B 1 41 ? -2.254  10.798  -0.407  1.00 17.52 ? 41 VAL B CG2 1 
ATOM   690  N N   . THR B 1 42 ? 2.280   10.517  -0.381  1.00 21.83 ? 42 THR B N   1 
ATOM   691  C CA  . THR B 1 42 ? 3.611   10.664  -0.936  1.00 18.96 ? 42 THR B CA  1 
ATOM   692  C C   . THR B 1 42 ? 3.684   9.900   -2.256  1.00 21.98 ? 42 THR B C   1 
ATOM   693  O O   . THR B 1 42 ? 2.658   9.499   -2.812  1.00 22.58 ? 42 THR B O   1 
ATOM   694  C CB  . THR B 1 42 ? 4.702   10.207  0.027   1.00 16.04 ? 42 THR B CB  1 
ATOM   695  O OG1 . THR B 1 42 ? 4.627   8.796   0.253   1.00 10.40 ? 42 THR B OG1 1 
ATOM   696  C CG2 . THR B 1 42 ? 4.566   10.934  1.317   1.00 18.04 ? 42 THR B CG2 1 
ATOM   697  N N   . LYS B 1 43 ? 4.890   9.723   -2.782  1.00 23.29 ? 43 LYS B N   1 
ATOM   698  C CA  . LYS B 1 43 ? 5.072   9.007   -4.047  1.00 24.83 ? 43 LYS B CA  1 
ATOM   699  C C   . LYS B 1 43 ? 4.950   7.501   -3.817  1.00 23.48 ? 43 LYS B C   1 
ATOM   700  O O   . LYS B 1 43 ? 4.521   6.778   -4.698  1.00 26.21 ? 43 LYS B O   1 
ATOM   701  C CB  . LYS B 1 43 ? 6.417   9.366   -4.720  1.00 26.19 ? 43 LYS B CB  1 
ATOM   702  C CG  . LYS B 1 43 ? 7.434   10.112  -3.810  1.00 39.21 ? 43 LYS B CG  1 
ATOM   703  C CD  . LYS B 1 43 ? 6.955   11.560  -3.486  1.00 44.10 ? 43 LYS B CD  1 
ATOM   704  C CE  . LYS B 1 43 ? 7.464   12.088  -2.143  1.00 39.94 ? 43 LYS B CE  1 
ATOM   705  N NZ  . LYS B 1 43 ? 6.798   13.388  -1.860  1.00 38.76 ? 43 LYS B NZ  1 
ATOM   706  N N   . ASP B 1 44 ? 5.294   7.048   -2.619  1.00 22.59 ? 44 ASP B N   1 
ATOM   707  C CA  . ASP B 1 44 ? 5.217   5.650   -2.248  1.00 19.73 ? 44 ASP B CA  1 
ATOM   708  C C   . ASP B 1 44 ? 3.951   5.509   -1.405  1.00 18.76 ? 44 ASP B C   1 
ATOM   709  O O   . ASP B 1 44 ? 3.786   6.196   -0.421  1.00 22.30 ? 44 ASP B O   1 
ATOM   710  C CB  . ASP B 1 44 ? 6.443   5.297   -1.417  1.00 20.39 ? 44 ASP B CB  1 
ATOM   711  C CG  . ASP B 1 44 ? 6.487   3.849   -1.026  1.00 23.70 ? 44 ASP B CG  1 
ATOM   712  O OD1 . ASP B 1 44 ? 5.444   3.172   -1.027  1.00 32.71 ? 44 ASP B OD1 1 
ATOM   713  O OD2 . ASP B 1 44 ? 7.582   3.366   -0.707  1.00 31.08 ? 44 ASP B OD2 1 
ATOM   714  N N   . PRO B 1 45 ? 3.043   4.615   -1.783  1.00 16.68 ? 45 PRO B N   1 
ATOM   715  C CA  . PRO B 1 45 ? 1.783   4.365   -1.085  1.00 16.04 ? 45 PRO B CA  1 
ATOM   716  C C   . PRO B 1 45 ? 1.923   3.873   0.339   1.00 16.08 ? 45 PRO B C   1 
ATOM   717  O O   . PRO B 1 45 ? 0.940   3.810   1.086   1.00 15.44 ? 45 PRO B O   1 
ATOM   718  C CB  . PRO B 1 45 ? 1.135   3.299   -1.949  1.00 18.53 ? 45 PRO B CB  1 
ATOM   719  C CG  . PRO B 1 45 ? 1.618   3.661   -3.311  1.00 17.22 ? 45 PRO B CG  1 
ATOM   720  C CD  . PRO B 1 45 ? 3.068   3.906   -3.066  1.00 18.01 ? 45 PRO B CD  1 
ATOM   721  N N   . ASN B 1 46 ? 3.143   3.511   0.708   1.00 14.84 ? 46 ASN B N   1 
ATOM   722  C CA  . ASN B 1 46 ? 3.404   3.011   2.048   1.00 13.89 ? 46 ASN B CA  1 
ATOM   723  C C   . ASN B 1 46 ? 3.801   4.046   3.045   1.00 12.46 ? 46 ASN B C   1 
ATOM   724  O O   . ASN B 1 46 ? 3.948   3.730   4.209   1.00 14.11 ? 46 ASN B O   1 
ATOM   725  C CB  . ASN B 1 46 ? 4.495   1.979   2.009   1.00 18.37 ? 46 ASN B CB  1 
ATOM   726  C CG  . ASN B 1 46 ? 4.058   0.733   1.338   1.00 22.03 ? 46 ASN B CG  1 
ATOM   727  O OD1 . ASN B 1 46 ? 2.933   0.259   1.554   1.00 30.24 ? 46 ASN B OD1 1 
ATOM   728  N ND2 . ASN B 1 46 ? 4.919   0.195   0.484   1.00 29.22 ? 46 ASN B ND2 1 
ATOM   729  N N   . TRP B 1 47 ? 4.018   5.269   2.590   1.00 11.38 ? 47 TRP B N   1 
ATOM   730  C CA  . TRP B 1 47 ? 4.398   6.358   3.469   1.00 11.74 ? 47 TRP B CA  1 
ATOM   731  C C   . TRP B 1 47 ? 3.522   7.543   3.216   1.00 11.54 ? 47 TRP B C   1 
ATOM   732  O O   . TRP B 1 47 ? 3.116   7.779   2.095   1.00 13.01 ? 47 TRP B O   1 
ATOM   733  C CB  . TRP B 1 47 ? 5.838   6.767   3.230   1.00 12.57 ? 47 TRP B CB  1 
ATOM   734  C CG  . TRP B 1 47 ? 6.805   5.685   3.518   1.00 13.34 ? 47 TRP B CG  1 
ATOM   735  C CD1 . TRP B 1 47 ? 7.132   4.641   2.702   1.00 9.92  ? 47 TRP B CD1 1 
ATOM   736  C CD2 . TRP B 1 47 ? 7.577   5.530   4.706   1.00 8.98  ? 47 TRP B CD2 1 
ATOM   737  N NE1 . TRP B 1 47 ? 8.059   3.846   3.312   1.00 12.80 ? 47 TRP B NE1 1 
ATOM   738  C CE2 . TRP B 1 47 ? 8.352   4.370   4.548   1.00 12.66 ? 47 TRP B CE2 1 
ATOM   739  C CE3 . TRP B 1 47 ? 7.688   6.253   5.887   1.00 9.08  ? 47 TRP B CE3 1 
ATOM   740  C CZ2 . TRP B 1 47 ? 9.231   3.919   5.536   1.00 10.28 ? 47 TRP B CZ2 1 
ATOM   741  C CZ3 . TRP B 1 47 ? 8.555   5.806   6.863   1.00 10.23 ? 47 TRP B CZ3 1 
ATOM   742  C CH2 . TRP B 1 47 ? 9.313   4.654   6.683   1.00 8.63  ? 47 TRP B CH2 1 
ATOM   743  N N   . TYR B 1 48 ? 3.230   8.275   4.276   1.00 11.82 ? 48 TYR B N   1 
ATOM   744  C CA  . TYR B 1 48 ? 2.400   9.463   4.209   1.00 13.73 ? 48 TYR B CA  1 
ATOM   745  C C   . TYR B 1 48 ? 3.203   10.599  4.808   1.00 13.80 ? 48 TYR B C   1 
ATOM   746  O O   . TYR B 1 48 ? 4.179   10.351  5.518   1.00 16.80 ? 48 TYR B O   1 
ATOM   747  C CB  . TYR B 1 48 ? 1.220   9.299   5.156   1.00 14.24 ? 48 TYR B CB  1 
ATOM   748  C CG  . TYR B 1 48 ? 0.263   8.202   4.823   1.00 18.93 ? 48 TYR B CG  1 
ATOM   749  C CD1 . TYR B 1 48 ? -0.169  8.011   3.511   1.00 19.21 ? 48 TYR B CD1 1 
ATOM   750  C CD2 . TYR B 1 48 ? -0.282  7.399   5.826   1.00 10.37 ? 48 TYR B CD2 1 
ATOM   751  C CE1 . TYR B 1 48 ? -1.136  7.047   3.205   1.00 15.75 ? 48 TYR B CE1 1 
ATOM   752  C CE2 . TYR B 1 48 ? -1.237  6.445   5.530   1.00 8.93  ? 48 TYR B CE2 1 
ATOM   753  C CZ  . TYR B 1 48 ? -1.669  6.273   4.217   1.00 15.72 ? 48 TYR B CZ  1 
ATOM   754  O OH  . TYR B 1 48 ? -2.670  5.360   3.900   1.00 16.36 ? 48 TYR B OH  1 
ATOM   755  N N   . LYS B 1 49 ? 2.777   11.835  4.574   1.00 13.23 ? 49 LYS B N   1 
ATOM   756  C CA  . LYS B 1 49 ? 3.415   12.979  5.230   1.00 12.51 ? 49 LYS B CA  1 
ATOM   757  C C   . LYS B 1 49 ? 2.400   13.268  6.335   1.00 9.92  ? 49 LYS B C   1 
ATOM   758  O O   . LYS B 1 49 ? 1.210   13.364  6.056   1.00 11.26 ? 49 LYS B O   1 
ATOM   759  C CB  . LYS B 1 49 ? 3.539   14.173  4.314   1.00 11.73 ? 49 LYS B CB  1 
ATOM   760  C CG  . LYS B 1 49 ? 4.244   15.304  4.977   1.00 11.52 ? 49 LYS B CG  1 
ATOM   761  C CD  . LYS B 1 49 ? 4.582   16.357  3.957   1.00 23.34 ? 49 LYS B CD  1 
ATOM   762  C CE  . LYS B 1 49 ? 5.725   17.255  4.435   1.00 33.33 ? 49 LYS B CE  1 
ATOM   763  N NZ  . LYS B 1 49 ? 7.010   16.524  4.846   1.00 37.73 ? 49 LYS B NZ  1 
ATOM   764  N N   . ALA B 1 50 ? 2.845   13.303  7.581   1.00 8.26  ? 50 ALA B N   1 
ATOM   765  C CA  . ALA B 1 50 ? 1.954   13.514  8.706   1.00 8.28  ? 50 ALA B CA  1 
ATOM   766  C C   . ALA B 1 50 ? 2.432   14.629  9.634   1.00 8.70  ? 50 ALA B C   1 
ATOM   767  O O   . ALA B 1 50 ? 3.516   15.194  9.438   1.00 8.01  ? 50 ALA B O   1 
ATOM   768  C CB  . ALA B 1 50 ? 1.793   12.213  9.477   1.00 2.00  ? 50 ALA B CB  1 
ATOM   769  N N   . LYS B 1 51 ? 1.614   14.918  10.650  1.00 8.85  ? 51 LYS B N   1 
ATOM   770  C CA  . LYS B 1 51 ? 1.891   15.951  11.648  1.00 9.23  ? 51 LYS B CA  1 
ATOM   771  C C   . LYS B 1 51 ? 1.435   15.447  13.002  1.00 10.29 ? 51 LYS B C   1 
ATOM   772  O O   . LYS B 1 51 ? 0.401   14.779  13.079  1.00 11.30 ? 51 LYS B O   1 
ATOM   773  C CB  . LYS B 1 51 ? 1.039   17.181  11.376  1.00 11.20 ? 51 LYS B CB  1 
ATOM   774  C CG  . LYS B 1 51 ? 1.693   18.259  10.575  1.00 18.05 ? 51 LYS B CG  1 
ATOM   775  C CD  . LYS B 1 51 ? 0.824   19.498  10.602  1.00 25.34 ? 51 LYS B CD  1 
ATOM   776  C CE  . LYS B 1 51 ? 1.520   20.706  9.962   1.00 32.94 ? 51 LYS B CE  1 
ATOM   777  N NZ  . LYS B 1 51 ? 2.622   21.293  10.808  1.00 38.73 ? 51 LYS B NZ  1 
ATOM   778  N N   . ASN B 1 52 ? 2.184   15.744  14.064  1.00 10.47 ? 52 ASN B N   1 
ATOM   779  C CA  . ASN B 1 52 ? 1.752   15.352  15.389  1.00 10.06 ? 52 ASN B CA  1 
ATOM   780  C C   . ASN B 1 52 ? 0.962   16.500  16.019  1.00 11.79 ? 52 ASN B C   1 
ATOM   781  O O   . ASN B 1 52 ? 0.886   17.580  15.449  1.00 11.57 ? 52 ASN B O   1 
ATOM   782  C CB  . ASN B 1 52 ? 2.894   14.836  16.273  1.00 11.35 ? 52 ASN B CB  1 
ATOM   783  C CG  . ASN B 1 52 ? 3.919   15.865  16.593  1.00 11.89 ? 52 ASN B CG  1 
ATOM   784  O OD1 . ASN B 1 52 ? 3.757   17.038  16.303  1.00 22.24 ? 52 ASN B OD1 1 
ATOM   785  N ND2 . ASN B 1 52 ? 4.992   15.434  17.211  1.00 8.38  ? 52 ASN B ND2 1 
ATOM   786  N N   . LYS B 1 53 ? 0.328   16.253  17.165  1.00 16.39 ? 53 LYS B N   1 
ATOM   787  C CA  . LYS B 1 53 ? -0.507  17.273  17.845  1.00 19.85 ? 53 LYS B CA  1 
ATOM   788  C C   . LYS B 1 53 ? 0.173   18.632  18.060  1.00 20.21 ? 53 LYS B C   1 
ATOM   789  O O   . LYS B 1 53 ? -0.482  19.690  18.131  1.00 21.85 ? 53 LYS B O   1 
ATOM   790  C CB  . LYS B 1 53 ? -1.032  16.740  19.199  1.00 22.78 ? 53 LYS B CB  1 
ATOM   791  C CG  . LYS B 1 53 ? -2.234  15.779  19.108  1.00 27.83 ? 53 LYS B CG  1 
ATOM   792  C CD  . LYS B 1 53 ? -3.512  16.469  18.607  1.00 38.30 ? 53 LYS B CD  1 
ATOM   793  C CE  . LYS B 1 53 ? -4.734  15.546  18.678  1.00 44.36 ? 53 LYS B CE  1 
ATOM   794  N NZ  . LYS B 1 53 ? -6.047  16.283  18.765  1.00 49.48 ? 53 LYS B NZ  1 
ATOM   795  N N   . VAL B 1 54 ? 1.495   18.595  18.074  1.00 18.65 ? 54 VAL B N   1 
ATOM   796  C CA  . VAL B 1 54 ? 2.268   19.767  18.311  1.00 15.59 ? 54 VAL B CA  1 
ATOM   797  C C   . VAL B 1 54 ? 2.879   20.441  17.077  1.00 14.16 ? 54 VAL B C   1 
ATOM   798  O O   . VAL B 1 54 ? 3.721   21.315  17.202  1.00 14.30 ? 54 VAL B O   1 
ATOM   799  C CB  . VAL B 1 54 ? 3.305   19.424  19.337  1.00 16.26 ? 54 VAL B CB  1 
ATOM   800  C CG1 . VAL B 1 54 ? 4.505   18.822  18.682  1.00 18.39 ? 54 VAL B CG1 1 
ATOM   801  C CG2 . VAL B 1 54 ? 3.625   20.611  20.142  1.00 20.33 ? 54 VAL B CG2 1 
ATOM   802  N N   . GLY B 1 55 ? 2.481   20.033  15.881  1.00 13.04 ? 55 GLY B N   1 
ATOM   803  C CA  . GLY B 1 55 ? 3.001   20.694  14.698  1.00 11.37 ? 55 GLY B CA  1 
ATOM   804  C C   . GLY B 1 55 ? 4.218   20.148  13.971  1.00 11.39 ? 55 GLY B C   1 
ATOM   805  O O   . GLY B 1 55 ? 4.550   20.628  12.888  1.00 11.07 ? 55 GLY B O   1 
ATOM   806  N N   . ARG B 1 56 ? 4.945   19.230  14.592  1.00 12.11 ? 56 ARG B N   1 
ATOM   807  C CA  . ARG B 1 56 ? 6.088   18.627  13.941  1.00 10.92 ? 56 ARG B CA  1 
ATOM   808  C C   . ARG B 1 56 ? 5.544   17.800  12.766  1.00 11.79 ? 56 ARG B C   1 
ATOM   809  O O   . ARG B 1 56 ? 4.515   17.131  12.868  1.00 14.29 ? 56 ARG B O   1 
ATOM   810  C CB  . ARG B 1 56 ? 6.859   17.754  14.907  1.00 10.93 ? 56 ARG B CB  1 
ATOM   811  C CG  . ARG B 1 56 ? 8.208   17.424  14.372  1.00 10.25 ? 56 ARG B CG  1 
ATOM   812  C CD  . ARG B 1 56 ? 8.990   16.593  15.339  1.00 14.84 ? 56 ARG B CD  1 
ATOM   813  N NE  . ARG B 1 56 ? 10.173  16.049  14.682  1.00 18.52 ? 56 ARG B NE  1 
ATOM   814  C CZ  . ARG B 1 56 ? 11.165  15.433  15.315  1.00 22.99 ? 56 ARG B CZ  1 
ATOM   815  N NH1 . ARG B 1 56 ? 11.120  15.295  16.642  1.00 21.39 ? 56 ARG B NH1 1 
ATOM   816  N NH2 . ARG B 1 56 ? 12.177  14.912  14.614  1.00 20.44 ? 56 ARG B NH2 1 
ATOM   817  N N   . GLU B 1 57 ? 6.270   17.799  11.667  1.00 13.28 ? 57 GLU B N   1 
ATOM   818  C CA  . GLU B 1 57 ? 5.826   17.139  10.449  1.00 12.37 ? 57 GLU B CA  1 
ATOM   819  C C   . GLU B 1 57 ? 6.870   16.172  9.904   1.00 10.75 ? 57 GLU B C   1 
ATOM   820  O O   . GLU B 1 57 ? 8.044   16.294  10.234  1.00 10.79 ? 57 GLU B O   1 
ATOM   821  C CB  . GLU B 1 57 ? 5.567   18.250  9.452   1.00 11.16 ? 57 GLU B CB  1 
ATOM   822  C CG  . GLU B 1 57 ? 4.936   17.833  8.176   1.00 25.63 ? 57 GLU B CG  1 
ATOM   823  C CD  . GLU B 1 57 ? 4.490   19.026  7.391   1.00 31.06 ? 57 GLU B CD  1 
ATOM   824  O OE1 . GLU B 1 57 ? 4.958   20.130  7.726   1.00 34.09 ? 57 GLU B OE1 1 
ATOM   825  O OE2 . GLU B 1 57 ? 3.668   18.870  6.462   1.00 37.85 ? 57 GLU B OE2 1 
ATOM   826  N N   . GLY B 1 58 ? 6.457   15.190  9.113   1.00 9.72  ? 58 GLY B N   1 
ATOM   827  C CA  . GLY B 1 58 ? 7.432   14.270  8.570   1.00 8.02  ? 58 GLY B CA  1 
ATOM   828  C C   . GLY B 1 58 ? 6.780   13.057  7.971   1.00 11.30 ? 58 GLY B C   1 
ATOM   829  O O   . GLY B 1 58 ? 5.562   12.918  8.047   1.00 11.84 ? 58 GLY B O   1 
ATOM   830  N N   . ILE B 1 59 ? 7.602   12.145  7.463   1.00 11.72 ? 59 ILE B N   1 
ATOM   831  C CA  . ILE B 1 59 ? 7.172   10.912  6.791   1.00 13.09 ? 59 ILE B CA  1 
ATOM   832  C C   . ILE B 1 59 ? 6.938   9.764   7.777   1.00 12.30 ? 59 ILE B C   1 
ATOM   833  O O   . ILE B 1 59 ? 7.652   9.637   8.768   1.00 15.54 ? 59 ILE B O   1 
ATOM   834  C CB  . ILE B 1 59 ? 8.227   10.562  5.704   1.00 14.54 ? 59 ILE B CB  1 
ATOM   835  C CG1 . ILE B 1 59 ? 8.312   11.726  4.721   1.00 19.05 ? 59 ILE B CG1 1 
ATOM   836  C CG2 . ILE B 1 59 ? 7.867   9.350   4.916   1.00 16.63 ? 59 ILE B CG2 1 
ATOM   837  C CD1 . ILE B 1 59 ? 6.972   12.101  4.143   1.00 19.75 ? 59 ILE B CD1 1 
ATOM   838  N N   . ILE B 1 60 ? 5.910   8.961   7.538   1.00 11.38 ? 60 ILE B N   1 
ATOM   839  C CA  . ILE B 1 60 ? 5.560   7.849   8.428   1.00 11.25 ? 60 ILE B CA  1 
ATOM   840  C C   . ILE B 1 60 ? 4.969   6.698   7.604   1.00 12.18 ? 60 ILE B C   1 
ATOM   841  O O   . ILE B 1 60 ? 4.351   6.942   6.541   1.00 12.20 ? 60 ILE B O   1 
ATOM   842  C CB  . ILE B 1 60 ? 4.401   8.257   9.433   1.00 12.71 ? 60 ILE B CB  1 
ATOM   843  C CG1 . ILE B 1 60 ? 3.089   8.499   8.668   1.00 8.60  ? 60 ILE B CG1 1 
ATOM   844  C CG2 . ILE B 1 60 ? 4.748   9.521   10.190  1.00 13.89 ? 60 ILE B CG2 1 
ATOM   845  C CD1 . ILE B 1 60 ? 1.903   8.638   9.543   1.00 8.51  ? 60 ILE B CD1 1 
ATOM   846  N N   . PRO B 1 61 ? 5.135   5.443   8.075   1.00 10.36 ? 61 PRO B N   1 
ATOM   847  C CA  . PRO B 1 61 ? 4.603   4.265   7.388   1.00 10.61 ? 61 PRO B CA  1 
ATOM   848  C C   . PRO B 1 61 ? 3.093   4.132   7.556   1.00 11.01 ? 61 PRO B C   1 
ATOM   849  O O   . PRO B 1 61 ? 2.558   4.180   8.663   1.00 11.88 ? 61 PRO B O   1 
ATOM   850  C CB  . PRO B 1 61 ? 5.334   3.103   8.063   1.00 4.89  ? 61 PRO B CB  1 
ATOM   851  C CG  . PRO B 1 61 ? 5.627   3.613   9.385   1.00 8.28  ? 61 PRO B CG  1 
ATOM   852  C CD  . PRO B 1 61 ? 6.066   5.025   9.133   1.00 11.37 ? 61 PRO B CD  1 
ATOM   853  N N   . ALA B 1 62 ? 2.421   3.878   6.449   1.00 11.70 ? 62 ALA B N   1 
ATOM   854  C CA  . ALA B 1 62 ? 0.996   3.709   6.442   1.00 12.02 ? 62 ALA B CA  1 
ATOM   855  C C   . ALA B 1 62 ? 0.551   2.590   7.362   1.00 13.73 ? 62 ALA B C   1 
ATOM   856  O O   . ALA B 1 62 ? -0.481  2.692   7.989   1.00 17.59 ? 62 ALA B O   1 
ATOM   857  C CB  . ALA B 1 62 ? 0.540   3.427   5.045   1.00 9.63  ? 62 ALA B CB  1 
ATOM   858  N N   . ASN B 1 63 ? 1.334   1.525   7.463   1.00 17.39 ? 63 ASN B N   1 
ATOM   859  C CA  . ASN B 1 63 ? 0.978   0.348   8.283   1.00 17.84 ? 63 ASN B CA  1 
ATOM   860  C C   . ASN B 1 63 ? 0.945   0.522   9.784   1.00 16.75 ? 63 ASN B C   1 
ATOM   861  O O   . ASN B 1 63 ? 0.394   -0.312  10.491  1.00 18.06 ? 63 ASN B O   1 
ATOM   862  C CB  . ASN B 1 63 ? 1.933   -0.819  7.997   1.00 25.69 ? 63 ASN B CB  1 
ATOM   863  C CG  . ASN B 1 63 ? 1.897   -1.265  6.565   1.00 30.84 ? 63 ASN B CG  1 
ATOM   864  O OD1 . ASN B 1 63 ? 2.843   -1.027  5.810   1.00 42.51 ? 63 ASN B OD1 1 
ATOM   865  N ND2 . ASN B 1 63 ? 0.801   -1.904  6.168   1.00 37.24 ? 63 ASN B ND2 1 
ATOM   866  N N   . TYR B 1 64 ? 1.619   1.550   10.275  1.00 16.03 ? 64 TYR B N   1 
ATOM   867  C CA  . TYR B 1 64 ? 1.707   1.806   11.702  1.00 13.65 ? 64 TYR B CA  1 
ATOM   868  C C   . TYR B 1 64 ? 0.556   2.651   12.183  1.00 12.34 ? 64 TYR B C   1 
ATOM   869  O O   . TYR B 1 64 ? 0.445   2.913   13.359  1.00 12.91 ? 64 TYR B O   1 
ATOM   870  C CB  . TYR B 1 64 ? 3.006   2.580   11.994  1.00 12.31 ? 64 TYR B CB  1 
ATOM   871  C CG  . TYR B 1 64 ? 4.260   1.755   12.070  1.00 8.22  ? 64 TYR B CG  1 
ATOM   872  C CD1 . TYR B 1 64 ? 4.641   0.900   11.039  1.00 11.72 ? 64 TYR B CD1 1 
ATOM   873  C CD2 . TYR B 1 64 ? 5.072   1.839   13.163  1.00 9.99  ? 64 TYR B CD2 1 
ATOM   874  C CE1 . TYR B 1 64 ? 5.819   0.151   11.117  1.00 9.02  ? 64 TYR B CE1 1 
ATOM   875  C CE2 . TYR B 1 64 ? 6.240   1.097   13.253  1.00 16.13 ? 64 TYR B CE2 1 
ATOM   876  C CZ  . TYR B 1 64 ? 6.612   0.254   12.230  1.00 10.83 ? 64 TYR B CZ  1 
ATOM   877  O OH  . TYR B 1 64 ? 7.771   -0.481  12.369  1.00 12.92 ? 64 TYR B OH  1 
ATOM   878  N N   . VAL B 1 65 ? -0.353  3.004   11.302  1.00 12.25 ? 65 VAL B N   1 
ATOM   879  C CA  . VAL B 1 65 ? -1.385  3.929   11.673  1.00 13.54 ? 65 VAL B CA  1 
ATOM   880  C C   . VAL B 1 65 ? -2.770  3.418   11.382  1.00 18.53 ? 65 VAL B C   1 
ATOM   881  O O   . VAL B 1 65 ? -2.968  2.617   10.477  1.00 19.30 ? 65 VAL B O   1 
ATOM   882  C CB  . VAL B 1 65 ? -1.063  5.229   10.938  1.00 13.26 ? 65 VAL B CB  1 
ATOM   883  C CG1 . VAL B 1 65 ? -2.236  5.816   10.278  1.00 13.33 ? 65 VAL B CG1 1 
ATOM   884  C CG2 . VAL B 1 65 ? -0.345  6.181   11.848  1.00 11.31 ? 65 VAL B CG2 1 
ATOM   885  N N   . GLN B 1 66 ? -3.739  3.858   12.177  1.00 22.60 ? 66 GLN B N   1 
ATOM   886  C CA  . GLN B 1 66 ? -5.123  3.434   11.993  1.00 25.85 ? 66 GLN B CA  1 
ATOM   887  C C   . GLN B 1 66 ? -6.082  4.607   11.950  1.00 25.04 ? 66 GLN B C   1 
ATOM   888  O O   . GLN B 1 66 ? -6.174  5.369   12.906  1.00 27.14 ? 66 GLN B O   1 
ATOM   889  C CB  . GLN B 1 66 ? -5.559  2.477   13.100  1.00 28.98 ? 66 GLN B CB  1 
ATOM   890  C CG  . GLN B 1 66 ? -6.806  1.685   12.728  1.00 36.96 ? 66 GLN B CG  1 
ATOM   891  C CD  . GLN B 1 66 ? -7.244  0.773   13.839  1.00 44.32 ? 66 GLN B CD  1 
ATOM   892  O OE1 . GLN B 1 66 ? -6.727  -0.341  13.988  1.00 43.94 ? 66 GLN B OE1 1 
ATOM   893  N NE2 . GLN B 1 66 ? -8.183  1.250   14.657  1.00 46.83 ? 66 GLN B NE2 1 
ATOM   894  N N   . LYS B 1 67 ? -6.791  4.724   10.832  1.00 26.11 ? 67 LYS B N   1 
ATOM   895  C CA  . LYS B 1 67 ? -7.761  5.781   10.597  1.00 27.08 ? 67 LYS B CA  1 
ATOM   896  C C   . LYS B 1 67 ? -8.712  5.846   11.777  1.00 28.70 ? 67 LYS B C   1 
ATOM   897  O O   . LYS B 1 67 ? -9.494  4.932   11.992  1.00 31.78 ? 67 LYS B O   1 
ATOM   898  C CB  . LYS B 1 67 ? -8.522  5.492   9.311   1.00 23.81 ? 67 LYS B CB  1 
ATOM   899  C CG  . LYS B 1 67 ? -9.571  6.492   8.970   1.00 18.49 ? 67 LYS B CG  1 
ATOM   900  C CD  . LYS B 1 67 ? -9.207  7.200   7.700   1.00 24.70 ? 67 LYS B CD  1 
ATOM   901  C CE  . LYS B 1 67 ? -10.421 7.896   7.085   1.00 27.23 ? 67 LYS B CE  1 
ATOM   902  N NZ  . LYS B 1 67 ? -11.514 6.918   6.792   1.00 33.28 ? 67 LYS B NZ  1 
ATOM   903  N N   . ARG B 1 68 ? -8.578  6.903   12.572  1.00 30.59 ? 68 ARG B N   1 
ATOM   904  C CA  . ARG B 1 68 ? -9.381  7.138   13.774  1.00 32.23 ? 68 ARG B CA  1 
ATOM   905  C C   . ARG B 1 68 ? -10.838 7.386   13.376  1.00 31.16 ? 68 ARG B C   1 
ATOM   906  C CB  . ARG B 1 68 ? -8.807  8.358   14.528  1.00 34.48 ? 68 ARG B CB  1 
ATOM   907  C CG  . ARG B 1 68 ? -9.360  8.621   15.898  1.00 36.29 ? 68 ARG B CG  1 
ATOM   908  C CD  . ARG B 1 68 ? -8.776  9.904   16.490  1.00 41.95 ? 68 ARG B CD  1 
ATOM   909  N NE  . ARG B 1 68 ? -9.383  10.233  17.788  1.00 51.06 ? 68 ARG B NE  1 
ATOM   910  C CZ  . ARG B 1 68 ? -9.227  11.389  18.438  1.00 52.74 ? 68 ARG B CZ  1 
ATOM   911  N NH1 . ARG B 1 68 ? -8.474  12.354  17.921  1.00 58.42 ? 68 ARG B NH1 1 
ATOM   912  N NH2 . ARG B 1 68 ? -9.842  11.592  19.603  1.00 54.41 ? 68 ARG B NH2 1 
ATOM   913  N N   . GLY C 1 11 ? 27.190  -12.850 6.971   1.00 41.08 ? 11 GLY C N   1 
ATOM   914  C CA  . GLY C 1 11 ? 27.327  -11.363 6.896   1.00 39.79 ? 11 GLY C CA  1 
ATOM   915  C C   . GLY C 1 11 ? 27.725  -10.770 8.237   1.00 39.48 ? 11 GLY C C   1 
ATOM   916  O O   . GLY C 1 11 ? 28.363  -11.456 9.044   1.00 41.44 ? 11 GLY C O   1 
ATOM   917  N N   . THR C 1 12 ? 27.331  -9.527  8.506   1.00 37.10 ? 12 THR C N   1 
ATOM   918  C CA  . THR C 1 12 ? 27.695  -8.899  9.764   1.00 33.75 ? 12 THR C CA  1 
ATOM   919  C C   . THR C 1 12 ? 26.555  -8.969  10.775  1.00 32.97 ? 12 THR C C   1 
ATOM   920  O O   . THR C 1 12 ? 25.434  -8.590  10.485  1.00 33.27 ? 12 THR C O   1 
ATOM   921  C CB  . THR C 1 12 ? 28.283  -7.461  9.534   1.00 32.61 ? 12 THR C CB  1 
ATOM   922  O OG1 . THR C 1 12 ? 27.911  -6.570  10.590  1.00 33.14 ? 12 THR C OG1 1 
ATOM   923  C CG2 . THR C 1 12 ? 27.863  -6.903  8.193   1.00 34.62 ? 12 THR C CG2 1 
ATOM   924  N N   . GLU C 1 13 ? 26.833  -9.582  11.916  1.00 31.51 ? 13 GLU C N   1 
ATOM   925  C CA  . GLU C 1 13 ? 25.849  -9.727  12.973  1.00 32.30 ? 13 GLU C CA  1 
ATOM   926  C C   . GLU C 1 13 ? 25.498  -8.386  13.614  1.00 32.03 ? 13 GLU C C   1 
ATOM   927  O O   . GLU C 1 13 ? 26.392  -7.590  13.935  1.00 32.94 ? 13 GLU C O   1 
ATOM   928  C CB  . GLU C 1 13 ? 26.352  -10.699 14.041  1.00 31.78 ? 13 GLU C CB  1 
ATOM   929  C CG  . GLU C 1 13 ? 26.460  -12.134 13.559  1.00 39.92 ? 13 GLU C CG  1 
ATOM   930  C CD  . GLU C 1 13 ? 26.095  -13.141 14.638  1.00 45.26 ? 13 GLU C CD  1 
ATOM   931  O OE1 . GLU C 1 13 ? 26.696  -13.082 15.736  1.00 48.78 ? 13 GLU C OE1 1 
ATOM   932  O OE2 . GLU C 1 13 ? 25.191  -13.979 14.393  1.00 49.03 ? 13 GLU C OE2 1 
ATOM   933  N N   . CYS C 1 14 ? 24.205  -8.192  13.872  1.00 28.90 ? 14 CYS C N   1 
ATOM   934  C CA  . CYS C 1 14 ? 23.691  -6.965  14.443  1.00 26.89 ? 14 CYS C CA  1 
ATOM   935  C C   . CYS C 1 14 ? 22.590  -7.266  15.442  1.00 25.97 ? 14 CYS C C   1 
ATOM   936  O O   . CYS C 1 14 ? 21.907  -8.274  15.320  1.00 26.11 ? 14 CYS C O   1 
ATOM   937  C CB  . CYS C 1 14 ? 23.136  -6.092  13.318  1.00 26.22 ? 14 CYS C CB  1 
ATOM   938  S SG  . CYS C 1 14 ? 24.417  -5.086  12.424  1.00 42.36 ? 14 CYS C SG  1 
ATOM   939  N N   . ILE C 1 15 ? 22.464  -6.433  16.469  1.00 24.52 ? 15 ILE C N   1 
ATOM   940  C CA  . ILE C 1 15 ? 21.414  -6.605  17.462  1.00 25.59 ? 15 ILE C CA  1 
ATOM   941  C C   . ILE C 1 15 ? 20.344  -5.544  17.219  1.00 23.73 ? 15 ILE C C   1 
ATOM   942  O O   . ILE C 1 15 ? 20.652  -4.411  16.854  1.00 21.92 ? 15 ILE C O   1 
ATOM   943  C CB  . ILE C 1 15 ? 21.932  -6.480  18.913  1.00 28.73 ? 15 ILE C CB  1 
ATOM   944  C CG1 . ILE C 1 15 ? 23.068  -7.477  19.150  1.00 37.01 ? 15 ILE C CG1 1 
ATOM   945  C CG2 . ILE C 1 15 ? 20.810  -6.807  19.904  1.00 28.27 ? 15 ILE C CG2 1 
ATOM   946  C CD1 . ILE C 1 15 ? 23.587  -7.524  20.604  1.00 42.65 ? 15 ILE C CD1 1 
ATOM   947  N N   . ALA C 1 16 ? 19.091  -5.932  17.413  1.00 22.79 ? 16 ALA C N   1 
ATOM   948  C CA  . ALA C 1 16 ? 17.953  -5.045  17.206  1.00 22.44 ? 16 ALA C CA  1 
ATOM   949  C C   . ALA C 1 16 ? 17.796  -4.084  18.377  1.00 20.83 ? 16 ALA C C   1 
ATOM   950  O O   . ALA C 1 16 ? 17.667  -4.495  19.521  1.00 22.48 ? 16 ALA C O   1 
ATOM   951  C CB  . ALA C 1 16 ? 16.672  -5.865  16.998  1.00 17.64 ? 16 ALA C CB  1 
ATOM   952  N N   . LYS C 1 17 ? 17.834  -2.798  18.076  1.00 21.50 ? 17 LYS C N   1 
ATOM   953  C CA  . LYS C 1 17 ? 17.710  -1.740  19.073  1.00 21.32 ? 17 LYS C CA  1 
ATOM   954  C C   . LYS C 1 17 ? 16.247  -1.521  19.454  1.00 22.11 ? 17 LYS C C   1 
ATOM   955  O O   . LYS C 1 17 ? 15.952  -1.004  20.539  1.00 23.01 ? 17 LYS C O   1 
ATOM   956  C CB  . LYS C 1 17 ? 18.249  -0.433  18.492  1.00 19.60 ? 17 LYS C CB  1 
ATOM   957  C CG  . LYS C 1 17 ? 19.641  -0.107  18.841  1.00 19.68 ? 17 LYS C CG  1 
ATOM   958  C CD  . LYS C 1 17 ? 19.645  1.298   19.383  1.00 24.49 ? 17 LYS C CD  1 
ATOM   959  C CE  . LYS C 1 17 ? 20.563  2.197   18.582  1.00 34.32 ? 17 LYS C CE  1 
ATOM   960  N NZ  . LYS C 1 17 ? 20.364  2.118   17.090  1.00 38.24 ? 17 LYS C NZ  1 
ATOM   961  N N   . TYR C 1 18 ? 15.342  -1.842  18.530  1.00 19.43 ? 18 TYR C N   1 
ATOM   962  C CA  . TYR C 1 18 ? 13.929  -1.642  18.765  1.00 18.04 ? 18 TYR C CA  1 
ATOM   963  C C   . TYR C 1 18 ? 13.152  -2.716  18.048  1.00 17.19 ? 18 TYR C C   1 
ATOM   964  O O   . TYR C 1 18 ? 13.721  -3.587  17.408  1.00 16.81 ? 18 TYR C O   1 
ATOM   965  C CB  . TYR C 1 18 ? 13.450  -0.284  18.208  1.00 17.18 ? 18 TYR C CB  1 
ATOM   966  C CG  . TYR C 1 18 ? 14.404  0.901   18.301  1.00 17.62 ? 18 TYR C CG  1 
ATOM   967  C CD1 . TYR C 1 18 ? 14.644  1.551   19.513  1.00 18.29 ? 18 TYR C CD1 1 
ATOM   968  C CD2 . TYR C 1 18 ? 15.051  1.385   17.159  1.00 20.45 ? 18 TYR C CD2 1 
ATOM   969  C CE1 . TYR C 1 18 ? 15.508  2.654   19.580  1.00 18.58 ? 18 TYR C CE1 1 
ATOM   970  C CE2 . TYR C 1 18 ? 15.911  2.476   17.212  1.00 17.26 ? 18 TYR C CE2 1 
ATOM   971  C CZ  . TYR C 1 18 ? 16.137  3.099   18.422  1.00 22.09 ? 18 TYR C CZ  1 
ATOM   972  O OH  . TYR C 1 18 ? 17.024  4.147   18.478  1.00 32.24 ? 18 TYR C OH  1 
ATOM   973  N N   . ASN C 1 19 ? 11.836  -2.632  18.175  1.00 17.68 ? 19 ASN C N   1 
ATOM   974  C CA  . ASN C 1 19 ? 10.910  -3.547  17.530  1.00 17.53 ? 19 ASN C CA  1 
ATOM   975  C C   . ASN C 1 19 ? 10.634  -2.947  16.167  1.00 17.46 ? 19 ASN C C   1 
ATOM   976  O O   . ASN C 1 19 ? 10.557  -1.716  16.025  1.00 18.43 ? 19 ASN C O   1 
ATOM   977  C CB  . ASN C 1 19 ? 9.571   -3.597  18.272  1.00 21.46 ? 19 ASN C CB  1 
ATOM   978  C CG  . ASN C 1 19 ? 9.640   -4.302  19.610  1.00 22.55 ? 19 ASN C CG  1 
ATOM   979  O OD1 . ASN C 1 19 ? 10.477  -5.172  19.853  1.00 32.63 ? 19 ASN C OD1 1 
ATOM   980  N ND2 . ASN C 1 19 ? 8.712   -3.959  20.476  1.00 29.87 ? 19 ASN C ND2 1 
ATOM   981  N N   . PHE C 1 20 ? 10.396  -3.812  15.186  1.00 17.41 ? 20 PHE C N   1 
ATOM   982  C CA  . PHE C 1 20 ? 10.138  -3.369  13.825  1.00 16.06 ? 20 PHE C CA  1 
ATOM   983  C C   . PHE C 1 20 ? 9.097   -4.271  13.201  1.00 16.88 ? 20 PHE C C   1 
ATOM   984  O O   . PHE C 1 20 ? 9.219   -5.487  13.267  1.00 17.37 ? 20 PHE C O   1 
ATOM   985  C CB  . PHE C 1 20 ? 11.445  -3.417  13.018  1.00 13.64 ? 20 PHE C CB  1 
ATOM   986  C CG  . PHE C 1 20 ? 11.305  -2.963  11.606  1.00 9.80  ? 20 PHE C CG  1 
ATOM   987  C CD1 . PHE C 1 20 ? 10.918  -1.662  11.318  1.00 9.99  ? 20 PHE C CD1 1 
ATOM   988  C CD2 . PHE C 1 20 ? 11.528  -3.834  10.569  1.00 8.71  ? 20 PHE C CD2 1 
ATOM   989  C CE1 . PHE C 1 20 ? 10.754  -1.253  10.002  1.00 13.32 ? 20 PHE C CE1 1 
ATOM   990  C CE2 . PHE C 1 20 ? 11.365  -3.434  9.249   1.00 7.60  ? 20 PHE C CE2 1 
ATOM   991  C CZ  . PHE C 1 20 ? 10.981  -2.160  8.962   1.00 6.59  ? 20 PHE C CZ  1 
ATOM   992  N N   . HIS C 1 21 ? 7.987   -3.670  12.791  1.00 16.89 ? 21 HIS C N   1 
ATOM   993  C CA  . HIS C 1 21 ? 6.888   -4.374  12.121  1.00 19.25 ? 21 HIS C CA  1 
ATOM   994  C C   . HIS C 1 21 ? 7.162   -3.812  10.778  1.00 19.69 ? 21 HIS C C   1 
ATOM   995  O O   . HIS C 1 21 ? 7.445   -2.636  10.674  1.00 26.42 ? 21 HIS C O   1 
ATOM   996  C CB  . HIS C 1 21 ? 5.530   -3.842  12.559  1.00 18.80 ? 21 HIS C CB  1 
ATOM   997  C CG  . HIS C 1 21 ? 5.247   -4.038  14.011  1.00 21.79 ? 21 HIS C CG  1 
ATOM   998  N ND1 . HIS C 1 21 ? 5.736   -3.194  14.988  1.00 27.93 ? 21 HIS C ND1 1 
ATOM   999  C CD2 . HIS C 1 21 ? 4.520   -4.978  14.659  1.00 23.33 ? 21 HIS C CD2 1 
ATOM   1000 C CE1 . HIS C 1 21 ? 5.325   -3.606  16.174  1.00 23.42 ? 21 HIS C CE1 1 
ATOM   1001 N NE2 . HIS C 1 21 ? 4.583   -4.684  16.003  1.00 25.39 ? 21 HIS C NE2 1 
ATOM   1002 N N   . GLY C 1 22 ? 7.066   -4.574  9.726   1.00 18.93 ? 22 GLY C N   1 
ATOM   1003 C CA  . GLY C 1 22 ? 7.410   -3.957  8.467   1.00 17.54 ? 22 GLY C CA  1 
ATOM   1004 C C   . GLY C 1 22 ? 6.580   -2.771  8.045   1.00 16.68 ? 22 GLY C C   1 
ATOM   1005 O O   . GLY C 1 22 ? 5.531   -2.489  8.597   1.00 18.63 ? 22 GLY C O   1 
ATOM   1006 N N   . THR C 1 23 ? 7.102   -2.056  7.068   1.00 17.90 ? 23 THR C N   1 
ATOM   1007 C CA  . THR C 1 23 ? 6.430   -0.923  6.489   1.00 17.98 ? 23 THR C CA  1 
ATOM   1008 C C   . THR C 1 23 ? 6.062   -1.347  5.050   1.00 20.26 ? 23 THR C C   1 
ATOM   1009 O O   . THR C 1 23 ? 5.336   -0.639  4.360   1.00 21.61 ? 23 THR C O   1 
ATOM   1010 C CB  . THR C 1 23 ? 7.349   0.343   6.494   1.00 16.03 ? 23 THR C CB  1 
ATOM   1011 O OG1 . THR C 1 23 ? 8.440   0.186   5.585   1.00 17.30 ? 23 THR C OG1 1 
ATOM   1012 C CG2 . THR C 1 23 ? 7.929   0.564   7.861   1.00 10.35 ? 23 THR C CG2 1 
ATOM   1013 N N   . ALA C 1 24 ? 6.528   -2.534  4.637   1.00 20.79 ? 24 ALA C N   1 
ATOM   1014 C CA  . ALA C 1 24 ? 6.302   -3.090  3.295   1.00 20.35 ? 24 ALA C CA  1 
ATOM   1015 C C   . ALA C 1 24 ? 6.505   -4.608  3.345   1.00 21.48 ? 24 ALA C C   1 
ATOM   1016 O O   . ALA C 1 24 ? 7.195   -5.103  4.229   1.00 23.31 ? 24 ALA C O   1 
ATOM   1017 C CB  . ALA C 1 24 ? 7.254   -2.468  2.324   1.00 17.21 ? 24 ALA C CB  1 
ATOM   1018 N N   . GLU C 1 25 ? 5.962   -5.357  2.388   1.00 23.53 ? 25 GLU C N   1 
ATOM   1019 C CA  . GLU C 1 25 ? 6.073   -6.823  2.456   1.00 25.28 ? 25 GLU C CA  1 
ATOM   1020 C C   . GLU C 1 25 ? 7.494   -7.302  2.408   1.00 24.72 ? 25 GLU C C   1 
ATOM   1021 O O   . GLU C 1 25 ? 7.862   -8.290  3.050   1.00 25.45 ? 25 GLU C O   1 
ATOM   1022 C CB  . GLU C 1 25 ? 5.216   -7.533  1.396   1.00 27.55 ? 25 GLU C CB  1 
ATOM   1023 C CG  . GLU C 1 25 ? 5.460   -7.111  -0.051  1.00 38.44 ? 25 GLU C CG  1 
ATOM   1024 C CD  . GLU C 1 25 ? 5.032   -8.168  -1.078  1.00 41.63 ? 25 GLU C CD  1 
ATOM   1025 O OE1 . GLU C 1 25 ? 4.534   -9.247  -0.679  1.00 45.13 ? 25 GLU C OE1 1 
ATOM   1026 O OE2 . GLU C 1 25 ? 5.226   -7.926  -2.291  1.00 43.77 ? 25 GLU C OE2 1 
ATOM   1027 N N   . GLN C 1 26 ? 8.299   -6.525  1.703   1.00 25.73 ? 26 GLN C N   1 
ATOM   1028 C CA  . GLN C 1 26 ? 9.723   -6.793  1.527   1.00 25.91 ? 26 GLN C CA  1 
ATOM   1029 C C   . GLN C 1 26 ? 10.567  -6.575  2.778   1.00 22.47 ? 26 GLN C C   1 
ATOM   1030 O O   . GLN C 1 26 ? 11.751  -6.917  2.777   1.00 22.53 ? 26 GLN C O   1 
ATOM   1031 C CB  . GLN C 1 26 ? 10.291  -5.948  0.371   1.00 30.66 ? 26 GLN C CB  1 
ATOM   1032 C CG  . GLN C 1 26 ? 9.922   -4.442  0.408   1.00 41.40 ? 26 GLN C CG  1 
ATOM   1033 C CD  . GLN C 1 26 ? 8.571   -4.098  -0.271  1.00 49.47 ? 26 GLN C CD  1 
ATOM   1034 O OE1 . GLN C 1 26 ? 7.629   -4.907  -0.302  1.00 49.10 ? 26 GLN C OE1 1 
ATOM   1035 N NE2 . GLN C 1 26 ? 8.475   -2.875  -0.790  1.00 53.36 ? 26 GLN C NE2 1 
ATOM   1036 N N   . ASP C 1 27 ? 9.977   -5.999  3.826   1.00 19.55 ? 27 ASP C N   1 
ATOM   1037 C CA  . ASP C 1 27 ? 10.716  -5.731  5.057   1.00 18.39 ? 27 ASP C CA  1 
ATOM   1038 C C   . ASP C 1 27 ? 10.696  -6.979  5.939   1.00 16.91 ? 27 ASP C C   1 
ATOM   1039 O O   . ASP C 1 27 ? 9.790   -7.806  5.822   1.00 19.18 ? 27 ASP C O   1 
ATOM   1040 C CB  . ASP C 1 27 ? 10.114  -4.548  5.850   1.00 10.46 ? 27 ASP C CB  1 
ATOM   1041 C CG  . ASP C 1 27 ? 10.207  -3.213  5.125   1.00 15.17 ? 27 ASP C CG  1 
ATOM   1042 O OD1 . ASP C 1 27 ? 10.823  -3.084  4.046   1.00 19.23 ? 27 ASP C OD1 1 
ATOM   1043 O OD2 . ASP C 1 27 ? 9.639   -2.237  5.640   1.00 18.39 ? 27 ASP C OD2 1 
ATOM   1044 N N   . LEU C 1 28 ? 11.672  -7.064  6.842   1.00 14.58 ? 28 LEU C N   1 
ATOM   1045 C CA  . LEU C 1 28 ? 11.817  -8.144  7.801   1.00 12.28 ? 28 LEU C CA  1 
ATOM   1046 C C   . LEU C 1 28 ? 11.556  -7.595  9.209   1.00 13.16 ? 28 LEU C C   1 
ATOM   1047 O O   . LEU C 1 28 ? 12.351  -6.833  9.749   1.00 13.44 ? 28 LEU C O   1 
ATOM   1048 C CB  . LEU C 1 28 ? 13.247  -8.676  7.749   1.00 9.61  ? 28 LEU C CB  1 
ATOM   1049 C CG  . LEU C 1 28 ? 13.645  -9.694  8.814   1.00 11.48 ? 28 LEU C CG  1 
ATOM   1050 C CD1 . LEU C 1 28 ? 12.941  -11.000 8.548   1.00 6.98  ? 28 LEU C CD1 1 
ATOM   1051 C CD2 . LEU C 1 28 ? 15.130  -9.904  8.788   1.00 3.30  ? 28 LEU C CD2 1 
ATOM   1052 N N   . PRO C 1 29 ? 10.405  -7.916  9.799   1.00 14.19 ? 29 PRO C N   1 
ATOM   1053 C CA  . PRO C 1 29 ? 10.155  -7.403  11.138  1.00 15.99 ? 29 PRO C CA  1 
ATOM   1054 C C   . PRO C 1 29 ? 11.039  -8.134  12.103  1.00 17.21 ? 29 PRO C C   1 
ATOM   1055 O O   . PRO C 1 29 ? 11.625  -9.153  11.751  1.00 20.84 ? 29 PRO C O   1 
ATOM   1056 C CB  . PRO C 1 29 ? 8.693   -7.768  11.380  1.00 16.30 ? 29 PRO C CB  1 
ATOM   1057 C CG  . PRO C 1 29 ? 8.495   -8.961  10.546  1.00 15.04 ? 29 PRO C CG  1 
ATOM   1058 C CD  . PRO C 1 29 ? 9.208   -8.589  9.278   1.00 17.19 ? 29 PRO C CD  1 
ATOM   1059 N N   . PHE C 1 30 ? 11.169  -7.591  13.305  1.00 18.02 ? 30 PHE C N   1 
ATOM   1060 C CA  . PHE C 1 30 ? 11.962  -8.209  14.348  1.00 17.45 ? 30 PHE C CA  1 
ATOM   1061 C C   . PHE C 1 30 ? 11.659  -7.572  15.715  1.00 18.47 ? 30 PHE C C   1 
ATOM   1062 O O   . PHE C 1 30 ? 10.869  -6.616  15.814  1.00 15.76 ? 30 PHE C O   1 
ATOM   1063 C CB  . PHE C 1 30 ? 13.453  -8.160  13.998  1.00 18.88 ? 30 PHE C CB  1 
ATOM   1064 C CG  . PHE C 1 30 ? 13.925  -6.805  13.611  1.00 16.51 ? 30 PHE C CG  1 
ATOM   1065 C CD1 . PHE C 1 30 ? 14.261  -5.867  14.596  1.00 10.58 ? 30 PHE C CD1 1 
ATOM   1066 C CD2 . PHE C 1 30 ? 14.014  -6.452  12.267  1.00 8.87  ? 30 PHE C CD2 1 
ATOM   1067 C CE1 . PHE C 1 30 ? 14.674  -4.601  14.250  1.00 10.89 ? 30 PHE C CE1 1 
ATOM   1068 C CE2 . PHE C 1 30 ? 14.431  -5.190  11.911  1.00 13.24 ? 30 PHE C CE2 1 
ATOM   1069 C CZ  . PHE C 1 30 ? 14.764  -4.253  12.905  1.00 6.68  ? 30 PHE C CZ  1 
ATOM   1070 N N   . CYS C 1 31 ? 12.234  -8.148  16.765  1.00 18.13 ? 31 CYS C N   1 
ATOM   1071 C CA  . CYS C 1 31 ? 12.003  -7.649  18.097  1.00 21.64 ? 31 CYS C CA  1 
ATOM   1072 C C   . CYS C 1 31 ? 13.268  -7.102  18.708  1.00 22.86 ? 31 CYS C C   1 
ATOM   1073 O O   . CYS C 1 31 ? 14.366  -7.453  18.301  1.00 22.68 ? 31 CYS C O   1 
ATOM   1074 C CB  . CYS C 1 31 ? 11.460  -8.751  19.000  1.00 22.08 ? 31 CYS C CB  1 
ATOM   1075 S SG  . CYS C 1 31 ? 9.841   -9.392  18.514  1.00 29.42 ? 31 CYS C SG  1 
ATOM   1076 N N   . LYS C 1 32 ? 13.095  -6.240  19.698  1.00 24.53 ? 32 LYS C N   1 
ATOM   1077 C CA  . LYS C 1 32 ? 14.210  -5.653  20.408  1.00 27.28 ? 32 LYS C CA  1 
ATOM   1078 C C   . LYS C 1 32 ? 14.992  -6.850  20.912  1.00 26.16 ? 32 LYS C C   1 
ATOM   1079 O O   . LYS C 1 32 ? 14.408  -7.863  21.274  1.00 29.00 ? 32 LYS C O   1 
ATOM   1080 C CB  . LYS C 1 32 ? 13.688  -4.819  21.591  1.00 28.26 ? 32 LYS C CB  1 
ATOM   1081 C CG  . LYS C 1 32 ? 14.715  -3.951  22.310  1.00 32.76 ? 32 LYS C CG  1 
ATOM   1082 C CD  . LYS C 1 32 ? 14.014  -2.871  23.174  1.00 43.47 ? 32 LYS C CD  1 
ATOM   1083 C CE  . LYS C 1 32 ? 13.029  -2.009  22.328  1.00 50.23 ? 32 LYS C CE  1 
ATOM   1084 N NZ  . LYS C 1 32 ? 12.180  -1.020  23.069  1.00 51.31 ? 32 LYS C NZ  1 
ATOM   1085 N N   . GLY C 1 33 ? 16.303  -6.782  20.817  1.00 26.37 ? 33 GLY C N   1 
ATOM   1086 C CA  . GLY C 1 33 ? 17.113  -7.875  21.297  1.00 25.86 ? 33 GLY C CA  1 
ATOM   1087 C C   . GLY C 1 33 ? 17.438  -8.893  20.240  1.00 25.53 ? 33 GLY C C   1 
ATOM   1088 O O   . GLY C 1 33 ? 18.454  -9.574  20.349  1.00 26.40 ? 33 GLY C O   1 
ATOM   1089 N N   . ASP C 1 34 ? 16.618  -8.974  19.198  1.00 25.51 ? 34 ASP C N   1 
ATOM   1090 C CA  . ASP C 1 34 ? 16.861  -9.937  18.137  1.00 23.90 ? 34 ASP C CA  1 
ATOM   1091 C C   . ASP C 1 34 ? 18.226  -9.773  17.531  1.00 24.28 ? 34 ASP C C   1 
ATOM   1092 O O   . ASP C 1 34 ? 18.757  -8.656  17.459  1.00 23.60 ? 34 ASP C O   1 
ATOM   1093 C CB  . ASP C 1 34 ? 15.824  -9.826  17.024  1.00 26.57 ? 34 ASP C CB  1 
ATOM   1094 C CG  . ASP C 1 34 ? 14.560  -10.608 17.315  1.00 27.67 ? 34 ASP C CG  1 
ATOM   1095 O OD1 . ASP C 1 34 ? 14.380  -11.008 18.484  1.00 31.43 ? 34 ASP C OD1 1 
ATOM   1096 O OD2 . ASP C 1 34 ? 13.745  -10.828 16.376  1.00 33.33 ? 34 ASP C OD2 1 
ATOM   1097 N N   . VAL C 1 35 ? 18.800  -10.907 17.138  1.00 24.42 ? 35 VAL C N   1 
ATOM   1098 C CA  . VAL C 1 35 ? 20.101  -10.945 16.492  1.00 24.80 ? 35 VAL C CA  1 
ATOM   1099 C C   . VAL C 1 35 ? 19.824  -11.209 15.015  1.00 25.63 ? 35 VAL C C   1 
ATOM   1100 O O   . VAL C 1 35 ? 19.177  -12.192 14.670  1.00 26.48 ? 35 VAL C O   1 
ATOM   1101 C CB  . VAL C 1 35 ? 20.977  -12.098 17.015  1.00 26.00 ? 35 VAL C CB  1 
ATOM   1102 C CG1 . VAL C 1 35 ? 22.395  -11.982 16.436  1.00 23.91 ? 35 VAL C CG1 1 
ATOM   1103 C CG2 . VAL C 1 35 ? 21.010  -12.106 18.533  1.00 25.14 ? 35 VAL C CG2 1 
ATOM   1104 N N   . LEU C 1 36 ? 20.296  -10.323 14.145  1.00 25.27 ? 36 LEU C N   1 
ATOM   1105 C CA  . LEU C 1 36 ? 20.083  -10.475 12.716  1.00 23.41 ? 36 LEU C CA  1 
ATOM   1106 C C   . LEU C 1 36 ? 21.443  -10.321 12.083  1.00 23.59 ? 36 LEU C C   1 
ATOM   1107 O O   . LEU C 1 36 ? 22.312  -9.637  12.615  1.00 24.65 ? 36 LEU C O   1 
ATOM   1108 C CB  . LEU C 1 36 ? 19.166  -9.372  12.198  1.00 20.95 ? 36 LEU C CB  1 
ATOM   1109 C CG  . LEU C 1 36 ? 18.004  -9.017  13.115  1.00 18.26 ? 36 LEU C CG  1 
ATOM   1110 C CD1 . LEU C 1 36 ? 17.971  -7.520  13.249  1.00 11.28 ? 36 LEU C CD1 1 
ATOM   1111 C CD2 . LEU C 1 36 ? 16.689  -9.576  12.593  1.00 15.10 ? 36 LEU C CD2 1 
ATOM   1112 N N   . THR C 1 37 ? 21.641  -10.970 10.951  1.00 24.36 ? 37 THR C N   1 
ATOM   1113 C CA  . THR C 1 37 ? 22.910  -10.884 10.280  1.00 23.63 ? 37 THR C CA  1 
ATOM   1114 C C   . THR C 1 37 ? 22.674  -10.181 8.957   1.00 23.79 ? 37 THR C C   1 
ATOM   1115 O O   . THR C 1 37 ? 21.798  -10.586 8.172   1.00 23.81 ? 37 THR C O   1 
ATOM   1116 C CB  . THR C 1 37 ? 23.576  -12.300 10.131  1.00 22.93 ? 37 THR C CB  1 
ATOM   1117 O OG1 . THR C 1 37 ? 23.591  -12.712 8.763   1.00 25.51 ? 37 THR C OG1 1 
ATOM   1118 C CG2 . THR C 1 37 ? 22.843  -13.339 10.952  1.00 22.01 ? 37 THR C CG2 1 
ATOM   1119 N N   . ILE C 1 38 ? 23.381  -9.066  8.782   1.00 23.60 ? 38 ILE C N   1 
ATOM   1120 C CA  . ILE C 1 38 ? 23.311  -8.231  7.577   1.00 23.97 ? 38 ILE C CA  1 
ATOM   1121 C C   . ILE C 1 38 ? 23.990  -8.963  6.439   1.00 22.55 ? 38 ILE C C   1 
ATOM   1122 O O   . ILE C 1 38 ? 25.169  -9.273  6.492   1.00 21.91 ? 38 ILE C O   1 
ATOM   1123 C CB  . ILE C 1 38 ? 23.948  -6.852  7.821   1.00 24.49 ? 38 ILE C CB  1 
ATOM   1124 C CG1 . ILE C 1 38 ? 23.208  -6.186  8.959   1.00 22.59 ? 38 ILE C CG1 1 
ATOM   1125 C CG2 . ILE C 1 38 ? 23.835  -5.962  6.597   1.00 15.85 ? 38 ILE C CG2 1 
ATOM   1126 C CD1 . ILE C 1 38 ? 23.936  -4.981  9.455   1.00 42.16 ? 38 ILE C CD1 1 
ATOM   1127 N N   . VAL C 1 39 ? 23.201  -9.237  5.418   1.00 23.14 ? 39 VAL C N   1 
ATOM   1128 C CA  . VAL C 1 39 ? 23.624  -10.002 4.274   1.00 24.41 ? 39 VAL C CA  1 
ATOM   1129 C C   . VAL C 1 39 ? 23.986  -9.157  3.058   1.00 26.17 ? 39 VAL C C   1 
ATOM   1130 O O   . VAL C 1 39 ? 24.877  -9.524  2.284   1.00 28.06 ? 39 VAL C O   1 
ATOM   1131 C CB  . VAL C 1 39 ? 22.518  -11.048 3.937   1.00 21.58 ? 39 VAL C CB  1 
ATOM   1132 C CG1 . VAL C 1 39 ? 22.665  -11.560 2.524   1.00 28.46 ? 39 VAL C CG1 1 
ATOM   1133 C CG2 . VAL C 1 39 ? 22.597  -12.212 4.923   1.00 19.64 ? 39 VAL C CG2 1 
ATOM   1134 N N   . ALA C 1 40 ? 23.314  -8.027  2.876   1.00 26.09 ? 40 ALA C N   1 
ATOM   1135 C CA  . ALA C 1 40 ? 23.607  -7.182  1.728   1.00 24.68 ? 40 ALA C CA  1 
ATOM   1136 C C   . ALA C 1 40 ? 23.308  -5.743  2.020   1.00 23.97 ? 40 ALA C C   1 
ATOM   1137 O O   . ALA C 1 40 ? 22.577  -5.402  2.935   1.00 24.81 ? 40 ALA C O   1 
ATOM   1138 C CB  . ALA C 1 40 ? 22.831  -7.631  0.503   1.00 18.83 ? 40 ALA C CB  1 
ATOM   1139 N N   . VAL C 1 41 ? 23.881  -4.899  1.201   1.00 23.47 ? 41 VAL C N   1 
ATOM   1140 C CA  . VAL C 1 41 ? 23.713  -3.480  1.318   1.00 23.73 ? 41 VAL C CA  1 
ATOM   1141 C C   . VAL C 1 41 ? 22.661  -3.133  0.259   1.00 24.82 ? 41 VAL C C   1 
ATOM   1142 O O   . VAL C 1 41 ? 22.481  -3.890  -0.697  1.00 26.56 ? 41 VAL C O   1 
ATOM   1143 C CB  . VAL C 1 41 ? 25.086  -2.847  1.054   1.00 20.81 ? 41 VAL C CB  1 
ATOM   1144 C CG1 . VAL C 1 41 ? 25.011  -1.762  0.039   1.00 25.55 ? 41 VAL C CG1 1 
ATOM   1145 C CG2 . VAL C 1 41 ? 25.704  -2.412  2.354   1.00 19.34 ? 41 VAL C CG2 1 
ATOM   1146 N N   . THR C 1 42 ? 21.888  -2.077  0.464   1.00 24.53 ? 42 THR C N   1 
ATOM   1147 C CA  . THR C 1 42 ? 20.906  -1.727  -0.543  1.00 24.33 ? 42 THR C CA  1 
ATOM   1148 C C   . THR C 1 42 ? 21.335  -0.431  -1.246  1.00 24.22 ? 42 THR C C   1 
ATOM   1149 O O   . THR C 1 42 ? 22.436  0.063   -1.021  1.00 25.50 ? 42 THR C O   1 
ATOM   1150 C CB  . THR C 1 42 ? 19.476  -1.661  0.041   1.00 26.00 ? 42 THR C CB  1 
ATOM   1151 O OG1 . THR C 1 42 ? 19.287  -0.428  0.743   1.00 28.67 ? 42 THR C OG1 1 
ATOM   1152 C CG2 . THR C 1 42 ? 19.229  -2.848  0.989   1.00 21.99 ? 42 THR C CG2 1 
ATOM   1153 N N   . LYS C 1 43 ? 20.490  0.114   -2.103  1.00 22.39 ? 43 LYS C N   1 
ATOM   1154 C CA  . LYS C 1 43 ? 20.843  1.324   -2.828  1.00 23.29 ? 43 LYS C CA  1 
ATOM   1155 C C   . LYS C 1 43 ? 20.668  2.532   -1.930  1.00 23.95 ? 43 LYS C C   1 
ATOM   1156 O O   . LYS C 1 43 ? 21.217  3.595   -2.200  1.00 23.75 ? 43 LYS C O   1 
ATOM   1157 C CB  . LYS C 1 43 ? 20.014  1.475   -4.121  1.00 26.46 ? 43 LYS C CB  1 
ATOM   1158 C CG  . LYS C 1 43 ? 18.793  0.520   -4.248  1.00 38.73 ? 43 LYS C CG  1 
ATOM   1159 C CD  . LYS C 1 43 ? 19.201  -0.987  -4.348  1.00 40.59 ? 43 LYS C CD  1 
ATOM   1160 C CE  . LYS C 1 43 ? 18.191  -1.942  -3.669  1.00 37.87 ? 43 LYS C CE  1 
ATOM   1161 N NZ  . LYS C 1 43 ? 18.782  -3.274  -3.311  1.00 32.94 ? 43 LYS C NZ  1 
ATOM   1162 N N   . ASP C 1 44 ? 19.981  2.321   -0.809  1.00 24.09 ? 44 ASP C N   1 
ATOM   1163 C CA  . ASP C 1 44 ? 19.697  3.365   0.165   1.00 23.77 ? 44 ASP C CA  1 
ATOM   1164 C C   . ASP C 1 44 ? 20.488  3.016   1.430   1.00 24.21 ? 44 ASP C C   1 
ATOM   1165 O O   . ASP C 1 44 ? 20.217  2.021   2.079   1.00 26.60 ? 44 ASP C O   1 
ATOM   1166 C CB  . ASP C 1 44 ? 18.190  3.342   0.445   1.00 24.66 ? 44 ASP C CB  1 
ATOM   1167 C CG  . ASP C 1 44 ? 17.698  4.515   1.277   1.00 22.12 ? 44 ASP C CG  1 
ATOM   1168 O OD1 . ASP C 1 44 ? 18.500  5.198   1.939   1.00 20.25 ? 44 ASP C OD1 1 
ATOM   1169 O OD2 . ASP C 1 44 ? 16.463  4.711   1.287   1.00 20.72 ? 44 ASP C OD2 1 
ATOM   1170 N N   . PRO C 1 45 ? 21.466  3.848   1.806   1.00 23.37 ? 45 PRO C N   1 
ATOM   1171 C CA  . PRO C 1 45 ? 22.291  3.613   2.997   1.00 22.08 ? 45 PRO C CA  1 
ATOM   1172 C C   . PRO C 1 45 ? 21.509  3.403   4.278   1.00 21.57 ? 45 PRO C C   1 
ATOM   1173 O O   . PRO C 1 45 ? 22.069  2.932   5.266   1.00 22.84 ? 45 PRO C O   1 
ATOM   1174 C CB  . PRO C 1 45 ? 23.117  4.895   3.099   1.00 22.22 ? 45 PRO C CB  1 
ATOM   1175 C CG  . PRO C 1 45 ? 23.253  5.320   1.695   1.00 25.02 ? 45 PRO C CG  1 
ATOM   1176 C CD  . PRO C 1 45 ? 21.882  5.078   1.111   1.00 23.26 ? 45 PRO C CD  1 
ATOM   1177 N N   . ASN C 1 46 ? 20.231  3.785   4.281   1.00 20.85 ? 46 ASN C N   1 
ATOM   1178 C CA  . ASN C 1 46 ? 19.407  3.658   5.483   1.00 17.70 ? 46 ASN C CA  1 
ATOM   1179 C C   . ASN C 1 46 ? 18.785  2.302   5.626   1.00 17.10 ? 46 ASN C C   1 
ATOM   1180 O O   . ASN C 1 46 ? 18.205  1.994   6.661   1.00 19.42 ? 46 ASN C O   1 
ATOM   1181 C CB  . ASN C 1 46 ? 18.289  4.689   5.485   1.00 18.31 ? 46 ASN C CB  1 
ATOM   1182 C CG  . ASN C 1 46 ? 18.790  6.094   5.715   1.00 19.63 ? 46 ASN C CG  1 
ATOM   1183 O OD1 . ASN C 1 46 ? 19.670  6.328   6.537   1.00 25.86 ? 46 ASN C OD1 1 
ATOM   1184 N ND2 . ASN C 1 46 ? 18.227  7.039   4.992   1.00 20.71 ? 46 ASN C ND2 1 
ATOM   1185 N N   . TRP C 1 47 ? 18.923  1.483   4.600   1.00 14.22 ? 47 TRP C N   1 
ATOM   1186 C CA  . TRP C 1 47 ? 18.331  0.174   4.602   1.00 12.82 ? 47 TRP C CA  1 
ATOM   1187 C C   . TRP C 1 47 ? 19.292  -0.943  4.220   1.00 13.72 ? 47 TRP C C   1 
ATOM   1188 O O   . TRP C 1 47 ? 20.018  -0.856  3.227   1.00 12.90 ? 47 TRP C O   1 
ATOM   1189 C CB  . TRP C 1 47 ? 17.178  0.175   3.611   1.00 15.78 ? 47 TRP C CB  1 
ATOM   1190 C CG  . TRP C 1 47 ? 16.071  1.085   3.980   1.00 15.05 ? 47 TRP C CG  1 
ATOM   1191 C CD1 . TRP C 1 47 ? 15.946  2.422   3.664   1.00 14.61 ? 47 TRP C CD1 1 
ATOM   1192 C CD2 . TRP C 1 47 ? 14.937  0.750   4.787   1.00 11.68 ? 47 TRP C CD2 1 
ATOM   1193 N NE1 . TRP C 1 47 ? 14.810  2.934   4.247   1.00 16.56 ? 47 TRP C NE1 1 
ATOM   1194 C CE2 . TRP C 1 47 ? 14.172  1.931   4.943   1.00 16.52 ? 47 TRP C CE2 1 
ATOM   1195 C CE3 . TRP C 1 47 ? 14.497  -0.436  5.395   1.00 8.65  ? 47 TRP C CE3 1 
ATOM   1196 C CZ2 . TRP C 1 47 ? 12.979  1.958   5.696   1.00 12.40 ? 47 TRP C CZ2 1 
ATOM   1197 C CZ3 . TRP C 1 47 ? 13.320  -0.416  6.133   1.00 12.67 ? 47 TRP C CZ3 1 
ATOM   1198 C CH2 . TRP C 1 47 ? 12.573  0.776   6.279   1.00 12.78 ? 47 TRP C CH2 1 
ATOM   1199 N N   . TYR C 1 48 ? 19.252  -2.019  4.994   1.00 14.14 ? 48 TYR C N   1 
ATOM   1200 C CA  . TYR C 1 48 ? 20.083  -3.195  4.745   1.00 13.74 ? 48 TYR C CA  1 
ATOM   1201 C C   . TYR C 1 48 ? 19.197  -4.408  4.466   1.00 13.63 ? 48 TYR C C   1 
ATOM   1202 O O   . TYR C 1 48 ? 17.999  -4.402  4.752   1.00 15.04 ? 48 TYR C O   1 
ATOM   1203 C CB  . TYR C 1 48 ? 20.947  -3.544  5.968   1.00 11.07 ? 48 TYR C CB  1 
ATOM   1204 C CG  . TYR C 1 48 ? 21.888  -2.470  6.467   1.00 4.28  ? 48 TYR C CG  1 
ATOM   1205 C CD1 . TYR C 1 48 ? 22.655  -1.708  5.591   1.00 2.00  ? 48 TYR C CD1 1 
ATOM   1206 C CD2 . TYR C 1 48 ? 22.083  -2.297  7.827   1.00 2.29  ? 48 TYR C CD2 1 
ATOM   1207 C CE1 . TYR C 1 48 ? 23.599  -0.809  6.052   1.00 2.00  ? 48 TYR C CE1 1 
ATOM   1208 C CE2 . TYR C 1 48 ? 23.031  -1.409  8.302   1.00 7.46  ? 48 TYR C CE2 1 
ATOM   1209 C CZ  . TYR C 1 48 ? 23.789  -0.667  7.411   1.00 2.77  ? 48 TYR C CZ  1 
ATOM   1210 O OH  . TYR C 1 48 ? 24.742  0.192   7.909   1.00 10.16 ? 48 TYR C OH  1 
ATOM   1211 N N   . LYS C 1 49 ? 19.792  -5.427  3.862   1.00 15.52 ? 49 LYS C N   1 
ATOM   1212 C CA  . LYS C 1 49 ? 19.122  -6.687  3.596   1.00 15.62 ? 49 LYS C CA  1 
ATOM   1213 C C   . LYS C 1 49 ? 19.743  -7.591  4.653   1.00 15.84 ? 49 LYS C C   1 
ATOM   1214 O O   . LYS C 1 49 ? 20.964  -7.692  4.770   1.00 15.55 ? 49 LYS C O   1 
ATOM   1215 C CB  . LYS C 1 49 ? 19.435  -7.200  2.193   1.00 20.07 ? 49 LYS C CB  1 
ATOM   1216 C CG  . LYS C 1 49 ? 18.846  -8.584  1.894   1.00 31.02 ? 49 LYS C CG  1 
ATOM   1217 C CD  . LYS C 1 49 ? 18.718  -8.833  0.390   1.00 38.37 ? 49 LYS C CD  1 
ATOM   1218 C CE  . LYS C 1 49 ? 17.979  -10.146 0.092   1.00 45.68 ? 49 LYS C CE  1 
ATOM   1219 N NZ  . LYS C 1 49 ? 16.505  -10.177 0.430   1.00 43.84 ? 49 LYS C NZ  1 
ATOM   1220 N N   . ALA C 1 50 ? 18.919  -8.192  5.474   1.00 14.57 ? 50 ALA C N   1 
ATOM   1221 C CA  . ALA C 1 50 ? 19.450  -9.031  6.509   1.00 17.79 ? 50 ALA C CA  1 
ATOM   1222 C C   . ALA C 1 50 ? 18.803  -10.400 6.467   1.00 20.06 ? 50 ALA C C   1 
ATOM   1223 O O   . ALA C 1 50 ? 18.100  -10.737 5.515   1.00 21.04 ? 50 ALA C O   1 
ATOM   1224 C CB  . ALA C 1 50 ? 19.246  -8.376  7.863   1.00 18.05 ? 50 ALA C CB  1 
ATOM   1225 N N   . LYS C 1 51 ? 19.008  -11.153 7.533   1.00 20.13 ? 51 LYS C N   1 
ATOM   1226 C CA  . LYS C 1 51 ? 18.501  -12.491 7.664   1.00 23.92 ? 51 LYS C CA  1 
ATOM   1227 C C   . LYS C 1 51 ? 18.403  -12.725 9.161   1.00 24.92 ? 51 LYS C C   1 
ATOM   1228 O O   . LYS C 1 51 ? 19.192  -12.193 9.942   1.00 24.18 ? 51 LYS C O   1 
ATOM   1229 C CB  . LYS C 1 51 ? 19.511  -13.453 7.008   1.00 29.38 ? 51 LYS C CB  1 
ATOM   1230 C CG  . LYS C 1 51 ? 19.403  -14.939 7.369   1.00 35.80 ? 51 LYS C CG  1 
ATOM   1231 C CD  . LYS C 1 51 ? 19.440  -15.857 6.119   1.00 44.06 ? 51 LYS C CD  1 
ATOM   1232 C CE  . LYS C 1 51 ? 20.708  -15.730 5.243   1.00 46.94 ? 51 LYS C CE  1 
ATOM   1233 N NZ  . LYS C 1 51 ? 21.987  -16.165 5.896   1.00 48.72 ? 51 LYS C NZ  1 
ATOM   1234 N N   . ASN C 1 52 ? 17.401  -13.463 9.584   1.00 26.53 ? 52 ASN C N   1 
ATOM   1235 C CA  . ASN C 1 52 ? 17.263  -13.713 11.002  1.00 31.12 ? 52 ASN C CA  1 
ATOM   1236 C C   . ASN C 1 52 ? 17.819  -15.095 11.311  1.00 32.29 ? 52 ASN C C   1 
ATOM   1237 O O   . ASN C 1 52 ? 18.281  -15.800 10.420  1.00 33.60 ? 52 ASN C O   1 
ATOM   1238 C CB  . ASN C 1 52 ? 15.798  -13.608 11.419  1.00 31.82 ? 52 ASN C CB  1 
ATOM   1239 C CG  . ASN C 1 52 ? 14.913  -14.608 10.698  1.00 38.40 ? 52 ASN C CG  1 
ATOM   1240 O OD1 . ASN C 1 52 ? 15.276  -15.772 10.524  1.00 41.55 ? 52 ASN C OD1 1 
ATOM   1241 N ND2 . ASN C 1 52 ? 13.752  -14.160 10.268  1.00 37.37 ? 52 ASN C ND2 1 
ATOM   1242 N N   . LYS C 1 53 ? 17.707  -15.493 12.570  1.00 35.41 ? 53 LYS C N   1 
ATOM   1243 C CA  . LYS C 1 53 ? 18.197  -16.786 13.053  1.00 38.44 ? 53 LYS C CA  1 
ATOM   1244 C C   . LYS C 1 53 ? 17.394  -17.959 12.500  1.00 37.43 ? 53 LYS C C   1 
ATOM   1245 O O   . LYS C 1 53 ? 17.826  -19.098 12.577  1.00 38.33 ? 53 LYS C O   1 
ATOM   1246 C CB  . LYS C 1 53 ? 18.174  -16.823 14.595  1.00 42.21 ? 53 LYS C CB  1 
ATOM   1247 C CG  . LYS C 1 53 ? 19.063  -15.737 15.274  1.00 52.75 ? 53 LYS C CG  1 
ATOM   1248 C CD  . LYS C 1 53 ? 18.255  -14.605 15.998  1.00 59.64 ? 53 LYS C CD  1 
ATOM   1249 C CE  . LYS C 1 53 ? 17.153  -13.974 15.110  1.00 57.12 ? 53 LYS C CE  1 
ATOM   1250 N NZ  . LYS C 1 53 ? 16.604  -12.694 15.611  1.00 56.21 ? 53 LYS C NZ  1 
ATOM   1251 N N   . VAL C 1 54 ? 16.216  -17.669 11.963  1.00 36.71 ? 54 VAL C N   1 
ATOM   1252 C CA  . VAL C 1 54 ? 15.348  -18.689 11.412  1.00 33.44 ? 54 VAL C CA  1 
ATOM   1253 C C   . VAL C 1 54 ? 15.432  -18.674 9.894   1.00 33.46 ? 54 VAL C C   1 
ATOM   1254 O O   . VAL C 1 54 ? 14.621  -19.290 9.202   1.00 34.61 ? 54 VAL C O   1 
ATOM   1255 C CB  . VAL C 1 54 ? 13.907  -18.513 11.955  1.00 33.93 ? 54 VAL C CB  1 
ATOM   1256 C CG1 . VAL C 1 54 ? 12.915  -18.025 10.884  1.00 29.99 ? 54 VAL C CG1 1 
ATOM   1257 C CG2 . VAL C 1 54 ? 13.463  -19.786 12.616  1.00 33.70 ? 54 VAL C CG2 1 
ATOM   1258 N N   . GLY C 1 55 ? 16.434  -17.957 9.389   1.00 33.22 ? 55 GLY C N   1 
ATOM   1259 C CA  . GLY C 1 55 ? 16.689  -17.884 7.961   1.00 30.50 ? 55 GLY C CA  1 
ATOM   1260 C C   . GLY C 1 55 ? 15.845  -16.979 7.095   1.00 30.97 ? 55 GLY C C   1 
ATOM   1261 O O   . GLY C 1 55 ? 16.045  -16.943 5.869   1.00 30.50 ? 55 GLY C O   1 
ATOM   1262 N N   . ARG C 1 56 ? 14.883  -16.280 7.694   1.00 31.09 ? 56 ARG C N   1 
ATOM   1263 C CA  . ARG C 1 56 ? 14.045  -15.363 6.919   1.00 30.99 ? 56 ARG C CA  1 
ATOM   1264 C C   . ARG C 1 56 ? 14.887  -14.123 6.563   1.00 29.77 ? 56 ARG C C   1 
ATOM   1265 O O   . ARG C 1 56 ? 15.693  -13.644 7.363   1.00 28.79 ? 56 ARG C O   1 
ATOM   1266 C CB  . ARG C 1 56 ? 12.762  -15.014 7.677   1.00 30.25 ? 56 ARG C CB  1 
ATOM   1267 C CG  . ARG C 1 56 ? 11.713  -14.324 6.832   1.00 36.26 ? 56 ARG C CG  1 
ATOM   1268 C CD  . ARG C 1 56 ? 10.346  -14.432 7.499   1.00 47.08 ? 56 ARG C CD  1 
ATOM   1269 N NE  . ARG C 1 56 ? 9.464   -13.289 7.226   1.00 55.40 ? 56 ARG C NE  1 
ATOM   1270 C CZ  . ARG C 1 56 ? 8.368   -13.002 7.935   1.00 60.80 ? 56 ARG C CZ  1 
ATOM   1271 N NH1 . ARG C 1 56 ? 8.001   -13.778 8.961   1.00 63.11 ? 56 ARG C NH1 1 
ATOM   1272 N NH2 . ARG C 1 56 ? 7.660   -11.909 7.652   1.00 61.12 ? 56 ARG C NH2 1 
ATOM   1273 N N   . GLU C 1 57 ? 14.726  -13.645 5.345   1.00 27.93 ? 57 GLU C N   1 
ATOM   1274 C CA  . GLU C 1 57 ? 15.504  -12.531 4.856   1.00 29.59 ? 57 GLU C CA  1 
ATOM   1275 C C   . GLU C 1 57 ? 14.569  -11.369 4.557   1.00 28.43 ? 57 GLU C C   1 
ATOM   1276 O O   . GLU C 1 57 ? 13.398  -11.594 4.230   1.00 29.69 ? 57 GLU C O   1 
ATOM   1277 C CB  . GLU C 1 57 ? 16.210  -12.988 3.564   1.00 34.75 ? 57 GLU C CB  1 
ATOM   1278 C CG  . GLU C 1 57 ? 17.636  -12.465 3.304   1.00 41.90 ? 57 GLU C CG  1 
ATOM   1279 C CD  . GLU C 1 57 ? 18.466  -13.400 2.386   1.00 47.89 ? 57 GLU C CD  1 
ATOM   1280 O OE1 . GLU C 1 57 ? 18.714  -14.575 2.780   1.00 45.28 ? 57 GLU C OE1 1 
ATOM   1281 O OE2 . GLU C 1 57 ? 18.881  -12.952 1.283   1.00 49.92 ? 57 GLU C OE2 1 
ATOM   1282 N N   . GLY C 1 58 ? 15.086  -10.143 4.660   1.00 25.63 ? 58 GLY C N   1 
ATOM   1283 C CA  . GLY C 1 58 ? 14.290  -8.962  4.374   1.00 20.48 ? 58 GLY C CA  1 
ATOM   1284 C C   . GLY C 1 58 ? 15.021  -7.650  4.595   1.00 18.17 ? 58 GLY C C   1 
ATOM   1285 O O   . GLY C 1 58 ? 16.133  -7.624  5.099   1.00 17.06 ? 58 GLY C O   1 
ATOM   1286 N N   . ILE C 1 59 ? 14.368  -6.557  4.231   1.00 17.33 ? 59 ILE C N   1 
ATOM   1287 C CA  . ILE C 1 59 ? 14.903  -5.196  4.361   1.00 16.14 ? 59 ILE C CA  1 
ATOM   1288 C C   . ILE C 1 59 ? 14.725  -4.669  5.778   1.00 14.38 ? 59 ILE C C   1 
ATOM   1289 O O   . ILE C 1 59 ? 13.657  -4.818  6.340   1.00 14.13 ? 59 ILE C O   1 
ATOM   1290 C CB  . ILE C 1 59 ? 14.153  -4.302  3.377   1.00 15.01 ? 59 ILE C CB  1 
ATOM   1291 C CG1 . ILE C 1 59 ? 14.384  -4.847  1.975   1.00 17.53 ? 59 ILE C CG1 1 
ATOM   1292 C CG2 . ILE C 1 59 ? 14.625  -2.891  3.428   1.00 16.57 ? 59 ILE C CG2 1 
ATOM   1293 C CD1 . ILE C 1 59 ? 15.850  -5.162  1.686   1.00 21.86 ? 59 ILE C CD1 1 
ATOM   1294 N N   . ILE C 1 60 ? 15.779  -4.125  6.379   1.00 14.18 ? 60 ILE C N   1 
ATOM   1295 C CA  . ILE C 1 60 ? 15.700  -3.573  7.743   1.00 14.24 ? 60 ILE C CA  1 
ATOM   1296 C C   . ILE C 1 60 ? 16.335  -2.172  7.784   1.00 14.42 ? 60 ILE C C   1 
ATOM   1297 O O   . ILE C 1 60 ? 17.268  -1.896  7.015   1.00 14.92 ? 60 ILE C O   1 
ATOM   1298 C CB  . ILE C 1 60 ? 16.410  -4.469  8.775   1.00 12.15 ? 60 ILE C CB  1 
ATOM   1299 C CG1 . ILE C 1 60 ? 17.898  -4.551  8.495   1.00 11.93 ? 60 ILE C CG1 1 
ATOM   1300 C CG2 . ILE C 1 60 ? 15.845  -5.851  8.744   1.00 15.66 ? 60 ILE C CG2 1 
ATOM   1301 C CD1 . ILE C 1 60 ? 18.669  -5.088  9.670   1.00 13.85 ? 60 ILE C CD1 1 
ATOM   1302 N N   . PRO C 1 61 ? 15.844  -1.266  8.665   1.00 13.65 ? 61 PRO C N   1 
ATOM   1303 C CA  . PRO C 1 61 ? 16.382  0.096   8.776   1.00 11.94 ? 61 PRO C CA  1 
ATOM   1304 C C   . PRO C 1 61 ? 17.723  0.015   9.466   1.00 12.31 ? 61 PRO C C   1 
ATOM   1305 O O   . PRO C 1 61 ? 17.815  -0.521  10.561  1.00 12.07 ? 61 PRO C O   1 
ATOM   1306 C CB  . PRO C 1 61 ? 15.391  0.795   9.705   1.00 9.82  ? 61 PRO C CB  1 
ATOM   1307 C CG  . PRO C 1 61 ? 14.230  -0.096  9.761   1.00 10.34 ? 61 PRO C CG  1 
ATOM   1308 C CD  . PRO C 1 61 ? 14.831  -1.468  9.696   1.00 11.74 ? 61 PRO C CD  1 
ATOM   1309 N N   . ALA C 1 62 ? 18.748  0.573   8.833   1.00 13.48 ? 62 ALA C N   1 
ATOM   1310 C CA  . ALA C 1 62 ? 20.112  0.587   9.349   1.00 13.50 ? 62 ALA C CA  1 
ATOM   1311 C C   . ALA C 1 62 ? 20.174  1.275   10.687  1.00 15.47 ? 62 ALA C C   1 
ATOM   1312 O O   . ALA C 1 62 ? 21.105  1.110   11.452  1.00 17.93 ? 62 ALA C O   1 
ATOM   1313 C CB  . ALA C 1 62 ? 21.005  1.313   8.385   1.00 6.71  ? 62 ALA C CB  1 
ATOM   1314 N N   . ASN C 1 63 ? 19.151  2.050   10.966  1.00 18.92 ? 63 ASN C N   1 
ATOM   1315 C CA  . ASN C 1 63 ? 19.081  2.823   12.189  1.00 21.02 ? 63 ASN C CA  1 
ATOM   1316 C C   . ASN C 1 63 ? 18.546  2.049   13.387  1.00 20.79 ? 63 ASN C C   1 
ATOM   1317 O O   . ASN C 1 63 ? 18.760  2.476   14.526  1.00 21.85 ? 63 ASN C O   1 
ATOM   1318 C CB  . ASN C 1 63 ? 18.225  4.078   11.920  1.00 27.60 ? 63 ASN C CB  1 
ATOM   1319 C CG  . ASN C 1 63 ? 18.392  4.603   10.464  1.00 41.49 ? 63 ASN C CG  1 
ATOM   1320 O OD1 . ASN C 1 63 ? 19.136  5.577   10.211  1.00 46.39 ? 63 ASN C OD1 1 
ATOM   1321 N ND2 . ASN C 1 63 ? 17.735  3.914   9.494   1.00 38.97 ? 63 ASN C ND2 1 
ATOM   1322 N N   . TYR C 1 64 ? 17.849  0.936   13.137  1.00 18.18 ? 64 TYR C N   1 
ATOM   1323 C CA  . TYR C 1 64 ? 17.251  0.130   14.196  1.00 17.60 ? 64 TYR C CA  1 
ATOM   1324 C C   . TYR C 1 64 ? 18.141  -0.936  14.778  1.00 20.53 ? 64 TYR C C   1 
ATOM   1325 O O   . TYR C 1 64 ? 17.839  -1.502  15.821  1.00 20.62 ? 64 TYR C O   1 
ATOM   1326 C CB  . TYR C 1 64 ? 16.037  -0.597  13.663  1.00 12.77 ? 64 TYR C CB  1 
ATOM   1327 C CG  . TYR C 1 64 ? 14.778  0.199   13.704  1.00 13.11 ? 64 TYR C CG  1 
ATOM   1328 C CD1 . TYR C 1 64 ? 14.727  1.499   13.189  1.00 14.94 ? 64 TYR C CD1 1 
ATOM   1329 C CD2 . TYR C 1 64 ? 13.634  -0.327  14.285  1.00 9.32  ? 64 TYR C CD2 1 
ATOM   1330 C CE1 . TYR C 1 64 ? 13.562  2.249   13.262  1.00 12.71 ? 64 TYR C CE1 1 
ATOM   1331 C CE2 . TYR C 1 64 ? 12.472  0.413   14.357  1.00 13.27 ? 64 TYR C CE2 1 
ATOM   1332 C CZ  . TYR C 1 64 ? 12.448  1.696   13.842  1.00 11.05 ? 64 TYR C CZ  1 
ATOM   1333 O OH  . TYR C 1 64 ? 11.288  2.401   13.897  1.00 19.56 ? 64 TYR C OH  1 
ATOM   1334 N N   . VAL C 1 65 ? 19.214  -1.234  14.068  1.00 23.39 ? 65 VAL C N   1 
ATOM   1335 C CA  . VAL C 1 65 ? 20.125  -2.296  14.421  1.00 24.90 ? 65 VAL C CA  1 
ATOM   1336 C C   . VAL C 1 65 ? 21.472  -1.739  14.902  1.00 28.78 ? 65 VAL C C   1 
ATOM   1337 O O   . VAL C 1 65 ? 21.849  -0.594  14.601  1.00 27.51 ? 65 VAL C O   1 
ATOM   1338 C CB  . VAL C 1 65 ? 20.249  -3.215  13.191  1.00 21.17 ? 65 VAL C CB  1 
ATOM   1339 C CG1 . VAL C 1 65 ? 21.418  -2.834  12.352  1.00 20.60 ? 65 VAL C CG1 1 
ATOM   1340 C CG2 . VAL C 1 65 ? 20.210  -4.649  13.569  1.00 24.02 ? 65 VAL C CG2 1 
ATOM   1341 N N   . GLN C 1 66 ? 22.193  -2.545  15.670  1.00 31.64 ? 66 GLN C N   1 
ATOM   1342 C CA  . GLN C 1 66 ? 23.464  -2.111  16.222  1.00 35.75 ? 66 GLN C CA  1 
ATOM   1343 C C   . GLN C 1 66 ? 24.502  -3.192  16.023  1.00 36.43 ? 66 GLN C C   1 
ATOM   1344 O O   . GLN C 1 66 ? 24.222  -4.361  16.264  1.00 36.27 ? 66 GLN C O   1 
ATOM   1345 C CB  . GLN C 1 66 ? 23.286  -1.818  17.713  1.00 39.02 ? 66 GLN C CB  1 
ATOM   1346 C CG  . GLN C 1 66 ? 24.167  -0.702  18.242  1.00 47.91 ? 66 GLN C CG  1 
ATOM   1347 C CD  . GLN C 1 66 ? 23.710  -0.185  19.599  1.00 56.52 ? 66 GLN C CD  1 
ATOM   1348 O OE1 . GLN C 1 66 ? 24.054  0.940   19.994  1.00 61.81 ? 66 GLN C OE1 1 
ATOM   1349 N NE2 . GLN C 1 66 ? 22.930  -0.995  20.321  1.00 59.40 ? 66 GLN C NE2 1 
ATOM   1350 N N   . LYS C 1 67 ? 25.698  -2.791  15.600  1.00 39.25 ? 67 LYS C N   1 
ATOM   1351 C CA  . LYS C 1 67 ? 26.809  -3.718  15.347  1.00 42.38 ? 67 LYS C CA  1 
ATOM   1352 C C   . LYS C 1 67 ? 27.140  -4.635  16.535  1.00 44.25 ? 67 LYS C C   1 
ATOM   1353 O O   . LYS C 1 67 ? 27.098  -4.215  17.694  1.00 43.90 ? 67 LYS C O   1 
ATOM   1354 C CB  . LYS C 1 67 ? 28.052  -2.927  14.938  1.00 43.73 ? 67 LYS C CB  1 
ATOM   1355 C CG  . LYS C 1 67 ? 29.195  -3.755  14.372  1.00 41.67 ? 67 LYS C CG  1 
ATOM   1356 C CD  . LYS C 1 67 ? 28.990  -4.089  12.917  1.00 38.36 ? 67 LYS C CD  1 
ATOM   1357 C CE  . LYS C 1 67 ? 30.162  -4.889  12.378  1.00 37.58 ? 67 LYS C CE  1 
ATOM   1358 N NZ  . LYS C 1 67 ? 31.456  -4.177  12.541  1.00 34.01 ? 67 LYS C NZ  1 
ATOM   1359 N N   . ARG C 1 68 ? 27.422  -5.900  16.218  1.00 47.49 ? 68 ARG C N   1 
ATOM   1360 C CA  . ARG C 1 68 ? 27.775  -6.947  17.191  1.00 50.77 ? 68 ARG C CA  1 
ATOM   1361 C C   . ARG C 1 68 ? 26.616  -7.667  17.890  1.00 48.73 ? 68 ARG C C   1 
ATOM   1362 C CB  . ARG C 1 68 ? 28.781  -6.407  18.220  1.00 55.12 ? 68 ARG C CB  1 
ATOM   1363 C CG  . ARG C 1 68 ? 30.221  -6.781  17.911  1.00 61.02 ? 68 ARG C CG  1 
ATOM   1364 C CD  . ARG C 1 68 ? 31.206  -5.946  18.701  1.00 67.40 ? 68 ARG C CD  1 
ATOM   1365 N NE  . ARG C 1 68 ? 31.301  -4.593  18.164  1.00 74.88 ? 68 ARG C NE  1 
ATOM   1366 C CZ  . ARG C 1 68 ? 31.600  -4.297  16.898  1.00 79.12 ? 68 ARG C CZ  1 
ATOM   1367 N NH1 . ARG C 1 68 ? 31.841  -5.257  16.007  1.00 79.11 ? 68 ARG C NH1 1 
ATOM   1368 N NH2 . ARG C 1 68 ? 31.665  -3.025  16.521  1.00 83.24 ? 68 ARG C NH2 1 
ATOM   1369 N N   . GLY D 1 11 ? -15.693 -23.671 -13.656 1.00 36.14 ? 11 GLY D N   1 
ATOM   1370 C CA  . GLY D 1 11 ? -16.371 -22.423 -13.153 1.00 36.87 ? 11 GLY D CA  1 
ATOM   1371 C C   . GLY D 1 11 ? -17.082 -21.734 -14.304 1.00 37.09 ? 11 GLY D C   1 
ATOM   1372 O O   . GLY D 1 11 ? -16.998 -22.201 -15.458 1.00 38.91 ? 11 GLY D O   1 
ATOM   1373 N N   . THR D 1 12 ? -17.771 -20.632 -14.027 1.00 34.75 ? 12 THR D N   1 
ATOM   1374 C CA  . THR D 1 12 ? -18.482 -19.954 -15.096 1.00 32.46 ? 12 THR D CA  1 
ATOM   1375 C C   . THR D 1 12 ? -17.432 -19.192 -15.883 1.00 31.37 ? 12 THR D C   1 
ATOM   1376 O O   . THR D 1 12 ? -16.501 -18.653 -15.307 1.00 31.83 ? 12 THR D O   1 
ATOM   1377 C CB  . THR D 1 12 ? -19.614 -19.001 -14.564 1.00 30.51 ? 12 THR D CB  1 
ATOM   1378 O OG1 . THR D 1 12 ? -19.097 -17.694 -14.347 1.00 34.75 ? 12 THR D OG1 1 
ATOM   1379 C CG2 . THR D 1 12 ? -20.187 -19.495 -13.251 1.00 25.24 ? 12 THR D CG2 1 
ATOM   1380 N N   . GLU D 1 13 ? -17.485 -19.249 -17.199 1.00 30.07 ? 13 GLU D N   1 
ATOM   1381 C CA  . GLU D 1 13 ? -16.507 -18.498 -17.944 1.00 30.10 ? 13 GLU D CA  1 
ATOM   1382 C C   . GLU D 1 13 ? -17.089 -17.129 -18.217 1.00 29.12 ? 13 GLU D C   1 
ATOM   1383 O O   . GLU D 1 13 ? -18.314 -16.992 -18.316 1.00 28.97 ? 13 GLU D O   1 
ATOM   1384 C CB  . GLU D 1 13 ? -16.129 -19.204 -19.228 1.00 35.60 ? 13 GLU D CB  1 
ATOM   1385 C CG  . GLU D 1 13 ? -15.371 -20.489 -18.986 1.00 44.37 ? 13 GLU D CG  1 
ATOM   1386 C CD  . GLU D 1 13 ? -14.834 -21.105 -20.265 1.00 51.26 ? 13 GLU D CD  1 
ATOM   1387 O OE1 . GLU D 1 13 ? -15.263 -20.695 -21.378 1.00 53.61 ? 13 GLU D OE1 1 
ATOM   1388 O OE2 . GLU D 1 13 ? -13.972 -22.007 -20.146 1.00 58.33 ? 13 GLU D OE2 1 
ATOM   1389 N N   . CYS D 1 14 ? -16.205 -16.138 -18.352 1.00 27.49 ? 14 CYS D N   1 
ATOM   1390 C CA  . CYS D 1 14 ? -16.558 -14.739 -18.558 1.00 24.64 ? 14 CYS D CA  1 
ATOM   1391 C C   . CYS D 1 14 ? -15.561 -14.098 -19.496 1.00 22.06 ? 14 CYS D C   1 
ATOM   1392 O O   . CYS D 1 14 ? -14.485 -14.621 -19.709 1.00 23.84 ? 14 CYS D O   1 
ATOM   1393 C CB  . CYS D 1 14 ? -16.464 -14.003 -17.220 1.00 23.04 ? 14 CYS D CB  1 
ATOM   1394 S SG  . CYS D 1 14 ? -17.613 -14.527 -15.924 1.00 36.66 ? 14 CYS D SG  1 
ATOM   1395 N N   . ILE D 1 15 ? -15.880 -12.926 -20.005 1.00 20.73 ? 15 ILE D N   1 
ATOM   1396 C CA  . ILE D 1 15 ? -14.961 -12.224 -20.886 1.00 19.84 ? 15 ILE D CA  1 
ATOM   1397 C C   . ILE D 1 15 ? -14.730 -10.850 -20.272 1.00 18.81 ? 15 ILE D C   1 
ATOM   1398 O O   . ILE D 1 15 ? -15.626 -10.309 -19.647 1.00 17.92 ? 15 ILE D O   1 
ATOM   1399 C CB  . ILE D 1 15 ? -15.544 -12.137 -22.318 1.00 23.28 ? 15 ILE D CB  1 
ATOM   1400 C CG1 . ILE D 1 15 ? -15.741 -13.565 -22.849 1.00 29.31 ? 15 ILE D CG1 1 
ATOM   1401 C CG2 . ILE D 1 15 ? -14.599 -11.406 -23.257 1.00 16.57 ? 15 ILE D CG2 1 
ATOM   1402 C CD1 . ILE D 1 15 ? -16.554 -13.670 -24.125 1.00 39.66 ? 15 ILE D CD1 1 
ATOM   1403 N N   . ALA D 1 16 ? -13.500 -10.348 -20.358 1.00 17.58 ? 16 ALA D N   1 
ATOM   1404 C CA  . ALA D 1 16 ? -13.126 -9.046  -19.818 1.00 16.34 ? 16 ALA D CA  1 
ATOM   1405 C C   . ALA D 1 16 ? -13.657 -7.888  -20.650 1.00 16.74 ? 16 ALA D C   1 
ATOM   1406 O O   . ALA D 1 16 ? -13.396 -7.816  -21.843 1.00 17.36 ? 16 ALA D O   1 
ATOM   1407 C CB  . ALA D 1 16 ? -11.612 -8.947  -19.688 1.00 12.73 ? 16 ALA D CB  1 
ATOM   1408 N N   . LYS D 1 17 ? -14.430 -7.008  -20.019 1.00 18.42 ? 17 LYS D N   1 
ATOM   1409 C CA  . LYS D 1 17 ? -14.995 -5.832  -20.670 1.00 18.75 ? 17 LYS D CA  1 
ATOM   1410 C C   . LYS D 1 17 ? -13.925 -4.763  -20.678 1.00 19.57 ? 17 LYS D C   1 
ATOM   1411 O O   . LYS D 1 17 ? -13.966 -3.854  -21.495 1.00 22.45 ? 17 LYS D O   1 
ATOM   1412 C CB  . LYS D 1 17 ? -16.182 -5.261  -19.887 1.00 23.74 ? 17 LYS D CB  1 
ATOM   1413 C CG  . LYS D 1 17 ? -17.118 -6.274  -19.269 1.00 31.71 ? 17 LYS D CG  1 
ATOM   1414 C CD  . LYS D 1 17 ? -18.204 -5.593  -18.449 1.00 35.31 ? 17 LYS D CD  1 
ATOM   1415 C CE  . LYS D 1 17 ? -19.332 -5.122  -19.332 1.00 42.56 ? 17 LYS D CE  1 
ATOM   1416 N NZ  . LYS D 1 17 ? -20.008 -6.275  -20.026 1.00 48.68 ? 17 LYS D NZ  1 
ATOM   1417 N N   . TYR D 1 18 ? -13.019 -4.800  -19.707 1.00 18.55 ? 18 TYR D N   1 
ATOM   1418 C CA  . TYR D 1 18 ? -11.953 -3.807  -19.642 1.00 16.90 ? 18 TYR D CA  1 
ATOM   1419 C C   . TYR D 1 18 ? -10.658 -4.420  -19.112 1.00 16.93 ? 18 TYR D C   1 
ATOM   1420 O O   . TYR D 1 18 ? -10.619 -5.554  -18.634 1.00 17.36 ? 18 TYR D O   1 
ATOM   1421 C CB  . TYR D 1 18 ? -12.322 -2.615  -18.737 1.00 18.18 ? 18 TYR D CB  1 
ATOM   1422 C CG  . TYR D 1 18 ? -13.794 -2.278  -18.603 1.00 14.59 ? 18 TYR D CG  1 
ATOM   1423 C CD1 . TYR D 1 18 ? -14.440 -1.513  -19.560 1.00 14.04 ? 18 TYR D CD1 1 
ATOM   1424 C CD2 . TYR D 1 18 ? -14.533 -2.729  -17.517 1.00 12.28 ? 18 TYR D CD2 1 
ATOM   1425 C CE1 . TYR D 1 18 ? -15.773 -1.213  -19.448 1.00 10.78 ? 18 TYR D CE1 1 
ATOM   1426 C CE2 . TYR D 1 18 ? -15.861 -2.434  -17.394 1.00 12.01 ? 18 TYR D CE2 1 
ATOM   1427 C CZ  . TYR D 1 18 ? -16.480 -1.674  -18.367 1.00 15.43 ? 18 TYR D CZ  1 
ATOM   1428 O OH  . TYR D 1 18 ? -17.824 -1.361  -18.260 1.00 21.46 ? 18 TYR D OH  1 
ATOM   1429 N N   . ASN D 1 19 ? -9.597  -3.642  -19.206 1.00 18.93 ? 19 ASN D N   1 
ATOM   1430 C CA  . ASN D 1 19 ? -8.273  -4.050  -18.746 1.00 21.87 ? 19 ASN D CA  1 
ATOM   1431 C C   . ASN D 1 19 ? -8.222  -3.831  -17.237 1.00 20.63 ? 19 ASN D C   1 
ATOM   1432 O O   . ASN D 1 19 ? -8.784  -2.846  -16.744 1.00 22.33 ? 19 ASN D O   1 
ATOM   1433 C CB  . ASN D 1 19 ? -7.192  -3.179  -19.428 1.00 25.89 ? 19 ASN D CB  1 
ATOM   1434 C CG  . ASN D 1 19 ? -7.096  -3.418  -20.933 1.00 26.00 ? 19 ASN D CG  1 
ATOM   1435 O OD1 . ASN D 1 19 ? -7.047  -4.553  -21.403 1.00 34.40 ? 19 ASN D OD1 1 
ATOM   1436 N ND2 . ASN D 1 19 ? -7.059  -2.346  -21.686 1.00 29.31 ? 19 ASN D ND2 1 
ATOM   1437 N N   . PHE D 1 20 ? -7.486  -4.664  -16.510 1.00 18.07 ? 20 PHE D N   1 
ATOM   1438 C CA  . PHE D 1 20 ? -7.433  -4.491  -15.077 1.00 15.78 ? 20 PHE D CA  1 
ATOM   1439 C C   . PHE D 1 20 ? -6.052  -4.598  -14.494 1.00 18.33 ? 20 PHE D C   1 
ATOM   1440 O O   . PHE D 1 20 ? -5.547  -5.696  -14.333 1.00 18.94 ? 20 PHE D O   1 
ATOM   1441 C CB  . PHE D 1 20 ? -8.348  -5.502  -14.389 1.00 9.29  ? 20 PHE D CB  1 
ATOM   1442 C CG  . PHE D 1 20 ? -8.370  -5.386  -12.905 1.00 6.68  ? 20 PHE D CG  1 
ATOM   1443 C CD1 . PHE D 1 20 ? -8.687  -4.170  -12.297 1.00 2.84  ? 20 PHE D CD1 1 
ATOM   1444 C CD2 . PHE D 1 20 ? -8.081  -6.489  -12.113 1.00 5.72  ? 20 PHE D CD2 1 
ATOM   1445 C CE1 . PHE D 1 20 ? -8.715  -4.045  -10.934 1.00 4.23  ? 20 PHE D CE1 1 
ATOM   1446 C CE2 . PHE D 1 20 ? -8.103  -6.398  -10.727 1.00 4.35  ? 20 PHE D CE2 1 
ATOM   1447 C CZ  . PHE D 1 20 ? -8.420  -5.172  -10.130 1.00 11.57 ? 20 PHE D CZ  1 
ATOM   1448 N N   . HIS D 1 21 ? -5.431  -3.456  -14.189 1.00 18.59 ? 21 HIS D N   1 
ATOM   1449 C CA  . HIS D 1 21 ? -4.112  -3.443  -13.562 1.00 20.14 ? 21 HIS D CA  1 
ATOM   1450 C C   . HIS D 1 21 ? -4.544  -3.610  -12.129 1.00 21.35 ? 21 HIS D C   1 
ATOM   1451 O O   . HIS D 1 21 ? -5.428  -2.896  -11.676 1.00 25.72 ? 21 HIS D O   1 
ATOM   1452 C CB  . HIS D 1 21 ? -3.463  -2.103  -13.809 1.00 18.97 ? 21 HIS D CB  1 
ATOM   1453 C CG  . HIS D 1 21 ? -3.463  -1.736  -15.255 1.00 25.53 ? 21 HIS D CG  1 
ATOM   1454 N ND1 . HIS D 1 21 ? -4.551  -1.154  -15.870 1.00 28.11 ? 21 HIS D ND1 1 
ATOM   1455 C CD2 . HIS D 1 21 ? -2.572  -2.006  -16.239 1.00 27.58 ? 21 HIS D CD2 1 
ATOM   1456 C CE1 . HIS D 1 21 ? -4.336  -1.092  -17.171 1.00 27.89 ? 21 HIS D CE1 1 
ATOM   1457 N NE2 . HIS D 1 21 ? -3.144  -1.602  -17.421 1.00 27.87 ? 21 HIS D NE2 1 
ATOM   1458 N N   . GLY D 1 22 ? -4.021  -4.604  -11.435 1.00 19.58 ? 22 GLY D N   1 
ATOM   1459 C CA  . GLY D 1 22 ? -4.487  -4.818  -10.082 1.00 16.09 ? 22 GLY D CA  1 
ATOM   1460 C C   . GLY D 1 22 ? -4.414  -3.617  -9.172  1.00 14.47 ? 22 GLY D C   1 
ATOM   1461 O O   . GLY D 1 22 ? -3.695  -2.676  -9.467  1.00 14.44 ? 22 GLY D O   1 
ATOM   1462 N N   . THR D 1 23 ? -5.206  -3.635  -8.100  1.00 14.03 ? 23 THR D N   1 
ATOM   1463 C CA  . THR D 1 23 ? -5.190  -2.570  -7.101  1.00 14.15 ? 23 THR D CA  1 
ATOM   1464 C C   . THR D 1 23 ? -4.459  -3.045  -5.825  1.00 12.35 ? 23 THR D C   1 
ATOM   1465 O O   . THR D 1 23 ? -4.069  -2.252  -4.991  1.00 12.28 ? 23 THR D O   1 
ATOM   1466 C CB  . THR D 1 23 ? -6.606  -2.132  -6.725  1.00 15.98 ? 23 THR D CB  1 
ATOM   1467 O OG1 . THR D 1 23 ? -7.236  -3.186  -5.990  1.00 23.94 ? 23 THR D OG1 1 
ATOM   1468 C CG2 . THR D 1 23 ? -7.426  -1.827  -7.947  1.00 11.26 ? 23 THR D CG2 1 
ATOM   1469 N N   . ALA D 1 24 ? -4.291  -4.357  -5.698  1.00 14.11 ? 24 ALA D N   1 
ATOM   1470 C CA  . ALA D 1 24 ? -3.614  -5.016  -4.572  1.00 14.93 ? 24 ALA D CA  1 
ATOM   1471 C C   . ALA D 1 24 ? -2.817  -6.233  -5.084  1.00 14.82 ? 24 ALA D C   1 
ATOM   1472 O O   . ALA D 1 24 ? -2.840  -6.550  -6.256  1.00 17.89 ? 24 ALA D O   1 
ATOM   1473 C CB  . ALA D 1 24 ? -4.638  -5.478  -3.517  1.00 5.79  ? 24 ALA D CB  1 
ATOM   1474 N N   . GLU D 1 25 ? -2.126  -6.911  -4.188  1.00 17.54 ? 25 GLU D N   1 
ATOM   1475 C CA  . GLU D 1 25 ? -1.333  -8.087  -4.526  1.00 20.51 ? 25 GLU D CA  1 
ATOM   1476 C C   . GLU D 1 25 ? -2.140  -9.336  -4.811  1.00 19.62 ? 25 GLU D C   1 
ATOM   1477 O O   . GLU D 1 25 ? -1.693  -10.236 -5.507  1.00 20.98 ? 25 GLU D O   1 
ATOM   1478 C CB  . GLU D 1 25 ? -0.407  -8.398  -3.373  1.00 26.23 ? 25 GLU D CB  1 
ATOM   1479 C CG  . GLU D 1 25 ? 0.881   -7.676  -3.467  1.00 38.43 ? 25 GLU D CG  1 
ATOM   1480 C CD  . GLU D 1 25 ? 1.631   -8.119  -4.698  1.00 47.92 ? 25 GLU D CD  1 
ATOM   1481 O OE1 . GLU D 1 25 ? 2.008   -9.325  -4.733  1.00 47.97 ? 25 GLU D OE1 1 
ATOM   1482 O OE2 . GLU D 1 25 ? 1.805   -7.275  -5.626  1.00 52.79 ? 25 GLU D OE2 1 
ATOM   1483 N N   . GLN D 1 26 ? -3.306  -9.429  -4.210  1.00 19.01 ? 26 GLN D N   1 
ATOM   1484 C CA  . GLN D 1 26 ? -4.120  -10.594 -4.414  1.00 19.30 ? 26 GLN D CA  1 
ATOM   1485 C C   . GLN D 1 26 ? -5.066  -10.509 -5.604  1.00 17.85 ? 26 GLN D C   1 
ATOM   1486 O O   . GLN D 1 26 ? -5.840  -11.434 -5.852  1.00 19.92 ? 26 GLN D O   1 
ATOM   1487 C CB  . GLN D 1 26 ? -4.862  -10.940 -3.122  1.00 21.62 ? 26 GLN D CB  1 
ATOM   1488 C CG  . GLN D 1 26 ? -6.302  -10.517 -3.080  1.00 25.79 ? 26 GLN D CG  1 
ATOM   1489 C CD  . GLN D 1 26 ? -6.516  -9.299  -2.257  1.00 27.43 ? 26 GLN D CD  1 
ATOM   1490 O OE1 . GLN D 1 26 ? -5.728  -8.362  -2.318  1.00 32.85 ? 26 GLN D OE1 1 
ATOM   1491 N NE2 . GLN D 1 26 ? -7.579  -9.294  -1.470  1.00 26.10 ? 26 GLN D NE2 1 
ATOM   1492 N N   . ASP D 1 27 ? -4.993  -9.419  -6.351  1.00 18.31 ? 27 ASP D N   1 
ATOM   1493 C CA  . ASP D 1 27 ? -5.841  -9.221  -7.528  1.00 18.51 ? 27 ASP D CA  1 
ATOM   1494 C C   . ASP D 1 27 ? -5.256  -9.902  -8.772  1.00 18.59 ? 27 ASP D C   1 
ATOM   1495 O O   . ASP D 1 27 ? -4.043  -10.057 -8.891  1.00 20.10 ? 27 ASP D O   1 
ATOM   1496 C CB  . ASP D 1 27 ? -5.954  -7.725  -7.860  1.00 17.97 ? 27 ASP D CB  1 
ATOM   1497 C CG  . ASP D 1 27 ? -6.832  -6.966  -6.909  1.00 15.45 ? 27 ASP D CG  1 
ATOM   1498 O OD1 . ASP D 1 27 ? -7.272  -7.514  -5.881  1.00 18.14 ? 27 ASP D OD1 1 
ATOM   1499 O OD2 . ASP D 1 27 ? -7.085  -5.795  -7.212  1.00 17.28 ? 27 ASP D OD2 1 
ATOM   1500 N N   . LEU D 1 28 ? -6.107  -10.193 -9.746  1.00 18.08 ? 28 LEU D N   1 
ATOM   1501 C CA  . LEU D 1 28 ? -5.653  -10.794 -10.981 1.00 15.37 ? 28 LEU D CA  1 
ATOM   1502 C C   . LEU D 1 28 ? -5.757  -9.794  -12.111 1.00 15.32 ? 28 LEU D C   1 
ATOM   1503 O O   . LEU D 1 28 ? -6.865  -9.435  -12.527 1.00 14.60 ? 28 LEU D O   1 
ATOM   1504 C CB  . LEU D 1 28 ? -6.496  -12.015 -11.334 1.00 14.83 ? 28 LEU D CB  1 
ATOM   1505 C CG  . LEU D 1 28 ? -6.155  -12.670 -12.664 1.00 6.82  ? 28 LEU D CG  1 
ATOM   1506 C CD1 . LEU D 1 28 ? -4.744  -13.176 -12.651 1.00 2.00  ? 28 LEU D CD1 1 
ATOM   1507 C CD2 . LEU D 1 28 ? -7.090  -13.800 -12.866 1.00 9.93  ? 28 LEU D CD2 1 
ATOM   1508 N N   . PRO D 1 29 ? -4.610  -9.267  -12.569 1.00 14.44 ? 29 PRO D N   1 
ATOM   1509 C CA  . PRO D 1 29 ? -4.662  -8.312  -13.668 1.00 14.26 ? 29 PRO D CA  1 
ATOM   1510 C C   . PRO D 1 29 ? -5.090  -9.052  -14.919 1.00 15.39 ? 29 PRO D C   1 
ATOM   1511 O O   . PRO D 1 29 ? -4.981  -10.278 -14.989 1.00 18.21 ? 29 PRO D O   1 
ATOM   1512 C CB  . PRO D 1 29 ? -3.224  -7.809  -13.768 1.00 9.49  ? 29 PRO D CB  1 
ATOM   1513 C CG  . PRO D 1 29 ? -2.413  -8.891  -13.149 1.00 11.80 ? 29 PRO D CG  1 
ATOM   1514 C CD  . PRO D 1 29 ? -3.254  -9.320  -11.997 1.00 15.23 ? 29 PRO D CD  1 
ATOM   1515 N N   . PHE D 1 30 ? -5.670  -8.318  -15.859 1.00 15.89 ? 30 PHE D N   1 
ATOM   1516 C CA  . PHE D 1 30 ? -6.116  -8.886  -17.106 1.00 14.07 ? 30 PHE D CA  1 
ATOM   1517 C C   . PHE D 1 30 ? -6.384  -7.798  -18.113 1.00 13.15 ? 30 PHE D C   1 
ATOM   1518 O O   . PHE D 1 30 ? -6.250  -6.618  -17.816 1.00 11.18 ? 30 PHE D O   1 
ATOM   1519 C CB  . PHE D 1 30 ? -7.312  -9.848  -16.932 1.00 13.80 ? 30 PHE D CB  1 
ATOM   1520 C CG  . PHE D 1 30 ? -8.521  -9.239  -16.270 1.00 17.84 ? 30 PHE D CG  1 
ATOM   1521 C CD1 . PHE D 1 30 ? -9.418  -8.461  -16.996 1.00 20.02 ? 30 PHE D CD1 1 
ATOM   1522 C CD2 . PHE D 1 30 ? -8.769  -9.447  -14.918 1.00 17.98 ? 30 PHE D CD2 1 
ATOM   1523 C CE1 . PHE D 1 30 ? -10.525 -7.907  -16.389 1.00 14.07 ? 30 PHE D CE1 1 
ATOM   1524 C CE2 . PHE D 1 30 ? -9.886  -8.888  -14.307 1.00 17.73 ? 30 PHE D CE2 1 
ATOM   1525 C CZ  . PHE D 1 30 ? -10.756 -8.122  -15.042 1.00 12.18 ? 30 PHE D CZ  1 
ATOM   1526 N N   . CYS D 1 31 ? -6.738  -8.216  -19.317 1.00 14.52 ? 31 CYS D N   1 
ATOM   1527 C CA  . CYS D 1 31 ? -6.989  -7.299  -20.400 1.00 15.43 ? 31 CYS D CA  1 
ATOM   1528 C C   . CYS D 1 31 ? -8.321  -7.540  -21.014 1.00 14.64 ? 31 CYS D C   1 
ATOM   1529 O O   . CYS D 1 31 ? -8.888  -8.630  -20.948 1.00 13.46 ? 31 CYS D O   1 
ATOM   1530 C CB  . CYS D 1 31 ? -5.967  -7.508  -21.513 1.00 20.24 ? 31 CYS D CB  1 
ATOM   1531 S SG  . CYS D 1 31 ? -4.245  -7.202  -21.081 1.00 32.77 ? 31 CYS D SG  1 
ATOM   1532 N N   . LYS D 1 32 ? -8.756  -6.522  -21.723 1.00 16.10 ? 32 LYS D N   1 
ATOM   1533 C CA  . LYS D 1 32 ? -10.008 -6.550  -22.458 1.00 19.72 ? 32 LYS D CA  1 
ATOM   1534 C C   . LYS D 1 32 ? -9.957  -7.764  -23.417 1.00 19.98 ? 32 LYS D C   1 
ATOM   1535 O O   . LYS D 1 32 ? -8.891  -8.111  -23.942 1.00 22.62 ? 32 LYS D O   1 
ATOM   1536 C CB  . LYS D 1 32 ? -10.122 -5.221  -23.223 1.00 17.88 ? 32 LYS D CB  1 
ATOM   1537 C CG  . LYS D 1 32 ? -11.440 -4.907  -23.894 1.00 16.64 ? 32 LYS D CG  1 
ATOM   1538 C CD  . LYS D 1 32 ? -11.481 -3.421  -24.244 1.00 20.74 ? 32 LYS D CD  1 
ATOM   1539 C CE  . LYS D 1 32 ? -12.865 -2.979  -24.696 1.00 26.83 ? 32 LYS D CE  1 
ATOM   1540 N NZ  . LYS D 1 32 ? -13.355 -3.760  -25.882 1.00 32.41 ? 32 LYS D NZ  1 
ATOM   1541 N N   . GLY D 1 33 ? -11.077 -8.464  -23.552 1.00 20.51 ? 33 GLY D N   1 
ATOM   1542 C CA  . GLY D 1 33 ? -11.140 -9.607  -24.443 1.00 20.03 ? 33 GLY D CA  1 
ATOM   1543 C C   . GLY D 1 33 ? -10.627 -10.903 -23.869 1.00 19.75 ? 33 GLY D C   1 
ATOM   1544 O O   . GLY D 1 33 ? -10.805 -11.951 -24.485 1.00 22.53 ? 33 GLY D O   1 
ATOM   1545 N N   . ASP D 1 34 ? -9.958  -10.822 -22.721 1.00 21.07 ? 34 ASP D N   1 
ATOM   1546 C CA  . ASP D 1 34 ? -9.407  -11.986 -22.037 1.00 19.25 ? 34 ASP D CA  1 
ATOM   1547 C C   . ASP D 1 34 ? -10.519 -12.876 -21.587 1.00 19.91 ? 34 ASP D C   1 
ATOM   1548 O O   . ASP D 1 34 ? -11.575 -12.391 -21.178 1.00 20.50 ? 34 ASP D O   1 
ATOM   1549 C CB  . ASP D 1 34 ? -8.679  -11.565 -20.768 1.00 21.14 ? 34 ASP D CB  1 
ATOM   1550 C CG  . ASP D 1 34 ? -7.199  -11.296 -20.985 1.00 29.53 ? 34 ASP D CG  1 
ATOM   1551 O OD1 . ASP D 1 34 ? -6.815  -10.847 -22.094 1.00 33.22 ? 34 ASP D OD1 1 
ATOM   1552 O OD2 . ASP D 1 34 ? -6.413  -11.528 -20.024 1.00 31.56 ? 34 ASP D OD2 1 
ATOM   1553 N N   . VAL D 1 35 ? -10.287 -14.181 -21.627 1.00 19.71 ? 35 VAL D N   1 
ATOM   1554 C CA  . VAL D 1 35 ? -11.293 -15.103 -21.150 1.00 19.95 ? 35 VAL D CA  1 
ATOM   1555 C C   . VAL D 1 35 ? -10.834 -15.451 -19.774 1.00 19.48 ? 35 VAL D C   1 
ATOM   1556 O O   . VAL D 1 35 ? -9.653  -15.694 -19.559 1.00 20.69 ? 35 VAL D O   1 
ATOM   1557 C CB  . VAL D 1 35 ? -11.434 -16.373 -22.007 1.00 22.77 ? 35 VAL D CB  1 
ATOM   1558 C CG1 . VAL D 1 35 ? -12.203 -17.472 -21.223 1.00 23.88 ? 35 VAL D CG1 1 
ATOM   1559 C CG2 . VAL D 1 35 ? -12.196 -16.033 -23.264 1.00 20.23 ? 35 VAL D CG2 1 
ATOM   1560 N N   . LEU D 1 36 ? -11.783 -15.446 -18.846 1.00 20.00 ? 36 LEU D N   1 
ATOM   1561 C CA  . LEU D 1 36 ? -11.541 -15.730 -17.439 1.00 16.82 ? 36 LEU D CA  1 
ATOM   1562 C C   . LEU D 1 36 ? -12.585 -16.716 -16.992 1.00 16.01 ? 36 LEU D C   1 
ATOM   1563 O O   . LEU D 1 36 ? -13.635 -16.813 -17.609 1.00 16.07 ? 36 LEU D O   1 
ATOM   1564 C CB  . LEU D 1 36 ? -11.709 -14.442 -16.661 1.00 12.69 ? 36 LEU D CB  1 
ATOM   1565 C CG  . LEU D 1 36 ? -10.685 -13.469 -17.175 1.00 8.21  ? 36 LEU D CG  1 
ATOM   1566 C CD1 . LEU D 1 36 ? -11.179 -12.098 -17.062 1.00 6.94  ? 36 LEU D CD1 1 
ATOM   1567 C CD2 . LEU D 1 36 ? -9.421  -13.709 -16.401 1.00 9.93  ? 36 LEU D CD2 1 
ATOM   1568 N N   . THR D 1 37 ? -12.278 -17.493 -15.970 1.00 15.46 ? 37 THR D N   1 
ATOM   1569 C CA  . THR D 1 37 ? -13.255 -18.438 -15.474 1.00 18.39 ? 37 THR D CA  1 
ATOM   1570 C C   . THR D 1 37 ? -13.408 -18.177 -13.991 1.00 18.69 ? 37 THR D C   1 
ATOM   1571 O O   . THR D 1 37 ? -12.448 -18.329 -13.241 1.00 20.93 ? 37 THR D O   1 
ATOM   1572 C CB  . THR D 1 37 ? -12.875 -19.926 -15.769 1.00 18.14 ? 37 THR D CB  1 
ATOM   1573 O OG1 . THR D 1 37 ? -13.108 -20.738 -14.609 1.00 18.50 ? 37 THR D OG1 1 
ATOM   1574 C CG2 . THR D 1 37 ? -11.439 -20.052 -16.193 1.00 21.40 ? 37 THR D CG2 1 
ATOM   1575 N N   . ILE D 1 38 ? -14.593 -17.701 -13.603 1.00 19.20 ? 38 ILE D N   1 
ATOM   1576 C CA  . ILE D 1 38 ? -14.931 -17.379 -12.219 1.00 17.51 ? 38 ILE D CA  1 
ATOM   1577 C C   . ILE D 1 38 ? -14.859 -18.680 -11.449 1.00 17.46 ? 38 ILE D C   1 
ATOM   1578 O O   . ILE D 1 38 ? -15.694 -19.553 -11.600 1.00 19.08 ? 38 ILE D O   1 
ATOM   1579 C CB  . ILE D 1 38 ? -16.348 -16.736 -12.096 1.00 15.41 ? 38 ILE D CB  1 
ATOM   1580 C CG1 . ILE D 1 38 ? -16.471 -15.487 -12.983 1.00 9.79  ? 38 ILE D CG1 1 
ATOM   1581 C CG2 . ILE D 1 38 ? -16.654 -16.395 -10.653 1.00 16.06 ? 38 ILE D CG2 1 
ATOM   1582 C CD1 . ILE D 1 38 ? -15.302 -14.566 -12.926 1.00 10.82 ? 38 ILE D CD1 1 
ATOM   1583 N N   . VAL D 1 39 ? -13.789 -18.823 -10.691 1.00 17.71 ? 39 VAL D N   1 
ATOM   1584 C CA  . VAL D 1 39 ? -13.521 -20.013 -9.914  1.00 18.23 ? 39 VAL D CA  1 
ATOM   1585 C C   . VAL D 1 39 ? -14.280 -20.012 -8.592  1.00 19.46 ? 39 VAL D C   1 
ATOM   1586 O O   . VAL D 1 39 ? -14.635 -21.056 -8.068  1.00 21.01 ? 39 VAL D O   1 
ATOM   1587 C CB  . VAL D 1 39 ? -11.979 -20.139 -9.737  1.00 17.04 ? 39 VAL D CB  1 
ATOM   1588 C CG1 . VAL D 1 39 ? -11.574 -20.688 -8.385  1.00 17.72 ? 39 VAL D CG1 1 
ATOM   1589 C CG2 . VAL D 1 39 ? -11.431 -20.976 -10.843 1.00 14.41 ? 39 VAL D CG2 1 
ATOM   1590 N N   . ALA D 1 40 ? -14.555 -18.841 -8.046  1.00 21.00 ? 40 ALA D N   1 
ATOM   1591 C CA  . ALA D 1 40 ? -15.276 -18.792 -6.776  1.00 20.89 ? 40 ALA D CA  1 
ATOM   1592 C C   . ALA D 1 40 ? -15.875 -17.441 -6.473  1.00 20.21 ? 40 ALA D C   1 
ATOM   1593 O O   . ALA D 1 40 ? -15.601 -16.444 -7.133  1.00 21.51 ? 40 ALA D O   1 
ATOM   1594 C CB  . ALA D 1 40 ? -14.374 -19.227 -5.614  1.00 19.20 ? 40 ALA D CB  1 
ATOM   1595 N N   . VAL D 1 41 ? -16.644 -17.409 -5.410  1.00 20.04 ? 41 VAL D N   1 
ATOM   1596 C CA  . VAL D 1 41 ? -17.297 -16.204 -5.000  1.00 20.74 ? 41 VAL D CA  1 
ATOM   1597 C C   . VAL D 1 41 ? -16.533 -15.803 -3.728  1.00 22.62 ? 41 VAL D C   1 
ATOM   1598 O O   . VAL D 1 41 ? -15.946 -16.676 -3.096  1.00 25.10 ? 41 VAL D O   1 
ATOM   1599 C CB  . VAL D 1 41 ? -18.768 -16.557 -4.798  1.00 15.90 ? 41 VAL D CB  1 
ATOM   1600 C CG1 . VAL D 1 41 ? -19.128 -16.757 -3.333  1.00 17.33 ? 41 VAL D CG1 1 
ATOM   1601 C CG2 . VAL D 1 41 ? -19.608 -15.599 -5.531  1.00 18.80 ? 41 VAL D CG2 1 
ATOM   1602 N N   . THR D 1 42 ? -16.390 -14.508 -3.432  1.00 23.98 ? 42 THR D N   1 
ATOM   1603 C CA  . THR D 1 42 ? -15.670 -14.097 -2.214  1.00 22.55 ? 42 THR D CA  1 
ATOM   1604 C C   . THR D 1 42 ? -16.651 -13.535 -1.186  1.00 22.27 ? 42 THR D C   1 
ATOM   1605 O O   . THR D 1 42 ? -17.856 -13.652 -1.363  1.00 22.50 ? 42 THR D O   1 
ATOM   1606 C CB  . THR D 1 42 ? -14.529 -13.073 -2.494  1.00 19.89 ? 42 THR D CB  1 
ATOM   1607 O OG1 . THR D 1 42 ? -15.084 -11.806 -2.826  1.00 19.62 ? 42 THR D OG1 1 
ATOM   1608 C CG2 . THR D 1 42 ? -13.675 -13.524 -3.642  1.00 21.28 ? 42 THR D CG2 1 
ATOM   1609 N N   . LYS D 1 43 ? -16.147 -12.958 -0.101  1.00 22.46 ? 43 LYS D N   1 
ATOM   1610 C CA  . LYS D 1 43 ? -17.027 -12.401 0.924   1.00 25.79 ? 43 LYS D CA  1 
ATOM   1611 C C   . LYS D 1 43 ? -17.648 -11.059 0.539   1.00 24.64 ? 43 LYS D C   1 
ATOM   1612 O O   . LYS D 1 43 ? -18.524 -10.572 1.239   1.00 26.19 ? 43 LYS D O   1 
ATOM   1613 C CB  . LYS D 1 43 ? -16.340 -12.313 2.315   1.00 30.37 ? 43 LYS D CB  1 
ATOM   1614 C CG  . LYS D 1 43 ? -14.820 -12.004 2.322   1.00 37.49 ? 43 LYS D CG  1 
ATOM   1615 C CD  . LYS D 1 43 ? -13.930 -13.291 2.311   1.00 39.81 ? 43 LYS D CD  1 
ATOM   1616 C CE  . LYS D 1 43 ? -13.198 -13.539 0.966   1.00 35.42 ? 43 LYS D CE  1 
ATOM   1617 N NZ  . LYS D 1 43 ? -12.300 -14.729 1.025   1.00 30.33 ? 43 LYS D NZ  1 
ATOM   1618 N N   . ASP D 1 44 ? -17.258 -10.513 -0.613  1.00 24.63 ? 44 ASP D N   1 
ATOM   1619 C CA  . ASP D 1 44 ? -17.766 -9.232  -1.110  1.00 22.08 ? 44 ASP D CA  1 
ATOM   1620 C C   . ASP D 1 44 ? -18.321 -9.481  -2.515  1.00 22.09 ? 44 ASP D C   1 
ATOM   1621 O O   . ASP D 1 44 ? -17.562 -9.806  -3.416  1.00 24.88 ? 44 ASP D O   1 
ATOM   1622 C CB  . ASP D 1 44 ? -16.600 -8.257  -1.171  1.00 20.16 ? 44 ASP D CB  1 
ATOM   1623 C CG  . ASP D 1 44 ? -16.953 -6.942  -1.814  1.00 18.61 ? 44 ASP D CG  1 
ATOM   1624 O OD1 . ASP D 1 44 ? -18.048 -6.785  -2.374  1.00 20.11 ? 44 ASP D OD1 1 
ATOM   1625 O OD2 . ASP D 1 44 ? -16.104 -6.037  -1.764  1.00 27.01 ? 44 ASP D OD2 1 
ATOM   1626 N N   . PRO D 1 45 ? -19.619 -9.209  -2.749  1.00 20.92 ? 45 PRO D N   1 
ATOM   1627 C CA  . PRO D 1 45 ? -20.231 -9.435  -4.067  1.00 20.49 ? 45 PRO D CA  1 
ATOM   1628 C C   . PRO D 1 45 ? -19.618 -8.726  -5.283  1.00 20.57 ? 45 PRO D C   1 
ATOM   1629 O O   . PRO D 1 45 ? -19.925 -9.090  -6.416  1.00 23.90 ? 45 PRO D O   1 
ATOM   1630 C CB  . PRO D 1 45 ? -21.686 -9.013  -3.849  1.00 16.66 ? 45 PRO D CB  1 
ATOM   1631 C CG  . PRO D 1 45 ? -21.904 -9.273  -2.434  1.00 14.23 ? 45 PRO D CG  1 
ATOM   1632 C CD  . PRO D 1 45 ? -20.642 -8.764  -1.793  1.00 18.59 ? 45 PRO D CD  1 
ATOM   1633 N N   . ASN D 1 46 ? -18.788 -7.706  -5.076  1.00 19.23 ? 46 ASN D N   1 
ATOM   1634 C CA  . ASN D 1 46 ? -18.187 -6.998  -6.212  1.00 16.48 ? 46 ASN D CA  1 
ATOM   1635 C C   . ASN D 1 46 ? -16.858 -7.595  -6.640  1.00 14.57 ? 46 ASN D C   1 
ATOM   1636 O O   . ASN D 1 46 ? -16.193 -7.027  -7.494  1.00 13.54 ? 46 ASN D O   1 
ATOM   1637 C CB  . ASN D 1 46 ? -17.931 -5.522  -5.896  1.00 20.81 ? 46 ASN D CB  1 
ATOM   1638 C CG  . ASN D 1 46 ? -19.196 -4.758  -5.463  1.00 23.19 ? 46 ASN D CG  1 
ATOM   1639 O OD1 . ASN D 1 46 ? -20.316 -5.036  -5.904  1.00 24.41 ? 46 ASN D OD1 1 
ATOM   1640 N ND2 . ASN D 1 46 ? -18.997 -3.770  -4.598  1.00 27.04 ? 46 ASN D ND2 1 
ATOM   1641 N N   . TRP D 1 47 ? -16.446 -8.689  -5.999  1.00 12.28 ? 47 TRP D N   1 
ATOM   1642 C CA  . TRP D 1 47 ? -15.188 -9.346  -6.302  1.00 10.22 ? 47 TRP D CA  1 
ATOM   1643 C C   . TRP D 1 47 ? -15.345 -10.849 -6.341  1.00 11.21 ? 47 TRP D C   1 
ATOM   1644 O O   . TRP D 1 47 ? -15.945 -11.449 -5.445  1.00 11.42 ? 47 TRP D O   1 
ATOM   1645 C CB  . TRP D 1 47 ? -14.140 -8.997  -5.250  1.00 7.93  ? 47 TRP D CB  1 
ATOM   1646 C CG  . TRP D 1 47 ? -13.839 -7.530  -5.176  1.00 9.18  ? 47 TRP D CG  1 
ATOM   1647 C CD1 . TRP D 1 47 ? -14.559 -6.564  -4.509  1.00 7.82  ? 47 TRP D CD1 1 
ATOM   1648 C CD2 . TRP D 1 47 ? -12.794 -6.840  -5.860  1.00 4.86  ? 47 TRP D CD2 1 
ATOM   1649 N NE1 . TRP D 1 47 ? -14.027 -5.321  -4.756  1.00 6.65  ? 47 TRP D NE1 1 
ATOM   1650 C CE2 . TRP D 1 47 ? -12.941 -5.463  -5.578  1.00 6.37  ? 47 TRP D CE2 1 
ATOM   1651 C CE3 . TRP D 1 47 ? -11.752 -7.248  -6.686  1.00 2.00  ? 47 TRP D CE3 1 
ATOM   1652 C CZ2 . TRP D 1 47 ? -12.074 -4.504  -6.099  1.00 7.58  ? 47 TRP D CZ2 1 
ATOM   1653 C CZ3 . TRP D 1 47 ? -10.896 -6.298  -7.198  1.00 4.28  ? 47 TRP D CZ3 1 
ATOM   1654 C CH2 . TRP D 1 47 ? -11.056 -4.948  -6.907  1.00 5.76  ? 47 TRP D CH2 1 
ATOM   1655 N N   . TYR D 1 48 ? -14.859 -11.464 -7.405  1.00 9.93  ? 48 TYR D N   1 
ATOM   1656 C CA  . TYR D 1 48 ? -14.912 -12.920 -7.497  1.00 14.32 ? 48 TYR D CA  1 
ATOM   1657 C C   . TYR D 1 48 ? -13.468 -13.395 -7.555  1.00 13.75 ? 48 TYR D C   1 
ATOM   1658 O O   . TYR D 1 48 ? -12.573 -12.585 -7.782  1.00 16.50 ? 48 TYR D O   1 
ATOM   1659 C CB  . TYR D 1 48 ? -15.571 -13.383 -8.790  1.00 12.94 ? 48 TYR D CB  1 
ATOM   1660 C CG  . TYR D 1 48 ? -16.950 -12.860 -9.060  1.00 13.86 ? 48 TYR D CG  1 
ATOM   1661 C CD1 . TYR D 1 48 ? -17.983 -13.001 -8.122  1.00 13.53 ? 48 TYR D CD1 1 
ATOM   1662 C CD2 . TYR D 1 48 ? -17.251 -12.297 -10.301 1.00 13.61 ? 48 TYR D CD2 1 
ATOM   1663 C CE1 . TYR D 1 48 ? -19.297 -12.594 -8.433  1.00 13.27 ? 48 TYR D CE1 1 
ATOM   1664 C CE2 . TYR D 1 48 ? -18.547 -11.897 -10.619 1.00 15.07 ? 48 TYR D CE2 1 
ATOM   1665 C CZ  . TYR D 1 48 ? -19.569 -12.049 -9.692  1.00 13.86 ? 48 TYR D CZ  1 
ATOM   1666 O OH  . TYR D 1 48 ? -20.858 -11.719 -10.075 1.00 17.39 ? 48 TYR D OH  1 
ATOM   1667 N N   . LYS D 1 49 ? -13.235 -14.676 -7.306  1.00 14.41 ? 49 LYS D N   1 
ATOM   1668 C CA  . LYS D 1 49 ? -11.891 -15.234 -7.431  1.00 15.67 ? 49 LYS D CA  1 
ATOM   1669 C C   . LYS D 1 49 ? -11.836 -15.832 -8.856  1.00 15.51 ? 49 LYS D C   1 
ATOM   1670 O O   . LYS D 1 49 ? -12.852 -16.326 -9.370  1.00 16.59 ? 49 LYS D O   1 
ATOM   1671 C CB  . LYS D 1 49 ? -11.653 -16.300 -6.379  1.00 17.78 ? 49 LYS D CB  1 
ATOM   1672 C CG  . LYS D 1 49 ? -10.202 -16.642 -6.229  1.00 25.18 ? 49 LYS D CG  1 
ATOM   1673 C CD  . LYS D 1 49 ? -9.846  -16.772 -4.758  1.00 32.66 ? 49 LYS D CD  1 
ATOM   1674 C CE  . LYS D 1 49 ? -8.309  -16.726 -4.528  1.00 40.03 ? 49 LYS D CE  1 
ATOM   1675 N NZ  . LYS D 1 49 ? -7.555  -15.436 -4.799  1.00 34.70 ? 49 LYS D NZ  1 
ATOM   1676 N N   . ALA D 1 50 ? -10.688 -15.793 -9.513  1.00 14.06 ? 50 ALA D N   1 
ATOM   1677 C CA  . ALA D 1 50 ? -10.649 -16.321 -10.869 1.00 15.45 ? 50 ALA D CA  1 
ATOM   1678 C C   . ALA D 1 50 ? -9.284  -16.750 -11.360 1.00 16.35 ? 50 ALA D C   1 
ATOM   1679 O O   . ALA D 1 50 ? -8.288  -16.474 -10.708 1.00 17.30 ? 50 ALA D O   1 
ATOM   1680 C CB  . ALA D 1 50 ? -11.256 -15.311 -11.832 1.00 14.19 ? 50 ALA D CB  1 
ATOM   1681 N N   . LYS D 1 51 ? -9.271  -17.471 -12.488 1.00 17.86 ? 51 LYS D N   1 
ATOM   1682 C CA  . LYS D 1 51 ? -8.051  -17.974 -13.147 1.00 18.86 ? 51 LYS D CA  1 
ATOM   1683 C C   . LYS D 1 51 ? -8.014  -17.570 -14.607 1.00 18.29 ? 51 LYS D C   1 
ATOM   1684 O O   . LYS D 1 51 ? -9.042  -17.568 -15.284 1.00 16.91 ? 51 LYS D O   1 
ATOM   1685 C CB  . LYS D 1 51 ? -7.989  -19.489 -13.134 1.00 18.34 ? 51 LYS D CB  1 
ATOM   1686 C CG  . LYS D 1 51 ? -8.054  -20.108 -11.785 1.00 30.21 ? 51 LYS D CG  1 
ATOM   1687 C CD  . LYS D 1 51 ? -7.732  -21.580 -11.870 1.00 38.65 ? 51 LYS D CD  1 
ATOM   1688 C CE  . LYS D 1 51 ? -8.804  -22.359 -12.619 1.00 45.64 ? 51 LYS D CE  1 
ATOM   1689 N NZ  . LYS D 1 51 ? -8.887  -22.076 -14.088 1.00 52.74 ? 51 LYS D NZ  1 
ATOM   1690 N N   . ASN D 1 52 ? -6.836  -17.190 -15.087 1.00 20.15 ? 52 ASN D N   1 
ATOM   1691 C CA  . ASN D 1 52 ? -6.713  -16.823 -16.480 1.00 20.21 ? 52 ASN D CA  1 
ATOM   1692 C C   . ASN D 1 52 ? -6.435  -18.114 -17.255 1.00 21.20 ? 52 ASN D C   1 
ATOM   1693 O O   . ASN D 1 52 ? -6.432  -19.196 -16.670 1.00 19.59 ? 52 ASN D O   1 
ATOM   1694 C CB  . ASN D 1 52 ? -5.694  -15.675 -16.705 1.00 18.50 ? 52 ASN D CB  1 
ATOM   1695 C CG  . ASN D 1 52 ? -4.280  -16.001 -16.237 1.00 18.69 ? 52 ASN D CG  1 
ATOM   1696 O OD1 . ASN D 1 52 ? -3.976  -17.119 -15.855 1.00 21.93 ? 52 ASN D OD1 1 
ATOM   1697 N ND2 . ASN D 1 52 ? -3.400  -15.013 -16.299 1.00 15.65 ? 52 ASN D ND2 1 
ATOM   1698 N N   . LYS D 1 53 ? -6.276  -18.019 -18.571 1.00 24.86 ? 53 LYS D N   1 
ATOM   1699 C CA  . LYS D 1 53 ? -6.044  -19.201 -19.423 1.00 26.97 ? 53 LYS D CA  1 
ATOM   1700 C C   . LYS D 1 53 ? -4.722  -19.885 -19.169 1.00 26.78 ? 53 LYS D C   1 
ATOM   1701 O O   . LYS D 1 53 ? -4.504  -21.023 -19.594 1.00 29.61 ? 53 LYS D O   1 
ATOM   1702 C CB  . LYS D 1 53 ? -6.164  -18.862 -20.925 1.00 27.96 ? 53 LYS D CB  1 
ATOM   1703 C CG  . LYS D 1 53 ? -4.972  -18.104 -21.539 1.00 38.19 ? 53 LYS D CG  1 
ATOM   1704 C CD  . LYS D 1 53 ? -4.750  -16.716 -20.903 1.00 49.73 ? 53 LYS D CD  1 
ATOM   1705 C CE  . LYS D 1 53 ? -5.952  -15.774 -21.120 1.00 51.45 ? 53 LYS D CE  1 
ATOM   1706 N NZ  . LYS D 1 53 ? -6.014  -14.707 -20.068 1.00 54.36 ? 53 LYS D NZ  1 
ATOM   1707 N N   . VAL D 1 54 ? -3.874  -19.234 -18.392 1.00 26.08 ? 54 VAL D N   1 
ATOM   1708 C CA  . VAL D 1 54 ? -2.570  -19.774 -18.131 1.00 22.96 ? 54 VAL D CA  1 
ATOM   1709 C C   . VAL D 1 54 ? -2.425  -20.375 -16.745 1.00 23.22 ? 54 VAL D C   1 
ATOM   1710 O O   . VAL D 1 54 ? -1.367  -20.876 -16.395 1.00 26.11 ? 54 VAL D O   1 
ATOM   1711 C CB  . VAL D 1 54 ? -1.543  -18.700 -18.439 1.00 24.00 ? 54 VAL D CB  1 
ATOM   1712 C CG1 . VAL D 1 54 ? -0.920  -18.140 -17.182 1.00 20.21 ? 54 VAL D CG1 1 
ATOM   1713 C CG2 . VAL D 1 54 ? -0.560  -19.218 -19.443 1.00 20.68 ? 54 VAL D CG2 1 
ATOM   1714 N N   . GLY D 1 55 ? -3.491  -20.332 -15.954 1.00 23.10 ? 55 GLY D N   1 
ATOM   1715 C CA  . GLY D 1 55 ? -3.447  -20.931 -14.628 1.00 20.77 ? 55 GLY D CA  1 
ATOM   1716 C C   . GLY D 1 55 ? -3.387  -20.008 -13.438 1.00 19.45 ? 55 GLY D C   1 
ATOM   1717 O O   . GLY D 1 55 ? -3.681  -20.414 -12.313 1.00 19.50 ? 55 GLY D O   1 
ATOM   1718 N N   . ARG D 1 56 ? -3.010  -18.764 -13.694 1.00 19.14 ? 56 ARG D N   1 
ATOM   1719 C CA  . ARG D 1 56 ? -2.893  -17.757 -12.660 1.00 16.78 ? 56 ARG D CA  1 
ATOM   1720 C C   . ARG D 1 56 ? -4.251  -17.420 -12.041 1.00 17.28 ? 56 ARG D C   1 
ATOM   1721 O O   . ARG D 1 56 ? -5.234  -17.183 -12.761 1.00 16.95 ? 56 ARG D O   1 
ATOM   1722 C CB  . ARG D 1 56 ? -2.236  -16.506 -13.222 1.00 13.16 ? 56 ARG D CB  1 
ATOM   1723 C CG  . ARG D 1 56 ? -1.747  -15.641 -12.129 1.00 11.13 ? 56 ARG D CG  1 
ATOM   1724 C CD  . ARG D 1 56 ? -0.924  -14.533 -12.613 1.00 4.96  ? 56 ARG D CD  1 
ATOM   1725 N NE  . ARG D 1 56 ? -0.754  -13.610 -11.501 1.00 23.62 ? 56 ARG D NE  1 
ATOM   1726 C CZ  . ARG D 1 56 ? 0.004   -12.522 -11.532 1.00 27.17 ? 56 ARG D CZ  1 
ATOM   1727 N NH1 . ARG D 1 56 ? 0.688   -12.207 -12.631 1.00 34.42 ? 56 ARG D NH1 1 
ATOM   1728 N NH2 . ARG D 1 56 ? 0.049   -11.729 -10.466 1.00 30.94 ? 56 ARG D NH2 1 
ATOM   1729 N N   . GLU D 1 57 ? -4.279  -17.377 -10.708 1.00 16.07 ? 57 GLU D N   1 
ATOM   1730 C CA  . GLU D 1 57 ? -5.494  -17.115 -9.945  1.00 14.45 ? 57 GLU D CA  1 
ATOM   1731 C C   . GLU D 1 57 ? -5.462  -15.837 -9.125  1.00 13.35 ? 57 GLU D C   1 
ATOM   1732 O O   . GLU D 1 57 ? -4.418  -15.438 -8.624  1.00 14.18 ? 57 GLU D O   1 
ATOM   1733 C CB  . GLU D 1 57 ? -5.750  -18.260 -9.013  1.00 14.24 ? 57 GLU D CB  1 
ATOM   1734 C CG  . GLU D 1 57 ? -7.114  -18.212 -8.468  1.00 23.30 ? 57 GLU D CG  1 
ATOM   1735 C CD  . GLU D 1 57 ? -7.590  -19.565 -8.090  1.00 28.40 ? 57 GLU D CD  1 
ATOM   1736 O OE1 . GLU D 1 57 ? -7.177  -20.545 -8.745  1.00 31.49 ? 57 GLU D OE1 1 
ATOM   1737 O OE2 . GLU D 1 57 ? -8.394  -19.649 -7.145  1.00 38.46 ? 57 GLU D OE2 1 
ATOM   1738 N N   . GLY D 1 58 ? -6.617  -15.209 -8.963  1.00 12.42 ? 58 GLY D N   1 
ATOM   1739 C CA  . GLY D 1 58 ? -6.665  -13.980 -8.205  1.00 12.33 ? 58 GLY D CA  1 
ATOM   1740 C C   . GLY D 1 58 ? -8.037  -13.375 -8.168  1.00 11.12 ? 58 GLY D C   1 
ATOM   1741 O O   . GLY D 1 58 ? -8.943  -13.902 -8.777  1.00 9.55  ? 58 GLY D O   1 
ATOM   1742 N N   . ILE D 1 59 ? -8.172  -12.276 -7.433  1.00 13.01 ? 59 ILE D N   1 
ATOM   1743 C CA  . ILE D 1 59 ? -9.432  -11.552 -7.259  1.00 12.72 ? 59 ILE D CA  1 
ATOM   1744 C C   . ILE D 1 59 ? -9.635  -10.560 -8.425  1.00 12.76 ? 59 ILE D C   1 
ATOM   1745 O O   . ILE D 1 59 ? -8.687  -9.951  -8.932  1.00 12.72 ? 59 ILE D O   1 
ATOM   1746 C CB  . ILE D 1 59 ? -9.464  -10.882 -5.805  1.00 14.93 ? 59 ILE D CB  1 
ATOM   1747 C CG1 . ILE D 1 59 ? -10.225 -11.753 -4.814  1.00 14.94 ? 59 ILE D CG1 1 
ATOM   1748 C CG2 . ILE D 1 59 ? -10.168 -9.586  -5.775  1.00 16.23 ? 59 ILE D CG2 1 
ATOM   1749 C CD1 . ILE D 1 59 ? -9.517  -13.009 -4.442  1.00 22.43 ? 59 ILE D CD1 1 
ATOM   1750 N N   . ILE D 1 60 ? -10.868 -10.459 -8.899  1.00 12.13 ? 60 ILE D N   1 
ATOM   1751 C CA  . ILE D 1 60 ? -11.194 -9.575  -10.006 1.00 10.60 ? 60 ILE D CA  1 
ATOM   1752 C C   . ILE D 1 60 ? -12.574 -8.915  -9.701  1.00 11.53 ? 60 ILE D C   1 
ATOM   1753 O O   . ILE D 1 60 ? -13.385 -9.465  -8.940  1.00 8.82  ? 60 ILE D O   1 
ATOM   1754 C CB  . ILE D 1 60 ? -11.287 -10.379 -11.382 1.00 12.86 ? 60 ILE D CB  1 
ATOM   1755 C CG1 . ILE D 1 60 ? -12.439 -11.395 -11.348 1.00 6.46  ? 60 ILE D CG1 1 
ATOM   1756 C CG2 . ILE D 1 60 ? -9.982  -11.093 -11.702 1.00 8.05  ? 60 ILE D CG2 1 
ATOM   1757 C CD1 . ILE D 1 60 ? -12.806 -11.958 -12.715 1.00 9.52  ? 60 ILE D CD1 1 
ATOM   1758 N N   . PRO D 1 61 ? -12.858 -7.732  -10.293 1.00 10.50 ? 61 PRO D N   1 
ATOM   1759 C CA  . PRO D 1 61 ? -14.155 -7.132  -9.995  1.00 10.11 ? 61 PRO D CA  1 
ATOM   1760 C C   . PRO D 1 61 ? -15.258 -7.775  -10.813 1.00 11.44 ? 61 PRO D C   1 
ATOM   1761 O O   . PRO D 1 61 ? -15.137 -7.956  -12.027 1.00 10.88 ? 61 PRO D O   1 
ATOM   1762 C CB  . PRO D 1 61 ? -13.980 -5.667  -10.421 1.00 9.87  ? 61 PRO D CB  1 
ATOM   1763 C CG  . PRO D 1 61 ? -12.512 -5.509  -10.773 1.00 10.41 ? 61 PRO D CG  1 
ATOM   1764 C CD  . PRO D 1 61 ? -12.086 -6.873  -11.207 1.00 6.48  ? 61 PRO D CD  1 
ATOM   1765 N N   . ALA D 1 62 ? -16.363 -8.070  -10.149 1.00 13.33 ? 62 ALA D N   1 
ATOM   1766 C CA  . ALA D 1 62 ? -17.522 -8.639  -10.809 1.00 16.11 ? 62 ALA D CA  1 
ATOM   1767 C C   . ALA D 1 62 ? -17.910 -7.682  -11.929 1.00 16.82 ? 62 ALA D C   1 
ATOM   1768 O O   . ALA D 1 62 ? -18.331 -8.094  -12.992 1.00 20.51 ? 62 ALA D O   1 
ATOM   1769 C CB  . ALA D 1 62 ? -18.650 -8.781  -9.825  1.00 13.27 ? 62 ALA D CB  1 
ATOM   1770 N N   . ASN D 1 63 ? -17.639 -6.408  -11.716 1.00 19.85 ? 63 ASN D N   1 
ATOM   1771 C CA  . ASN D 1 63 ? -17.957 -5.364  -12.680 1.00 21.23 ? 63 ASN D CA  1 
ATOM   1772 C C   . ASN D 1 63 ? -17.216 -5.299  -13.981 1.00 21.86 ? 63 ASN D C   1 
ATOM   1773 O O   . ASN D 1 63 ? -17.748 -4.768  -14.947 1.00 21.85 ? 63 ASN D O   1 
ATOM   1774 C CB  . ASN D 1 63 ? -17.797 -4.011  -12.031 1.00 26.45 ? 63 ASN D CB  1 
ATOM   1775 C CG  . ASN D 1 63 ? -19.096 -3.335  -11.826 1.00 32.75 ? 63 ASN D CG  1 
ATOM   1776 O OD1 . ASN D 1 63 ? -19.359 -2.299  -12.434 1.00 43.05 ? 63 ASN D OD1 1 
ATOM   1777 N ND2 . ASN D 1 63 ? -19.945 -3.914  -10.965 1.00 42.36 ? 63 ASN D ND2 1 
ATOM   1778 N N   . TYR D 1 64 ? -15.956 -5.723  -13.994 1.00 22.36 ? 64 TYR D N   1 
ATOM   1779 C CA  . TYR D 1 64 ? -15.174 -5.649  -15.216 1.00 22.30 ? 64 TYR D CA  1 
ATOM   1780 C C   . TYR D 1 64 ? -15.395 -6.799  -16.147 1.00 24.36 ? 64 TYR D C   1 
ATOM   1781 O O   . TYR D 1 64 ? -14.935 -6.764  -17.278 1.00 23.72 ? 64 TYR D O   1 
ATOM   1782 C CB  . TYR D 1 64 ? -13.706 -5.602  -14.907 1.00 17.39 ? 64 TYR D CB  1 
ATOM   1783 C CG  . TYR D 1 64 ? -13.213 -4.243  -14.551 1.00 15.72 ? 64 TYR D CG  1 
ATOM   1784 C CD1 . TYR D 1 64 ? -13.872 -3.459  -13.616 1.00 14.15 ? 64 TYR D CD1 1 
ATOM   1785 C CD2 . TYR D 1 64 ? -12.032 -3.774  -15.079 1.00 9.71  ? 64 TYR D CD2 1 
ATOM   1786 C CE1 . TYR D 1 64 ? -13.344 -2.241  -13.210 1.00 16.27 ? 64 TYR D CE1 1 
ATOM   1787 C CE2 . TYR D 1 64 ? -11.502 -2.570  -14.688 1.00 13.68 ? 64 TYR D CE2 1 
ATOM   1788 C CZ  . TYR D 1 64 ? -12.152 -1.804  -13.756 1.00 14.41 ? 64 TYR D CZ  1 
ATOM   1789 O OH  . TYR D 1 64 ? -11.599 -0.595  -13.408 1.00 23.37 ? 64 TYR D OH  1 
ATOM   1790 N N   . VAL D 1 65 ? -16.201 -7.755  -15.720 1.00 26.74 ? 65 VAL D N   1 
ATOM   1791 C CA  . VAL D 1 65 ? -16.409 -8.950  -16.500 1.00 29.94 ? 65 VAL D CA  1 
ATOM   1792 C C   . VAL D 1 65 ? -17.854 -9.204  -16.976 1.00 33.55 ? 65 VAL D C   1 
ATOM   1793 O O   . VAL D 1 65 ? -18.813 -8.695  -16.401 1.00 34.83 ? 65 VAL D O   1 
ATOM   1794 C CB  . VAL D 1 65 ? -15.871 -10.121 -15.671 1.00 26.40 ? 65 VAL D CB  1 
ATOM   1795 C CG1 . VAL D 1 65 ? -16.933 -10.643 -14.699 1.00 26.01 ? 65 VAL D CG1 1 
ATOM   1796 C CG2 . VAL D 1 65 ? -15.281 -11.150 -16.548 1.00 28.17 ? 65 VAL D CG2 1 
ATOM   1797 N N   . GLN D 1 66 ? -17.999 -9.987  -18.041 1.00 36.72 ? 66 GLN D N   1 
ATOM   1798 C CA  . GLN D 1 66 ? -19.305 -10.306 -18.586 1.00 39.01 ? 66 GLN D CA  1 
ATOM   1799 C C   . GLN D 1 66 ? -19.467 -11.785 -18.814 1.00 40.11 ? 66 GLN D C   1 
ATOM   1800 O O   . GLN D 1 66 ? -18.649 -12.402 -19.476 1.00 39.33 ? 66 GLN D O   1 
ATOM   1801 C CB  . GLN D 1 66 ? -19.524 -9.589  -19.907 1.00 42.36 ? 66 GLN D CB  1 
ATOM   1802 C CG  . GLN D 1 66 ? -20.763 -10.068 -20.620 1.00 53.97 ? 66 GLN D CG  1 
ATOM   1803 C CD  . GLN D 1 66 ? -21.080 -9.259  -21.851 1.00 62.04 ? 66 GLN D CD  1 
ATOM   1804 O OE1 . GLN D 1 66 ? -22.077 -8.533  -21.889 1.00 66.44 ? 66 GLN D OE1 1 
ATOM   1805 N NE2 . GLN D 1 66 ? -20.235 -9.374  -22.872 1.00 66.43 ? 66 GLN D NE2 1 
ATOM   1806 N N   . LYS D 1 67 ? -20.553 -12.327 -18.277 1.00 43.32 ? 67 LYS D N   1 
ATOM   1807 C CA  . LYS D 1 67 ? -20.899 -13.742 -18.395 1.00 47.55 ? 67 LYS D CA  1 
ATOM   1808 C C   . LYS D 1 67 ? -20.902 -14.217 -19.859 1.00 49.81 ? 67 LYS D C   1 
ATOM   1809 O O   . LYS D 1 67 ? -20.921 -13.402 -20.791 1.00 49.33 ? 67 LYS D O   1 
ATOM   1810 C CB  . LYS D 1 67 ? -22.287 -13.979 -17.778 1.00 47.95 ? 67 LYS D CB  1 
ATOM   1811 C CG  . LYS D 1 67 ? -22.722 -15.435 -17.649 1.00 44.25 ? 67 LYS D CG  1 
ATOM   1812 C CD  . LYS D 1 67 ? -22.153 -16.064 -16.399 1.00 40.95 ? 67 LYS D CD  1 
ATOM   1813 C CE  . LYS D 1 67 ? -22.876 -17.367 -16.056 1.00 44.19 ? 67 LYS D CE  1 
ATOM   1814 N NZ  . LYS D 1 67 ? -24.316 -17.199 -15.672 1.00 38.93 ? 67 LYS D NZ  1 
ATOM   1815 N N   . ARG D 1 68 ? -20.835 -15.543 -20.024 1.00 53.64 ? 68 ARG D N   1 
ATOM   1816 C CA  . ARG D 1 68 ? -20.833 -16.250 -21.320 1.00 56.52 ? 68 ARG D CA  1 
ATOM   1817 C C   . ARG D 1 68 ? -19.713 -15.819 -22.276 1.00 55.66 ? 68 ARG D C   1 
ATOM   1818 C CB  . ARG D 1 68 ? -22.214 -16.129 -22.002 1.00 62.34 ? 68 ARG D CB  1 
ATOM   1819 C CG  . ARG D 1 68 ? -22.692 -17.374 -22.760 1.00 67.89 ? 68 ARG D CG  1 
ATOM   1820 C CD  . ARG D 1 68 ? -24.023 -17.913 -22.208 1.00 75.63 ? 68 ARG D CD  1 
ATOM   1821 N NE  . ARG D 1 68 ? -23.906 -18.471 -20.855 1.00 81.48 ? 68 ARG D NE  1 
ATOM   1822 C CZ  . ARG D 1 68 ? -24.641 -19.478 -20.382 1.00 83.43 ? 68 ARG D CZ  1 
ATOM   1823 N NH1 . ARG D 1 68 ? -25.567 -20.060 -21.139 1.00 85.63 ? 68 ARG D NH1 1 
ATOM   1824 N NH2 . ARG D 1 68 ? -24.434 -19.927 -19.151 1.00 84.84 ? 68 ARG D NH2 1 
HETATM 1825 O O   . HOH E 2 .  ? -10.215 0.324   -20.527 1.00 25.95 ? 72 HOH A O   1 
HETATM 1826 O O   . HOH E 2 .  ? -20.584 6.358   -13.518 1.00 25.89 ? 73 HOH A O   1 
HETATM 1827 O O   . HOH E 2 .  ? -5.837  1.441   -19.455 1.00 28.27 ? 74 HOH A O   1 
HETATM 1828 O O   . HOH F 2 .  ? 5.738   -1.627  19.579  1.00 6.52  ? 72 HOH C O   1 
HETATM 1829 O O   . HOH F 2 .  ? 5.148   -3.381  -0.823  1.00 27.73 ? 73 HOH C O   1 
HETATM 1830 O O   . HOH F 2 .  ? 27.281  -6.655  2.842   1.00 17.49 ? 74 HOH C O   1 
HETATM 1831 O O   . HOH F 2 .  ? 10.234  -0.457  20.779  1.00 22.14 ? 75 HOH C O   1 
HETATM 1832 O O   . HOH G 2 .  ? -9.306  -0.594  -14.881 1.00 23.45 ? 72 HOH D O   1 
# 
